data_5F4W
#
_entry.id   5F4W
#
_cell.length_a   63.955
_cell.length_b   107.373
_cell.length_c   237.730
_cell.angle_alpha   90.00
_cell.angle_beta   90.00
_cell.angle_gamma   90.00
#
_symmetry.space_group_name_H-M   'P 21 21 21'
#
loop_
_entity.id
_entity.type
_entity.pdbx_description
1 polymer 'Tagatose 1,6-diphosphate aldolase 2'
2 non-polymer 1,6-di-O-phosphono-D-tagatose
3 non-polymer 'CHLORIDE ION'
4 non-polymer 1,3-DIHYDROXYACETONEPHOSPHATE
5 non-polymer 'CALCIUM ION'
6 water water
#
_entity_poly.entity_id   1
_entity_poly.type   'polypeptide(L)'
_entity_poly.pdbx_seq_one_letter_code
;MTITLTENKRKSMEKLSVDGVISALAFDQRGALKRMMAQHQTKEPTVEQIEELKSLVSEELTPFASSILLDPEYGLPASR
VRSEEAGLLLAYEKTGYDATTTSRLPDCLDVWSAKRIKEAGAEAVKFLLYYDIDGDQDVNEQKKAYIERIGSECRAEDIP
FYLEILTYDEKIADNASPEFAKVKAHKVNEAMKVFSKERFGVDVLKVEVPVNMKFVEGFADGEVLFTKEEAAQAFRDQEA
STDLPYIYLSAGVSAKLFQDTLVFAAESGAKFNGVLCGRATWAGSVKVYIEEGPQAAREWLRTEGFKNIDELNKVLDKTA
SPWTEKM
;
_entity_poly.pdbx_strand_id   A,B,C,D
#
# COMPACT_ATOMS: atom_id res chain seq x y z
N ILE A 3 9.87 14.54 12.62
CA ILE A 3 9.99 15.74 11.81
C ILE A 3 10.22 16.97 12.67
N THR A 4 9.40 17.17 13.69
CA THR A 4 9.58 18.30 14.57
C THR A 4 10.20 17.83 15.87
N LEU A 5 11.43 18.21 16.13
CA LEU A 5 12.05 17.87 17.40
C LEU A 5 11.59 18.78 18.51
N THR A 6 11.39 18.22 19.68
CA THR A 6 11.17 19.01 20.86
C THR A 6 12.47 19.68 21.24
N GLU A 7 12.40 20.68 22.08
CA GLU A 7 13.56 21.43 22.47
C GLU A 7 14.58 20.50 23.10
N ASN A 8 14.17 19.61 23.98
CA ASN A 8 15.10 18.69 24.61
C ASN A 8 15.70 17.64 23.69
N LYS A 9 14.88 17.12 22.79
CA LYS A 9 15.37 16.17 21.81
C LYS A 9 16.39 16.81 20.88
N ARG A 10 16.14 18.04 20.50
CA ARG A 10 17.05 18.78 19.68
C ARG A 10 18.37 19.05 20.40
N LYS A 11 18.30 19.47 21.65
CA LYS A 11 19.54 19.69 22.42
C LYS A 11 20.36 18.39 22.49
N SER A 12 19.69 17.26 22.70
CA SER A 12 20.38 15.98 22.70
C SER A 12 20.99 15.61 21.35
N MET A 13 20.25 15.82 20.29
CA MET A 13 20.77 15.55 18.94
C MET A 13 22.03 16.38 18.72
N GLU A 14 21.99 17.63 19.18
CA GLU A 14 23.15 18.50 19.05
C GLU A 14 24.35 17.95 19.80
N LYS A 15 24.11 17.33 20.96
CA LYS A 15 25.22 16.80 21.76
C LYS A 15 25.84 15.55 21.13
N LEU A 16 25.11 14.93 20.23
CA LEU A 16 25.52 13.69 19.56
C LEU A 16 26.25 13.94 18.23
N SER A 17 26.22 15.17 17.77
CA SER A 17 26.61 15.48 16.40
C SER A 17 27.43 16.79 16.33
N VAL A 18 28.09 17.06 15.18
CA VAL A 18 28.79 18.32 14.94
C VAL A 18 28.35 18.86 13.57
N ASP A 19 27.84 20.09 13.57
CA ASP A 19 27.31 20.76 12.36
C ASP A 19 26.33 19.82 11.62
N GLY A 20 25.48 19.17 12.39
CA GLY A 20 24.43 18.33 11.84
C GLY A 20 24.90 16.96 11.38
N VAL A 21 26.17 16.61 11.63
CA VAL A 21 26.66 15.30 11.20
C VAL A 21 27.01 14.46 12.40
N ILE A 22 26.55 13.21 12.34
CA ILE A 22 26.77 12.25 13.41
C ILE A 22 28.01 11.41 13.10
N SER A 23 29.09 11.66 13.83
CA SER A 23 30.32 10.90 13.59
C SER A 23 30.54 10.03 14.81
N ALA A 24 29.64 9.07 14.97
CA ALA A 24 29.59 8.31 16.23
C ALA A 24 30.35 7.01 16.18
N LEU A 25 30.95 6.69 17.31
CA LEU A 25 31.72 5.48 17.51
C LEU A 25 30.80 4.46 18.18
N ALA A 26 30.70 3.27 17.61
CA ALA A 26 29.79 2.24 18.11
C ALA A 26 30.60 1.22 18.87
N PHE A 27 30.30 1.04 20.15
CA PHE A 27 30.96 -0.04 20.86
C PHE A 27 30.05 -0.58 21.96
N ASP A 28 28.84 -0.95 21.56
CA ASP A 28 27.90 -1.62 22.45
C ASP A 28 27.91 -3.12 22.21
N GLN A 29 28.85 -3.57 21.38
CA GLN A 29 28.98 -5.00 21.08
C GLN A 29 29.22 -5.82 22.34
N ARG A 30 28.54 -6.96 22.41
CA ARG A 30 28.65 -7.85 23.56
C ARG A 30 28.95 -9.26 23.06
N GLY A 31 27.91 -9.93 22.56
CA GLY A 31 28.08 -11.25 21.96
C GLY A 31 29.06 -11.23 20.79
N ALA A 32 28.92 -10.24 19.93
CA ALA A 32 29.83 -10.12 18.80
C ALA A 32 31.27 -9.86 19.26
N LEU A 33 31.44 -9.19 20.40
CA LEU A 33 32.79 -8.88 20.90
C LEU A 33 33.39 -10.13 21.51
N LYS A 34 32.56 -10.84 22.27
CA LYS A 34 32.99 -12.04 22.97
C LYS A 34 33.57 -13.05 21.98
N ARG A 35 32.87 -13.24 20.87
CA ARG A 35 33.29 -14.16 19.83
C ARG A 35 34.61 -13.74 19.15
N MET A 36 34.82 -12.43 18.98
CA MET A 36 36.11 -11.93 18.48
C MET A 36 37.23 -12.25 19.46
N MET A 37 37.00 -11.97 20.74
CA MET A 37 37.96 -12.28 21.78
C MET A 37 38.25 -13.77 21.86
N ALA A 38 37.22 -14.59 21.64
CA ALA A 38 37.37 -16.04 21.76
C ALA A 38 38.25 -16.63 20.64
N GLN A 39 38.60 -15.82 19.64
CA GLN A 39 39.46 -16.27 18.55
C GLN A 39 40.95 -16.14 18.89
N HIS A 40 41.25 -15.55 20.04
CA HIS A 40 42.63 -15.34 20.48
C HIS A 40 42.84 -15.82 21.90
N GLN A 41 41.74 -16.19 22.54
CA GLN A 41 41.70 -16.49 23.96
C GLN A 41 41.28 -17.95 24.15
N THR A 42 42.02 -18.68 24.97
CA THR A 42 41.65 -20.05 25.31
C THR A 42 40.57 -20.04 26.39
N LYS A 43 40.80 -19.26 27.44
CA LYS A 43 39.83 -19.12 28.51
C LYS A 43 38.66 -18.25 28.07
N GLU A 44 37.60 -18.25 28.86
CA GLU A 44 36.47 -17.39 28.64
C GLU A 44 36.85 -15.95 28.96
N PRO A 45 36.54 -14.99 28.07
CA PRO A 45 36.89 -13.61 28.44
C PRO A 45 36.08 -13.14 29.64
N THR A 46 36.74 -12.40 30.53
CA THR A 46 36.13 -11.99 31.79
C THR A 46 35.35 -10.71 31.65
N VAL A 47 34.72 -10.30 32.75
CA VAL A 47 33.94 -9.07 32.76
C VAL A 47 34.92 -7.92 32.78
N GLU A 48 36.01 -8.09 33.49
CA GLU A 48 37.01 -7.03 33.62
C GLU A 48 37.65 -6.73 32.25
N GLN A 49 38.01 -7.79 31.52
CA GLN A 49 38.53 -7.65 30.17
C GLN A 49 37.57 -6.94 29.23
N ILE A 50 36.30 -7.32 29.26
CA ILE A 50 35.32 -6.68 28.40
C ILE A 50 35.16 -5.21 28.79
N GLU A 51 35.11 -4.93 30.08
CA GLU A 51 34.92 -3.55 30.52
C GLU A 51 36.14 -2.70 30.22
N GLU A 52 37.33 -3.28 30.37
CA GLU A 52 38.59 -2.56 30.14
C GLU A 52 38.75 -2.15 28.68
N LEU A 53 38.62 -3.08 27.75
CA LEU A 53 38.76 -2.75 26.32
C LEU A 53 37.75 -1.69 25.92
N LYS A 54 36.53 -1.79 26.45
CA LYS A 54 35.53 -0.76 26.19
C LYS A 54 36.01 0.61 26.71
N SER A 55 36.57 0.64 27.91
CA SER A 55 37.06 1.90 28.44
C SER A 55 38.25 2.41 27.64
N LEU A 56 39.09 1.50 27.18
CA LEU A 56 40.26 1.91 26.39
C LEU A 56 39.83 2.54 25.06
N VAL A 57 38.84 1.95 24.41
CA VAL A 57 38.37 2.52 23.15
C VAL A 57 37.76 3.90 23.46
N SER A 58 37.02 4.00 24.56
CA SER A 58 36.34 5.24 24.90
C SER A 58 37.34 6.36 25.17
N GLU A 59 38.28 6.10 26.05
CA GLU A 59 39.32 7.07 26.38
C GLU A 59 40.11 7.59 25.18
N GLU A 60 40.56 6.68 24.33
CA GLU A 60 41.50 7.02 23.27
C GLU A 60 40.82 7.58 22.02
N LEU A 61 39.59 7.13 21.72
CA LEU A 61 39.00 7.49 20.44
C LEU A 61 37.84 8.49 20.53
N THR A 62 37.22 8.70 21.69
CA THR A 62 36.10 9.64 21.66
C THR A 62 36.51 11.11 21.49
N PRO A 63 37.81 11.44 21.69
CA PRO A 63 38.20 12.81 21.32
C PRO A 63 37.97 13.08 19.82
N PHE A 64 37.75 12.03 19.05
CA PHE A 64 37.65 12.15 17.60
C PHE A 64 36.27 11.78 17.08
N ALA A 65 35.28 11.60 17.98
CA ALA A 65 33.91 11.28 17.58
C ALA A 65 32.97 12.27 18.20
N SER A 66 31.83 12.47 17.56
CA SER A 66 30.86 13.40 18.09
C SER A 66 30.09 12.75 19.26
N SER A 67 30.12 11.42 19.33
CA SER A 67 29.44 10.66 20.39
C SER A 67 29.89 9.21 20.36
N ILE A 68 29.56 8.47 21.41
CA ILE A 68 29.87 7.07 21.47
C ILE A 68 28.65 6.30 21.95
N LEU A 69 28.44 5.15 21.33
CA LEU A 69 27.36 4.24 21.72
C LEU A 69 27.94 3.11 22.53
N LEU A 70 27.41 2.93 23.73
CA LEU A 70 27.87 1.90 24.64
C LEU A 70 26.68 1.08 25.14
N ASP A 71 26.94 -0.10 25.68
CA ASP A 71 25.92 -0.94 26.30
C ASP A 71 25.91 -0.73 27.84
N PRO A 72 24.73 -0.80 28.45
CA PRO A 72 24.70 -0.69 29.91
C PRO A 72 25.34 -1.85 30.64
N GLU A 73 25.45 -3.00 29.99
CA GLU A 73 25.96 -4.18 30.69
C GLU A 73 27.43 -4.04 31.10
N TYR A 74 28.28 -3.63 30.16
CA TYR A 74 29.72 -3.54 30.37
C TYR A 74 30.28 -2.17 30.11
N GLY A 75 29.47 -1.27 29.62
CA GLY A 75 29.95 -0.01 29.09
C GLY A 75 29.79 1.21 29.96
N LEU A 76 29.24 1.08 31.17
CA LEU A 76 29.00 2.29 31.93
C LEU A 76 30.32 2.91 32.44
N PRO A 77 31.32 2.09 32.83
CA PRO A 77 32.57 2.75 33.22
C PRO A 77 33.17 3.49 32.01
N ALA A 78 33.14 2.84 30.85
CA ALA A 78 33.60 3.47 29.63
C ALA A 78 32.84 4.78 29.33
N SER A 79 31.54 4.83 29.64
CA SER A 79 30.77 6.05 29.34
C SER A 79 31.26 7.24 30.15
N ARG A 80 31.78 6.97 31.35
CA ARG A 80 32.20 8.04 32.24
C ARG A 80 33.60 8.59 31.94
N VAL A 81 34.40 7.91 31.12
CA VAL A 81 35.73 8.43 30.76
C VAL A 81 35.80 8.90 29.29
N ARG A 82 34.66 9.05 28.65
CA ARG A 82 34.59 9.59 27.31
C ARG A 82 34.99 11.07 27.34
N SER A 83 35.51 11.54 26.22
CA SER A 83 35.77 12.97 26.05
C SER A 83 34.58 13.82 26.45
N GLU A 84 34.90 14.94 27.11
CA GLU A 84 33.93 15.96 27.45
C GLU A 84 33.13 16.47 26.25
N GLU A 85 33.74 16.46 25.07
CA GLU A 85 33.09 16.98 23.87
C GLU A 85 32.17 15.97 23.19
N ALA A 86 32.23 14.71 23.62
CA ALA A 86 31.47 13.62 23.01
C ALA A 86 30.17 13.24 23.75
N GLY A 87 29.11 13.05 23.00
CA GLY A 87 27.82 12.65 23.54
C GLY A 87 27.77 11.15 23.77
N LEU A 88 26.67 10.69 24.35
CA LEU A 88 26.50 9.29 24.74
C LEU A 88 25.17 8.70 24.27
N LEU A 89 25.22 7.53 23.65
CA LEU A 89 24.03 6.72 23.39
C LEU A 89 24.18 5.44 24.18
N LEU A 90 23.08 4.94 24.73
CA LEU A 90 23.09 3.61 25.34
C LEU A 90 22.13 2.65 24.63
N ALA A 91 22.62 1.45 24.41
CA ALA A 91 21.83 0.36 23.84
C ALA A 91 20.80 -0.17 24.85
N TYR A 92 19.66 -0.59 24.33
CA TYR A 92 18.49 -0.95 25.13
C TYR A 92 18.07 -2.41 24.85
N GLU A 93 18.55 -3.00 23.74
CA GLU A 93 18.19 -4.39 23.37
C GLU A 93 19.15 -5.41 23.94
N LYS A 94 18.62 -6.60 24.23
CA LYS A 94 19.45 -7.76 24.53
C LYS A 94 20.19 -8.14 23.27
N THR A 95 21.38 -8.68 23.47
CA THR A 95 22.26 -8.98 22.35
C THR A 95 21.79 -10.20 21.56
N GLY A 96 21.99 -10.19 20.25
CA GLY A 96 21.82 -11.37 19.45
C GLY A 96 20.40 -11.84 19.16
N TYR A 97 20.28 -13.10 18.78
CA TYR A 97 18.98 -13.72 18.54
C TYR A 97 19.02 -15.22 18.71
N ASP A 98 17.82 -15.81 18.80
CA ASP A 98 17.66 -17.24 18.89
C ASP A 98 17.82 -17.86 17.51
N ALA A 99 18.79 -18.75 17.35
CA ALA A 99 19.13 -19.24 16.04
C ALA A 99 18.33 -20.49 15.70
N THR A 100 17.63 -21.06 16.66
CA THR A 100 16.78 -22.22 16.41
C THR A 100 15.43 -21.85 15.78
N THR A 101 15.14 -20.57 15.70
CA THR A 101 13.91 -20.11 15.07
C THR A 101 14.25 -18.96 14.15
N THR A 102 13.29 -18.55 13.34
CA THR A 102 13.53 -17.52 12.34
C THR A 102 12.92 -16.16 12.71
N SER A 103 12.28 -16.06 13.87
CA SER A 103 11.52 -14.86 14.19
C SER A 103 12.35 -13.69 14.71
N ARG A 104 13.50 -13.98 15.31
CA ARG A 104 14.41 -12.97 15.90
C ARG A 104 13.67 -11.84 16.62
N LEU A 105 12.87 -12.20 17.61
CA LEU A 105 12.04 -11.22 18.26
C LEU A 105 12.84 -10.31 19.17
N PRO A 106 12.48 -9.03 19.24
CA PRO A 106 13.25 -8.08 20.05
C PRO A 106 12.93 -8.22 21.53
N ASP A 107 13.87 -7.86 22.39
CA ASP A 107 13.67 -7.94 23.82
C ASP A 107 14.57 -6.89 24.49
N CYS A 108 13.96 -5.97 25.22
CA CYS A 108 14.70 -4.97 25.99
C CYS A 108 15.45 -5.62 27.13
N LEU A 109 16.57 -5.00 27.51
CA LEU A 109 17.29 -5.40 28.72
C LEU A 109 16.37 -5.41 29.95
N ASP A 110 16.44 -6.47 30.74
CA ASP A 110 15.45 -6.73 31.79
C ASP A 110 15.29 -5.61 32.83
N VAL A 111 16.37 -4.99 33.27
CA VAL A 111 16.26 -4.00 34.32
C VAL A 111 16.47 -2.59 33.81
N TRP A 112 16.21 -2.37 32.53
CA TRP A 112 16.28 -1.04 31.97
C TRP A 112 14.93 -0.56 31.41
N SER A 113 14.87 0.74 31.32
CA SER A 113 13.80 1.47 30.72
C SER A 113 14.40 2.69 30.09
N ALA A 114 13.65 3.38 29.27
CA ALA A 114 14.15 4.59 28.67
C ALA A 114 14.49 5.61 29.74
N LYS A 115 13.67 5.65 30.77
CA LYS A 115 13.88 6.57 31.86
C LYS A 115 15.18 6.28 32.56
N ARG A 116 15.49 5.04 32.77
CA ARG A 116 16.74 4.66 33.36
C ARG A 116 17.96 4.96 32.49
N ILE A 117 17.79 4.78 31.19
CA ILE A 117 18.85 5.10 30.23
C ILE A 117 19.12 6.60 30.30
N LYS A 118 18.08 7.40 30.34
CA LYS A 118 18.28 8.83 30.49
C LYS A 118 18.94 9.17 31.84
N GLU A 119 18.54 8.46 32.90
CA GLU A 119 19.11 8.74 34.21
C GLU A 119 20.58 8.37 34.26
N ALA A 120 20.98 7.46 33.40
CA ALA A 120 22.37 7.01 33.33
C ALA A 120 23.22 7.97 32.47
N GLY A 121 22.63 9.05 31.99
CA GLY A 121 23.40 10.10 31.34
C GLY A 121 23.34 10.06 29.83
N ALA A 122 22.54 9.16 29.23
CA ALA A 122 22.53 9.07 27.76
C ALA A 122 21.78 10.24 27.15
N GLU A 123 22.19 10.62 25.94
CA GLU A 123 21.45 11.59 25.15
C GLU A 123 20.66 10.90 24.02
N ALA A 124 20.69 9.58 23.96
CA ALA A 124 19.85 8.80 23.07
C ALA A 124 19.66 7.37 23.56
N VAL A 125 18.50 6.83 23.27
CA VAL A 125 18.21 5.42 23.40
C VAL A 125 18.45 4.73 22.06
N LYS A 126 19.29 3.69 22.02
CA LYS A 126 19.48 2.93 20.79
C LYS A 126 18.87 1.55 20.96
N PHE A 127 18.16 1.11 19.93
CA PHE A 127 17.58 -0.24 19.94
C PHE A 127 17.77 -0.91 18.60
N LEU A 128 18.24 -2.15 18.63
CA LEU A 128 18.42 -2.96 17.42
C LEU A 128 17.27 -3.93 17.21
N LEU A 129 16.68 -3.83 16.03
CA LEU A 129 15.64 -4.71 15.55
C LEU A 129 16.12 -5.48 14.32
N TYR A 130 16.01 -6.80 14.37
CA TYR A 130 16.09 -7.61 13.17
C TYR A 130 14.77 -7.61 12.45
N TYR A 131 14.79 -7.36 11.14
CA TYR A 131 13.54 -7.29 10.39
C TYR A 131 13.65 -7.87 8.98
N ASP A 132 12.70 -8.76 8.68
CA ASP A 132 12.49 -9.32 7.36
C ASP A 132 11.13 -8.87 6.88
N ILE A 133 11.15 -7.86 6.01
CA ILE A 133 9.95 -7.27 5.47
C ILE A 133 9.04 -8.33 4.83
N ASP A 134 9.64 -9.41 4.32
CA ASP A 134 8.89 -10.46 3.64
C ASP A 134 8.53 -11.62 4.55
N GLY A 135 8.89 -11.51 5.82
CA GLY A 135 8.71 -12.58 6.78
C GLY A 135 7.30 -12.76 7.29
N ASP A 136 7.17 -13.61 8.30
CA ASP A 136 5.87 -13.93 8.85
C ASP A 136 5.12 -12.67 9.30
N GLN A 137 3.89 -12.48 8.86
CA GLN A 137 3.22 -11.22 9.14
C GLN A 137 2.88 -11.03 10.62
N ASP A 138 2.65 -12.12 11.35
CA ASP A 138 2.33 -12.01 12.78
C ASP A 138 3.56 -11.67 13.62
N VAL A 139 4.70 -12.24 13.26
CA VAL A 139 5.99 -11.88 13.86
C VAL A 139 6.20 -10.40 13.65
N ASN A 140 5.97 -9.94 12.43
CA ASN A 140 6.24 -8.55 12.17
C ASN A 140 5.27 -7.63 12.89
N GLU A 141 4.04 -8.10 13.08
CA GLU A 141 3.08 -7.37 13.87
C GLU A 141 3.56 -7.21 15.32
N GLN A 142 4.11 -8.29 15.89
CA GLN A 142 4.67 -8.24 17.22
C GLN A 142 5.88 -7.29 17.28
N LYS A 143 6.73 -7.32 16.25
CA LYS A 143 7.88 -6.42 16.20
C LYS A 143 7.47 -4.95 16.11
N LYS A 144 6.45 -4.65 15.32
CA LYS A 144 5.97 -3.27 15.17
C LYS A 144 5.34 -2.76 16.47
N ALA A 145 4.56 -3.61 17.13
CA ALA A 145 4.04 -3.23 18.44
C ALA A 145 5.16 -2.91 19.43
N TYR A 146 6.22 -3.70 19.39
CA TYR A 146 7.30 -3.55 20.33
C TYR A 146 8.02 -2.24 20.10
N ILE A 147 8.25 -1.90 18.83
CA ILE A 147 8.91 -0.63 18.54
C ILE A 147 8.02 0.56 18.88
N GLU A 148 6.71 0.44 18.66
CA GLU A 148 5.76 1.49 19.08
C GLU A 148 5.92 1.81 20.58
N ARG A 149 6.05 0.75 21.40
CA ARG A 149 6.19 0.98 22.82
C ARG A 149 7.46 1.78 23.13
N ILE A 150 8.58 1.38 22.53
CA ILE A 150 9.85 2.08 22.77
C ILE A 150 9.79 3.54 22.29
N GLY A 151 9.26 3.78 21.09
CA GLY A 151 9.11 5.13 20.57
C GLY A 151 8.27 5.97 21.50
N SER A 152 7.27 5.34 22.14
CA SER A 152 6.40 6.07 23.06
C SER A 152 7.18 6.39 24.35
N GLU A 153 7.98 5.46 24.85
CA GLU A 153 8.84 5.74 26.01
C GLU A 153 9.75 6.92 25.75
N CYS A 154 10.34 6.97 24.55
CA CYS A 154 11.32 7.99 24.26
C CYS A 154 10.64 9.32 24.12
N ARG A 155 9.41 9.31 23.63
CA ARG A 155 8.63 10.53 23.55
C ARG A 155 8.40 11.08 24.94
N ALA A 156 8.01 10.18 25.83
CA ALA A 156 7.64 10.61 27.17
C ALA A 156 8.86 11.11 27.93
N GLU A 157 9.96 10.42 27.82
CA GLU A 157 11.16 10.80 28.48
C GLU A 157 11.95 11.88 27.72
N ASP A 158 11.50 12.19 26.53
CA ASP A 158 12.03 13.31 25.75
C ASP A 158 13.50 13.08 25.43
N ILE A 159 13.78 11.89 24.96
CA ILE A 159 15.12 11.46 24.62
C ILE A 159 15.09 10.86 23.19
N PRO A 160 16.03 11.26 22.32
CA PRO A 160 16.05 10.70 20.95
C PRO A 160 16.11 9.19 20.84
N PHE A 161 15.32 8.66 19.93
CA PHE A 161 15.21 7.23 19.67
C PHE A 161 15.98 6.91 18.41
N TYR A 162 17.08 6.20 18.60
CA TYR A 162 17.87 5.70 17.49
C TYR A 162 17.51 4.24 17.25
N LEU A 163 16.84 3.97 16.13
CA LEU A 163 16.46 2.58 15.79
C LEU A 163 17.41 2.02 14.77
N GLU A 164 18.07 0.93 15.16
CA GLU A 164 18.94 0.22 14.26
C GLU A 164 18.15 -0.92 13.63
N ILE A 165 18.22 -1.03 12.32
CA ILE A 165 17.59 -2.14 11.62
C ILE A 165 18.64 -2.99 10.95
N LEU A 166 18.67 -4.26 11.31
CA LEU A 166 19.49 -5.25 10.61
C LEU A 166 18.54 -6.20 9.88
N THR A 167 18.71 -6.30 8.57
CA THR A 167 17.79 -7.07 7.76
C THR A 167 18.25 -8.50 7.63
N TYR A 168 17.29 -9.38 7.34
CA TYR A 168 17.59 -10.77 7.11
C TYR A 168 16.46 -11.38 6.32
N ASP A 169 16.67 -12.61 5.89
CA ASP A 169 15.60 -13.39 5.25
C ASP A 169 15.42 -14.69 6.04
N GLU A 170 14.20 -14.97 6.47
CA GLU A 170 13.89 -16.22 7.18
C GLU A 170 14.41 -17.49 6.49
N LYS A 171 14.55 -17.46 5.18
CA LYS A 171 14.95 -18.62 4.41
C LYS A 171 16.35 -18.59 3.80
N ILE A 172 17.08 -17.52 4.03
CA ILE A 172 18.49 -17.47 3.63
C ILE A 172 19.41 -17.41 4.84
N ALA A 173 20.25 -18.42 4.98
CA ALA A 173 21.06 -18.54 6.19
C ALA A 173 22.15 -17.47 6.28
N ASP A 174 22.74 -17.11 5.14
CA ASP A 174 23.95 -16.27 5.11
C ASP A 174 23.69 -14.92 4.44
N ASN A 175 23.70 -13.84 5.22
N ASN A 175 23.69 -13.85 5.23
CA ASN A 175 23.43 -12.52 4.67
CA ASN A 175 23.45 -12.51 4.69
C ASN A 175 24.63 -11.95 3.92
C ASN A 175 24.55 -12.08 3.74
N ALA A 176 25.70 -12.73 3.82
CA ALA A 176 26.83 -12.37 2.98
C ALA A 176 26.79 -13.08 1.62
N SER A 177 25.80 -13.97 1.42
CA SER A 177 25.71 -14.75 0.20
C SER A 177 25.23 -13.92 -0.99
N PRO A 178 25.55 -14.36 -2.22
CA PRO A 178 24.98 -13.72 -3.43
C PRO A 178 23.45 -13.75 -3.43
N GLU A 179 22.84 -14.83 -2.93
CA GLU A 179 21.40 -14.90 -2.86
C GLU A 179 20.84 -13.75 -2.02
N PHE A 180 21.44 -13.46 -0.87
CA PHE A 180 20.93 -12.35 -0.08
C PHE A 180 21.24 -10.98 -0.72
N ALA A 181 22.41 -10.86 -1.32
CA ALA A 181 22.77 -9.62 -1.97
C ALA A 181 21.71 -9.20 -2.99
N LYS A 182 21.14 -10.17 -3.69
CA LYS A 182 20.12 -9.89 -4.70
C LYS A 182 18.84 -9.30 -4.11
N VAL A 183 18.55 -9.54 -2.83
CA VAL A 183 17.32 -9.00 -2.24
C VAL A 183 17.59 -7.94 -1.18
N LYS A 184 18.86 -7.62 -0.92
CA LYS A 184 19.20 -6.74 0.19
C LYS A 184 18.56 -5.37 0.07
N ALA A 185 18.56 -4.81 -1.12
CA ALA A 185 18.06 -3.46 -1.27
C ALA A 185 16.59 -3.39 -0.90
N HIS A 186 15.81 -4.36 -1.39
CA HIS A 186 14.43 -4.52 -1.02
C HIS A 186 14.27 -4.65 0.52
N LYS A 187 15.06 -5.50 1.15
CA LYS A 187 14.94 -5.71 2.59
C LYS A 187 15.19 -4.43 3.39
N VAL A 188 16.24 -3.70 3.00
CA VAL A 188 16.68 -2.51 3.71
C VAL A 188 15.73 -1.38 3.45
N ASN A 189 15.43 -1.11 2.18
CA ASN A 189 14.71 0.09 1.86
C ASN A 189 13.24 0.01 2.27
N GLU A 190 12.63 -1.17 2.15
CA GLU A 190 11.22 -1.30 2.54
C GLU A 190 11.09 -1.28 4.06
N ALA A 191 12.07 -1.83 4.78
CA ALA A 191 12.02 -1.75 6.25
C ALA A 191 12.17 -0.30 6.71
N MET A 192 13.01 0.47 6.03
CA MET A 192 13.15 1.89 6.38
C MET A 192 11.85 2.63 6.18
N LYS A 193 11.14 2.30 5.11
CA LYS A 193 9.89 2.94 4.83
C LYS A 193 8.86 2.66 5.93
N VAL A 194 8.84 1.44 6.40
CA VAL A 194 7.89 1.05 7.47
C VAL A 194 8.21 1.82 8.74
N PHE A 195 9.46 1.77 9.16
CA PHE A 195 9.79 2.32 10.46
C PHE A 195 10.02 3.83 10.45
N SER A 196 9.81 4.46 9.29
CA SER A 196 9.72 5.91 9.18
C SER A 196 8.32 6.42 9.45
N LYS A 197 7.33 5.54 9.54
CA LYS A 197 5.99 5.97 9.92
C LYS A 197 6.02 6.67 11.28
N GLU A 198 5.23 7.73 11.38
CA GLU A 198 5.12 8.53 12.58
C GLU A 198 4.86 7.71 13.88
N ARG A 199 4.04 6.67 13.77
CA ARG A 199 3.65 5.89 14.94
C ARG A 199 4.82 5.22 15.66
N PHE A 200 5.97 5.06 15.01
CA PHE A 200 7.10 4.39 15.64
C PHE A 200 8.05 5.33 16.40
N GLY A 201 7.88 6.63 16.26
CA GLY A 201 8.60 7.60 17.10
C GLY A 201 10.11 7.64 16.94
N VAL A 202 10.62 7.23 15.79
CA VAL A 202 12.04 7.17 15.55
C VAL A 202 12.58 8.55 15.23
N ASP A 203 13.75 8.90 15.80
CA ASP A 203 14.40 10.15 15.48
C ASP A 203 15.53 9.97 14.47
N VAL A 204 16.24 8.85 14.56
CA VAL A 204 17.33 8.55 13.64
C VAL A 204 17.33 7.04 13.36
N LEU A 205 17.52 6.69 12.09
CA LEU A 205 17.65 5.28 11.68
C LEU A 205 19.13 4.95 11.49
N LYS A 206 19.58 3.86 12.10
CA LYS A 206 20.91 3.30 11.87
C LYS A 206 20.69 2.09 10.99
N VAL A 207 21.22 2.14 9.76
CA VAL A 207 20.86 1.17 8.74
C VAL A 207 22.10 0.71 7.98
N GLU A 208 21.91 -0.39 7.27
CA GLU A 208 22.91 -0.91 6.39
C GLU A 208 22.90 -0.11 5.09
N VAL A 209 24.03 -0.06 4.40
CA VAL A 209 24.00 0.40 3.02
C VAL A 209 23.15 -0.62 2.27
N PRO A 210 22.40 -0.19 1.26
CA PRO A 210 21.41 -1.07 0.64
C PRO A 210 21.95 -2.02 -0.43
N VAL A 211 23.25 -2.24 -0.41
CA VAL A 211 23.89 -3.12 -1.35
C VAL A 211 25.06 -3.83 -0.66
N ASN A 212 25.40 -5.04 -1.11
CA ASN A 212 26.65 -5.65 -0.70
C ASN A 212 27.74 -5.25 -1.69
N MET A 213 28.55 -4.26 -1.32
CA MET A 213 29.53 -3.67 -2.24
C MET A 213 30.55 -4.66 -2.80
N LYS A 214 30.78 -5.77 -2.09
CA LYS A 214 31.69 -6.80 -2.55
C LYS A 214 31.26 -7.43 -3.87
N PHE A 215 30.00 -7.22 -4.27
CA PHE A 215 29.48 -7.76 -5.52
C PHE A 215 29.21 -6.69 -6.57
N VAL A 216 29.71 -5.48 -6.31
CA VAL A 216 29.51 -4.36 -7.21
C VAL A 216 30.73 -4.11 -8.10
N GLU A 217 30.47 -3.81 -9.34
CA GLU A 217 31.51 -3.63 -10.35
C GLU A 217 32.45 -2.54 -9.92
N GLY A 218 33.73 -2.84 -9.94
CA GLY A 218 34.74 -1.89 -9.50
C GLY A 218 35.16 -2.09 -8.06
N PHE A 219 34.30 -2.70 -7.24
CA PHE A 219 34.62 -3.03 -5.85
C PHE A 219 34.85 -4.53 -5.69
N ALA A 220 34.26 -5.31 -6.58
CA ALA A 220 34.26 -6.75 -6.45
C ALA A 220 35.62 -7.34 -6.76
N ASP A 221 35.99 -8.39 -6.03
CA ASP A 221 37.20 -9.14 -6.35
C ASP A 221 36.83 -10.44 -7.04
N GLY A 222 35.58 -10.86 -6.88
CA GLY A 222 35.06 -12.04 -7.55
C GLY A 222 33.86 -11.75 -8.43
N GLU A 223 32.83 -12.57 -8.26
CA GLU A 223 31.61 -12.47 -9.03
C GLU A 223 31.02 -11.05 -8.93
N VAL A 224 30.52 -10.54 -10.06
CA VAL A 224 29.91 -9.21 -10.11
C VAL A 224 28.42 -9.34 -10.38
N LEU A 225 27.61 -8.87 -9.43
CA LEU A 225 26.17 -9.00 -9.51
C LEU A 225 25.53 -7.70 -9.97
N PHE A 226 26.19 -6.58 -9.71
CA PHE A 226 25.61 -5.27 -10.03
C PHE A 226 26.58 -4.32 -10.70
N THR A 227 26.08 -3.63 -11.71
CA THR A 227 26.80 -2.50 -12.29
C THR A 227 26.82 -1.35 -11.28
N LYS A 228 27.69 -0.38 -11.51
CA LYS A 228 27.74 0.75 -10.60
C LYS A 228 26.42 1.50 -10.66
N GLU A 229 25.78 1.55 -11.82
CA GLU A 229 24.54 2.29 -11.95
C GLU A 229 23.41 1.65 -11.14
N GLU A 230 23.36 0.32 -11.15
CA GLU A 230 22.38 -0.40 -10.36
C GLU A 230 22.60 -0.19 -8.87
N ALA A 231 23.85 -0.24 -8.45
CA ALA A 231 24.17 0.05 -7.05
C ALA A 231 23.80 1.48 -6.67
N ALA A 232 24.12 2.42 -7.54
CA ALA A 232 23.82 3.82 -7.25
C ALA A 232 22.31 4.01 -7.10
N GLN A 233 21.55 3.32 -7.93
CA GLN A 233 20.09 3.41 -7.86
C GLN A 233 19.56 2.91 -6.54
N ALA A 234 20.21 1.90 -5.97
CA ALA A 234 19.79 1.37 -4.66
C ALA A 234 20.00 2.43 -3.56
N PHE A 235 21.07 3.19 -3.68
CA PHE A 235 21.29 4.28 -2.76
C PHE A 235 20.24 5.38 -2.94
N ARG A 236 19.88 5.69 -4.18
CA ARG A 236 18.87 6.70 -4.37
C ARG A 236 17.50 6.21 -3.87
N ASP A 237 17.17 4.95 -4.12
CA ASP A 237 15.95 4.35 -3.59
C ASP A 237 15.95 4.43 -2.04
N GLN A 238 17.12 4.26 -1.44
CA GLN A 238 17.21 4.33 0.03
C GLN A 238 16.92 5.74 0.51
N GLU A 239 17.51 6.74 -0.15
CA GLU A 239 17.26 8.14 0.20
C GLU A 239 15.76 8.47 0.04
N ALA A 240 15.09 7.87 -0.96
CA ALA A 240 13.66 8.10 -1.17
C ALA A 240 12.75 7.30 -0.22
N SER A 241 13.34 6.48 0.64
N SER A 241 13.35 6.47 0.62
CA SER A 241 12.58 5.58 1.51
CA SER A 241 12.56 5.61 1.51
C SER A 241 12.35 6.17 2.92
C SER A 241 12.10 6.36 2.75
N THR A 242 12.88 7.36 3.15
CA THR A 242 12.70 8.00 4.46
C THR A 242 12.90 9.50 4.39
N ASP A 243 12.14 10.20 5.22
CA ASP A 243 12.37 11.60 5.49
C ASP A 243 13.15 11.80 6.81
N LEU A 244 13.43 10.71 7.52
CA LEU A 244 14.22 10.79 8.77
C LEU A 244 15.72 10.85 8.50
N PRO A 245 16.48 11.42 9.46
CA PRO A 245 17.92 11.22 9.45
C PRO A 245 18.27 9.76 9.44
N TYR A 246 19.27 9.39 8.69
CA TYR A 246 19.74 8.03 8.75
C TYR A 246 21.27 8.00 8.67
N ILE A 247 21.86 7.02 9.33
CA ILE A 247 23.29 6.93 9.44
C ILE A 247 23.66 5.51 9.17
N TYR A 248 24.84 5.30 8.64
CA TYR A 248 25.24 3.92 8.33
C TYR A 248 26.05 3.20 9.39
N LEU A 249 25.79 1.91 9.50
CA LEU A 249 26.65 1.01 10.22
C LEU A 249 27.68 0.39 9.27
N SER A 250 28.81 -0.10 9.80
CA SER A 250 29.87 -0.63 8.94
C SER A 250 29.75 -2.12 8.67
N ALA A 251 29.08 -2.86 9.56
CA ALA A 251 28.87 -4.31 9.42
C ALA A 251 30.20 -5.02 9.38
N GLY A 252 31.23 -4.37 9.88
CA GLY A 252 32.51 -5.02 10.09
C GLY A 252 33.33 -5.19 8.82
N VAL A 253 33.04 -4.44 7.76
CA VAL A 253 33.93 -4.48 6.57
C VAL A 253 35.20 -3.72 6.92
N SER A 254 36.17 -3.74 6.00
CA SER A 254 37.42 -3.06 6.23
C SER A 254 37.19 -1.57 6.31
N ALA A 255 38.11 -0.87 6.96
CA ALA A 255 37.96 0.55 7.12
C ALA A 255 37.94 1.18 5.72
N LYS A 256 38.79 0.69 4.81
CA LYS A 256 38.90 1.26 3.48
C LYS A 256 37.65 1.00 2.65
N LEU A 257 37.10 -0.21 2.71
CA LEU A 257 35.88 -0.48 1.95
C LEU A 257 34.74 0.36 2.51
N PHE A 258 34.67 0.54 3.83
CA PHE A 258 33.60 1.37 4.37
C PHE A 258 33.71 2.83 3.88
N GLN A 259 34.91 3.38 3.92
CA GLN A 259 35.17 4.73 3.42
C GLN A 259 34.82 4.87 1.94
N ASP A 260 35.27 3.94 1.12
CA ASP A 260 34.96 3.94 -0.32
C ASP A 260 33.44 3.83 -0.57
N THR A 261 32.75 3.12 0.31
CA THR A 261 31.29 3.00 0.22
C THR A 261 30.61 4.34 0.51
N LEU A 262 31.11 5.06 1.50
CA LEU A 262 30.57 6.35 1.85
C LEU A 262 30.74 7.32 0.67
N VAL A 263 31.89 7.27 -0.01
CA VAL A 263 32.13 8.15 -1.15
C VAL A 263 31.13 7.77 -2.23
N PHE A 264 30.93 6.47 -2.45
CA PHE A 264 30.05 6.03 -3.52
C PHE A 264 28.61 6.42 -3.24
N ALA A 265 28.23 6.29 -1.97
CA ALA A 265 26.90 6.63 -1.52
C ALA A 265 26.63 8.10 -1.81
N ALA A 266 27.56 8.97 -1.44
CA ALA A 266 27.35 10.40 -1.65
C ALA A 266 27.30 10.73 -3.15
N GLU A 267 28.19 10.15 -3.93
CA GLU A 267 28.21 10.43 -5.35
C GLU A 267 26.91 9.98 -6.00
N SER A 268 26.31 8.94 -5.43
CA SER A 268 25.07 8.37 -5.97
C SER A 268 23.80 9.18 -5.65
N GLY A 269 23.90 10.06 -4.67
CA GLY A 269 22.75 10.81 -4.23
C GLY A 269 22.17 10.53 -2.85
N ALA A 270 22.80 9.66 -2.10
CA ALA A 270 22.37 9.44 -0.74
C ALA A 270 22.70 10.63 0.08
N LYS A 271 21.75 11.11 0.85
CA LYS A 271 22.00 12.17 1.75
C LYS A 271 22.01 11.64 3.20
N PHE A 272 22.88 10.71 3.46
CA PHE A 272 23.08 10.18 4.80
C PHE A 272 23.70 11.21 5.73
N ASN A 273 23.39 11.05 7.01
CA ASN A 273 23.68 12.05 8.01
C ASN A 273 24.82 11.72 8.95
N GLY A 274 25.56 10.68 8.62
CA GLY A 274 26.70 10.30 9.40
C GLY A 274 26.78 8.80 9.50
N VAL A 275 27.45 8.35 10.56
CA VAL A 275 27.66 6.93 10.78
C VAL A 275 27.56 6.59 12.26
N LEU A 276 27.26 5.33 12.55
CA LEU A 276 27.51 4.74 13.86
C LEU A 276 28.41 3.58 13.57
N CYS A 277 29.70 3.85 13.61
CA CYS A 277 30.68 2.94 13.06
C CYS A 277 31.51 2.36 14.17
N GLY A 278 31.51 1.02 14.24
CA GLY A 278 32.23 0.29 15.25
C GLY A 278 33.42 -0.50 14.76
N ARG A 279 33.15 -1.75 14.33
CA ARG A 279 34.22 -2.69 14.03
C ARG A 279 35.16 -2.16 12.94
N ALA A 280 34.64 -1.46 11.93
CA ALA A 280 35.54 -0.97 10.87
C ALA A 280 36.66 -0.09 11.48
N THR A 281 36.41 0.48 12.66
CA THR A 281 37.38 1.37 13.32
C THR A 281 38.26 0.63 14.31
N TRP A 282 37.69 -0.12 15.26
CA TRP A 282 38.47 -0.66 16.38
C TRP A 282 38.75 -2.17 16.32
N ALA A 283 38.25 -2.86 15.30
CA ALA A 283 38.31 -4.34 15.31
C ALA A 283 39.69 -4.88 15.62
N GLY A 284 40.72 -4.26 15.03
CA GLY A 284 42.09 -4.72 15.23
C GLY A 284 42.61 -4.62 16.66
N SER A 285 41.93 -3.86 17.51
CA SER A 285 42.40 -3.76 18.91
C SER A 285 42.09 -4.99 19.73
N VAL A 286 41.12 -5.78 19.28
CA VAL A 286 40.68 -6.93 20.08
C VAL A 286 41.86 -7.92 20.18
N LYS A 287 42.42 -8.27 19.05
CA LYS A 287 43.52 -9.23 19.01
C LYS A 287 44.71 -8.75 19.87
N VAL A 288 45.05 -7.47 19.74
CA VAL A 288 46.16 -6.90 20.49
C VAL A 288 45.87 -6.93 21.97
N TYR A 289 44.62 -6.61 22.32
CA TYR A 289 44.28 -6.52 23.72
C TYR A 289 44.38 -7.89 24.38
N ILE A 290 43.84 -8.90 23.71
CA ILE A 290 43.87 -10.26 24.24
C ILE A 290 45.30 -10.77 24.32
N GLU A 291 46.01 -10.68 23.21
CA GLU A 291 47.34 -11.30 23.10
C GLU A 291 48.45 -10.50 23.79
N GLU A 292 48.39 -9.17 23.70
CA GLU A 292 49.50 -8.33 24.18
C GLU A 292 49.13 -7.50 25.39
N GLY A 293 47.83 -7.44 25.70
CA GLY A 293 47.37 -6.75 26.90
C GLY A 293 46.93 -5.34 26.59
N PRO A 294 46.52 -4.59 27.63
CA PRO A 294 45.92 -3.26 27.51
C PRO A 294 46.86 -2.14 27.04
N GLN A 295 48.10 -2.09 27.50
CA GLN A 295 48.98 -1.02 27.05
C GLN A 295 49.28 -1.12 25.55
N ALA A 296 49.57 -2.33 25.10
CA ALA A 296 49.68 -2.61 23.68
C ALA A 296 48.40 -2.22 22.91
N ALA A 297 47.23 -2.53 23.46
CA ALA A 297 45.97 -2.15 22.79
C ALA A 297 45.81 -0.62 22.76
N ARG A 298 46.27 0.03 23.82
CA ARG A 298 46.18 1.48 23.91
C ARG A 298 47.06 2.13 22.84
N GLU A 299 48.26 1.59 22.65
CA GLU A 299 49.13 2.10 21.61
C GLU A 299 48.57 1.83 20.22
N TRP A 300 47.93 0.67 20.03
CA TRP A 300 47.25 0.38 18.77
C TRP A 300 46.18 1.41 18.48
N LEU A 301 45.31 1.65 19.46
CA LEU A 301 44.28 2.68 19.36
C LEU A 301 44.86 4.06 19.03
N ARG A 302 46.03 4.37 19.59
CA ARG A 302 46.63 5.69 19.39
C ARG A 302 47.28 5.84 18.02
N THR A 303 47.50 4.72 17.34
CA THR A 303 48.15 4.72 16.05
C THR A 303 47.21 4.22 14.97
N GLU A 304 46.95 2.90 14.92
CA GLU A 304 46.05 2.35 13.91
C GLU A 304 44.59 2.78 14.12
N GLY A 305 44.14 2.76 15.38
CA GLY A 305 42.79 3.17 15.70
C GLY A 305 42.55 4.59 15.26
N PHE A 306 43.48 5.48 15.63
CA PHE A 306 43.37 6.86 15.24
C PHE A 306 43.33 6.97 13.72
N LYS A 307 44.21 6.24 13.07
CA LYS A 307 44.34 6.35 11.63
C LYS A 307 43.01 5.98 10.99
N ASN A 308 42.36 4.95 11.53
CA ASN A 308 41.07 4.52 11.02
C ASN A 308 40.05 5.60 11.25
N ILE A 309 40.01 6.18 12.45
CA ILE A 309 38.88 7.05 12.75
C ILE A 309 39.16 8.38 12.08
N ASP A 310 40.41 8.76 11.99
CA ASP A 310 40.78 10.01 11.32
C ASP A 310 40.48 9.99 9.81
N GLU A 311 40.83 8.88 9.17
CA GLU A 311 40.55 8.74 7.75
C GLU A 311 39.07 8.66 7.53
N LEU A 312 38.35 8.01 8.46
CA LEU A 312 36.89 7.99 8.39
C LEU A 312 36.33 9.40 8.51
N ASN A 313 36.81 10.18 9.48
CA ASN A 313 36.29 11.53 9.66
C ASN A 313 36.56 12.42 8.45
N LYS A 314 37.68 12.23 7.80
CA LYS A 314 37.97 13.02 6.60
C LYS A 314 36.95 12.69 5.50
N VAL A 315 36.63 11.40 5.35
CA VAL A 315 35.61 10.97 4.38
C VAL A 315 34.23 11.48 4.76
N LEU A 316 33.86 11.42 6.00
CA LEU A 316 32.58 11.94 6.40
C LEU A 316 32.44 13.39 6.10
N ASP A 317 33.52 14.13 6.27
CA ASP A 317 33.55 15.56 6.07
C ASP A 317 33.15 15.91 4.66
N LYS A 318 33.50 15.06 3.71
CA LYS A 318 33.17 15.32 2.32
C LYS A 318 32.01 14.53 1.71
N THR A 319 31.35 13.73 2.51
CA THR A 319 30.25 12.87 2.06
C THR A 319 28.91 13.05 2.79
N ALA A 320 28.95 13.19 4.10
CA ALA A 320 27.74 13.27 4.86
C ALA A 320 27.00 14.57 4.72
N SER A 321 25.69 14.51 4.85
CA SER A 321 24.85 15.66 4.84
C SER A 321 24.27 15.94 6.22
N PRO A 322 24.06 17.29 6.44
CA PRO A 322 23.56 17.62 7.78
C PRO A 322 22.10 17.31 8.08
N TRP A 323 21.78 16.79 9.26
CA TRP A 323 20.39 16.51 9.62
C TRP A 323 19.58 17.77 9.85
N THR A 324 20.28 18.86 9.98
CA THR A 324 19.73 20.15 10.23
C THR A 324 19.16 20.69 8.93
N GLU A 325 19.15 19.89 7.87
CA GLU A 325 18.40 20.20 6.67
C GLU A 325 17.14 19.31 6.52
N LYS A 326 16.97 18.32 7.42
CA LYS A 326 15.80 17.47 7.51
C LYS A 326 14.99 17.56 8.81
N MET A 327 15.69 17.95 9.87
CA MET A 327 15.26 17.90 11.27
C MET A 327 14.70 16.55 11.74
N ILE B 3 0.66 13.54 40.41
CA ILE B 3 -0.43 14.20 41.13
C ILE B 3 -1.03 15.31 40.32
N THR B 4 -0.52 15.53 39.12
CA THR B 4 -1.09 16.51 38.23
C THR B 4 -1.50 15.90 36.92
N LEU B 5 -2.76 16.00 36.58
CA LEU B 5 -3.26 15.44 35.36
C LEU B 5 -3.24 16.40 34.23
N THR B 6 -2.88 15.92 33.06
CA THR B 6 -3.05 16.66 31.85
C THR B 6 -4.49 16.75 31.50
N GLU B 7 -4.81 17.67 30.61
CA GLU B 7 -6.18 17.93 30.26
C GLU B 7 -6.82 16.68 29.71
N ASN B 8 -6.15 15.97 28.81
CA ASN B 8 -6.69 14.76 28.27
C ASN B 8 -6.83 13.64 29.30
N LYS B 9 -5.85 13.50 30.17
CA LYS B 9 -5.90 12.46 31.17
C LYS B 9 -7.09 12.75 32.06
N ARG B 10 -7.29 14.00 32.39
CA ARG B 10 -8.40 14.38 33.23
C ARG B 10 -9.70 14.06 32.55
N LYS B 11 -9.80 14.40 31.28
CA LYS B 11 -11.00 14.14 30.55
C LYS B 11 -11.32 12.67 30.47
N SER B 12 -10.31 11.85 30.27
CA SER B 12 -10.49 10.42 30.23
C SER B 12 -10.91 9.87 31.60
N MET B 13 -10.27 10.33 32.66
CA MET B 13 -10.70 9.96 34.02
C MET B 13 -12.18 10.28 34.24
N GLU B 14 -12.65 11.41 33.71
CA GLU B 14 -14.03 11.80 33.90
C GLU B 14 -14.96 10.85 33.16
N LYS B 15 -14.53 10.35 32.00
CA LYS B 15 -15.34 9.42 31.20
C LYS B 15 -15.41 8.05 31.86
N LEU B 16 -14.53 7.80 32.83
CA LEU B 16 -14.48 6.50 33.48
C LEU B 16 -15.24 6.54 34.79
N SER B 17 -15.71 7.72 35.17
CA SER B 17 -16.30 7.94 36.51
C SER B 17 -17.62 8.65 36.46
N VAL B 18 -18.33 8.60 37.61
CA VAL B 18 -19.47 9.46 37.85
C VAL B 18 -19.27 10.21 39.15
N ASP B 19 -19.18 11.53 39.06
CA ASP B 19 -19.00 12.39 40.22
C ASP B 19 -17.79 11.98 41.02
N GLY B 20 -16.71 11.66 40.32
CA GLY B 20 -15.43 11.38 40.95
C GLY B 20 -15.34 9.99 41.56
N VAL B 21 -16.39 9.20 41.39
CA VAL B 21 -16.36 7.82 41.85
C VAL B 21 -16.28 6.87 40.66
N ILE B 22 -15.35 5.94 40.76
CA ILE B 22 -15.22 4.89 39.76
C ILE B 22 -16.09 3.70 40.16
N SER B 23 -17.13 3.41 39.37
CA SER B 23 -17.98 2.25 39.61
C SER B 23 -17.90 1.41 38.37
N ALA B 24 -16.73 0.81 38.20
CA ALA B 24 -16.38 0.13 36.96
C ALA B 24 -16.61 -1.36 37.02
N LEU B 25 -17.09 -1.86 35.90
CA LEU B 25 -17.43 -3.25 35.72
C LEU B 25 -16.25 -3.95 35.08
N ALA B 26 -15.75 -4.97 35.74
CA ALA B 26 -14.56 -5.65 35.27
C ALA B 26 -14.98 -6.93 34.57
N PHE B 27 -14.55 -7.07 33.33
CA PHE B 27 -14.86 -8.26 32.55
C PHE B 27 -13.77 -8.46 31.49
N ASP B 28 -12.52 -8.45 31.92
CA ASP B 28 -11.41 -8.76 31.01
C ASP B 28 -10.94 -10.20 31.22
N GLN B 29 -11.75 -11.01 31.93
CA GLN B 29 -11.43 -12.41 32.09
C GLN B 29 -11.30 -13.10 30.74
N ARG B 30 -10.33 -13.98 30.62
CA ARG B 30 -10.14 -14.72 29.39
C ARG B 30 -10.20 -16.20 29.68
N GLY B 31 -9.09 -16.79 30.09
CA GLY B 31 -9.09 -18.19 30.47
C GLY B 31 -10.13 -18.51 31.54
N ALA B 32 -10.22 -17.64 32.54
CA ALA B 32 -11.15 -17.86 33.64
C ALA B 32 -12.59 -17.91 33.13
N LEU B 33 -12.96 -17.04 32.20
CA LEU B 33 -14.32 -17.07 31.66
C LEU B 33 -14.54 -18.33 30.85
N LYS B 34 -13.54 -18.71 30.07
CA LYS B 34 -13.65 -19.92 29.26
C LYS B 34 -13.89 -21.12 30.16
N ARG B 35 -13.15 -21.20 31.26
CA ARG B 35 -13.24 -22.34 32.17
C ARG B 35 -14.63 -22.46 32.79
N MET B 36 -15.25 -21.32 33.13
CA MET B 36 -16.60 -21.34 33.69
C MET B 36 -17.56 -21.93 32.69
N MET B 37 -17.39 -21.52 31.44
CA MET B 37 -18.26 -21.99 30.35
C MET B 37 -18.06 -23.49 30.15
N ALA B 38 -16.79 -23.91 30.17
CA ALA B 38 -16.43 -25.30 29.93
C ALA B 38 -17.11 -26.27 30.91
N GLN B 39 -17.61 -25.74 32.02
CA GLN B 39 -18.30 -26.57 33.03
C GLN B 39 -19.70 -27.01 32.66
N HIS B 40 -20.31 -26.32 31.70
CA HIS B 40 -21.74 -26.48 31.45
C HIS B 40 -22.04 -27.00 30.06
N GLN B 41 -20.99 -27.23 29.27
CA GLN B 41 -21.13 -27.87 27.97
C GLN B 41 -19.98 -28.83 27.77
N THR B 42 -20.15 -29.75 26.84
CA THR B 42 -19.13 -30.75 26.58
C THR B 42 -18.07 -30.21 25.64
N LYS B 43 -18.52 -29.56 24.57
CA LYS B 43 -17.61 -29.04 23.57
C LYS B 43 -16.76 -27.92 24.14
N GLU B 44 -15.67 -27.60 23.46
CA GLU B 44 -14.82 -26.50 23.88
C GLU B 44 -15.53 -25.17 23.63
N PRO B 45 -15.56 -24.29 24.63
CA PRO B 45 -16.18 -22.98 24.36
C PRO B 45 -15.47 -22.29 23.19
N THR B 46 -16.26 -21.78 22.25
CA THR B 46 -15.72 -21.18 21.05
C THR B 46 -15.45 -19.71 21.26
N VAL B 47 -14.77 -19.09 20.30
CA VAL B 47 -14.48 -17.66 20.37
C VAL B 47 -15.78 -16.88 20.22
N GLU B 48 -16.64 -17.33 19.32
CA GLU B 48 -17.96 -16.73 19.13
C GLU B 48 -18.79 -16.70 20.40
N GLN B 49 -18.82 -17.82 21.14
CA GLN B 49 -19.56 -17.85 22.40
C GLN B 49 -19.01 -16.84 23.41
N ILE B 50 -17.70 -16.90 23.63
CA ILE B 50 -17.05 -16.00 24.58
C ILE B 50 -17.28 -14.53 24.23
N GLU B 51 -17.11 -14.17 22.96
CA GLU B 51 -17.31 -12.79 22.57
C GLU B 51 -18.78 -12.39 22.65
N GLU B 52 -19.70 -13.34 22.47
CA GLU B 52 -21.12 -13.00 22.55
C GLU B 52 -21.53 -12.71 23.98
N LEU B 53 -21.07 -13.53 24.91
CA LEU B 53 -21.42 -13.31 26.31
C LEU B 53 -20.88 -11.96 26.80
N LYS B 54 -19.67 -11.59 26.37
CA LYS B 54 -19.13 -10.30 26.78
C LYS B 54 -20.00 -9.19 26.25
N SER B 55 -20.53 -9.38 25.04
CA SER B 55 -21.35 -8.33 24.43
C SER B 55 -22.68 -8.19 25.16
N LEU B 56 -23.30 -9.32 25.50
CA LEU B 56 -24.51 -9.32 26.33
C LEU B 56 -24.34 -8.58 27.65
N VAL B 57 -23.30 -8.93 28.40
CA VAL B 57 -23.00 -8.27 29.67
C VAL B 57 -22.76 -6.79 29.44
N SER B 58 -21.99 -6.45 28.42
CA SER B 58 -21.71 -5.06 28.13
C SER B 58 -23.00 -4.31 27.82
N GLU B 59 -23.85 -4.87 26.96
CA GLU B 59 -25.06 -4.17 26.54
C GLU B 59 -26.01 -3.98 27.71
N GLU B 60 -26.16 -5.02 28.51
CA GLU B 60 -27.20 -5.03 29.55
C GLU B 60 -26.73 -4.36 30.85
N LEU B 61 -25.46 -4.42 31.22
CA LEU B 61 -25.04 -3.81 32.49
C LEU B 61 -24.28 -2.47 32.45
N THR B 62 -23.68 -2.08 31.34
CA THR B 62 -22.91 -0.84 31.37
C THR B 62 -23.78 0.42 31.48
N PRO B 63 -25.11 0.31 31.28
CA PRO B 63 -25.90 1.49 31.63
C PRO B 63 -25.83 1.86 33.11
N PHE B 64 -25.37 0.92 33.94
CA PHE B 64 -25.37 1.11 35.40
C PHE B 64 -23.96 1.16 35.97
N ALA B 65 -22.97 1.26 35.08
CA ALA B 65 -21.60 1.34 35.51
C ALA B 65 -20.97 2.60 34.93
N SER B 66 -19.99 3.16 35.62
CA SER B 66 -19.32 4.36 35.08
C SER B 66 -18.42 4.01 33.90
N SER B 67 -17.96 2.77 33.85
CA SER B 67 -17.09 2.30 32.79
C SER B 67 -16.96 0.79 32.86
N ILE B 68 -16.38 0.22 31.81
CA ILE B 68 -16.18 -1.22 31.71
C ILE B 68 -14.77 -1.59 31.28
N LEU B 69 -14.21 -2.58 31.94
CA LEU B 69 -12.89 -3.11 31.61
C LEU B 69 -13.06 -4.37 30.80
N LEU B 70 -12.48 -4.35 29.59
CA LEU B 70 -12.48 -5.48 28.69
C LEU B 70 -11.06 -5.84 28.25
N ASP B 71 -10.91 -7.04 27.69
CA ASP B 71 -9.65 -7.54 27.16
C ASP B 71 -9.64 -7.38 25.63
N PRO B 72 -8.46 -7.08 25.06
CA PRO B 72 -8.49 -6.98 23.60
C PRO B 72 -8.73 -8.31 22.90
N GLU B 73 -8.47 -9.44 23.56
CA GLU B 73 -8.61 -10.74 22.91
C GLU B 73 -10.07 -11.06 22.50
N TYR B 74 -11.01 -10.97 23.43
CA TYR B 74 -12.40 -11.33 23.16
C TYR B 74 -13.37 -10.16 23.26
N GLY B 75 -12.88 -9.04 23.74
CA GLY B 75 -13.77 -8.01 24.22
C GLY B 75 -13.96 -6.80 23.34
N LEU B 76 -13.34 -6.74 22.16
CA LEU B 76 -13.50 -5.53 21.36
C LEU B 76 -14.91 -5.38 20.83
N PRO B 77 -15.52 -6.47 20.33
CA PRO B 77 -16.93 -6.29 19.96
C PRO B 77 -17.79 -5.82 21.11
N ALA B 78 -17.64 -6.43 22.29
CA ALA B 78 -18.37 -5.97 23.47
C ALA B 78 -18.14 -4.49 23.77
N SER B 79 -16.91 -4.01 23.54
CA SER B 79 -16.57 -2.62 23.87
C SER B 79 -17.39 -1.67 23.03
N ARG B 80 -17.79 -2.11 21.83
CA ARG B 80 -18.45 -1.21 20.90
C ARG B 80 -19.96 -1.13 21.12
N VAL B 81 -20.50 -2.03 21.95
CA VAL B 81 -21.91 -2.01 22.26
C VAL B 81 -22.15 -1.58 23.70
N ARG B 82 -21.11 -1.14 24.40
CA ARG B 82 -21.30 -0.58 25.73
C ARG B 82 -22.20 0.64 25.63
N SER B 83 -22.86 0.94 26.75
CA SER B 83 -23.63 2.16 26.86
C SER B 83 -22.78 3.40 26.55
N GLU B 84 -23.44 4.42 26.00
CA GLU B 84 -22.77 5.67 25.70
C GLU B 84 -22.39 6.44 26.97
N GLU B 85 -22.99 6.11 28.09
CA GLU B 85 -22.66 6.77 29.36
C GLU B 85 -21.43 6.15 30.04
N ALA B 86 -20.99 5.00 29.52
CA ALA B 86 -19.93 4.21 30.15
C ALA B 86 -18.61 4.33 29.37
N GLY B 87 -17.52 4.50 30.10
CA GLY B 87 -16.20 4.59 29.51
C GLY B 87 -15.62 3.21 29.33
N LEU B 88 -14.41 3.18 28.78
CA LEU B 88 -13.72 1.93 28.44
C LEU B 88 -12.29 1.88 28.96
N LEU B 89 -11.96 0.76 29.60
CA LEU B 89 -10.57 0.41 29.93
C LEU B 89 -10.23 -0.85 29.20
N LEU B 90 -9.01 -0.96 28.68
CA LEU B 90 -8.59 -2.20 28.07
C LEU B 90 -7.40 -2.75 28.81
N ALA B 91 -7.43 -4.06 29.06
CA ALA B 91 -6.33 -4.81 29.65
C ALA B 91 -5.12 -4.90 28.71
N TYR B 92 -3.92 -4.79 29.28
CA TYR B 92 -2.69 -4.75 28.48
C TYR B 92 -1.80 -5.95 28.80
N GLU B 93 -2.07 -6.63 29.91
CA GLU B 93 -1.25 -7.76 30.33
C GLU B 93 -1.75 -9.11 29.87
N LYS B 94 -0.81 -10.01 29.66
CA LYS B 94 -1.08 -11.42 29.52
C LYS B 94 -1.59 -12.00 30.87
N THR B 95 -2.58 -12.88 30.81
CA THR B 95 -3.11 -13.45 32.06
C THR B 95 -2.19 -14.47 32.69
N GLY B 96 -2.31 -14.58 34.02
CA GLY B 96 -1.77 -15.70 34.76
C GLY B 96 -0.30 -15.56 35.08
N TYR B 97 0.28 -16.66 35.53
CA TYR B 97 1.68 -16.71 35.88
C TYR B 97 2.15 -18.14 35.83
N ASP B 98 3.45 -18.31 35.66
CA ASP B 98 4.08 -19.61 35.62
C ASP B 98 4.15 -20.22 37.04
N ALA B 99 3.49 -21.35 37.23
CA ALA B 99 3.43 -21.97 38.56
C ALA B 99 4.71 -22.75 38.89
N THR B 100 5.59 -22.88 37.90
CA THR B 100 6.90 -23.54 38.08
C THR B 100 7.82 -22.71 38.96
N THR B 101 7.65 -21.39 38.86
CA THR B 101 8.59 -20.43 39.44
C THR B 101 7.82 -19.48 40.32
N THR B 102 8.54 -18.67 41.09
CA THR B 102 7.92 -17.78 42.05
C THR B 102 7.99 -16.32 41.60
N SER B 103 8.54 -16.06 40.42
CA SER B 103 8.78 -14.68 40.00
C SER B 103 7.55 -13.93 39.47
N ARG B 104 6.61 -14.67 38.87
CA ARG B 104 5.37 -14.07 38.37
C ARG B 104 5.63 -12.79 37.57
N LEU B 105 6.54 -12.89 36.60
CA LEU B 105 6.97 -11.71 35.83
C LEU B 105 5.86 -11.20 34.92
N PRO B 106 5.75 -9.87 34.75
CA PRO B 106 4.72 -9.35 33.85
C PRO B 106 5.11 -9.44 32.37
N ASP B 107 4.11 -9.47 31.51
CA ASP B 107 4.33 -9.48 30.07
C ASP B 107 3.15 -8.81 29.39
N CYS B 108 3.40 -7.77 28.58
CA CYS B 108 2.37 -7.17 27.74
C CYS B 108 1.88 -8.14 26.65
N LEU B 109 0.62 -7.99 26.25
CA LEU B 109 0.08 -8.72 25.11
C LEU B 109 0.91 -8.42 23.87
N ASP B 110 1.25 -9.44 23.13
CA ASP B 110 2.29 -9.34 22.11
C ASP B 110 2.04 -8.38 20.97
N VAL B 111 0.80 -8.21 20.51
CA VAL B 111 0.57 -7.28 19.37
C VAL B 111 -0.15 -6.02 19.81
N TRP B 112 0.02 -5.68 21.07
CA TRP B 112 -0.54 -4.45 21.62
C TRP B 112 0.54 -3.50 22.13
N SER B 113 0.15 -2.24 22.21
CA SER B 113 0.95 -1.14 22.78
C SER B 113 -0.04 -0.16 23.39
N ALA B 114 0.42 0.76 24.20
CA ALA B 114 -0.48 1.79 24.73
C ALA B 114 -1.13 2.56 23.58
N LYS B 115 -0.34 2.84 22.56
CA LYS B 115 -0.83 3.54 21.38
C LYS B 115 -2.01 2.72 20.78
N ARG B 116 -1.84 1.42 20.61
CA ARG B 116 -2.90 0.63 19.99
C ARG B 116 -4.13 0.56 20.91
N ILE B 117 -3.91 0.57 22.23
CA ILE B 117 -5.03 0.55 23.18
C ILE B 117 -5.85 1.82 23.04
N LYS B 118 -5.16 2.97 22.94
CA LYS B 118 -5.85 4.22 22.70
C LYS B 118 -6.58 4.22 21.34
N GLU B 119 -5.94 3.67 20.31
CA GLU B 119 -6.59 3.64 18.99
C GLU B 119 -7.86 2.77 18.99
N ALA B 120 -7.91 1.79 19.89
CA ALA B 120 -9.06 0.91 19.99
C ALA B 120 -10.19 1.54 20.80
N GLY B 121 -10.01 2.78 21.26
CA GLY B 121 -11.08 3.54 21.87
C GLY B 121 -11.03 3.59 23.41
N ALA B 122 -9.98 3.02 23.98
CA ALA B 122 -9.86 2.98 25.43
C ALA B 122 -9.59 4.36 26.02
N GLU B 123 -10.13 4.59 27.23
CA GLU B 123 -9.86 5.79 28.00
C GLU B 123 -8.90 5.48 29.14
N ALA B 124 -8.47 4.23 29.23
CA ALA B 124 -7.42 3.86 30.15
C ALA B 124 -6.74 2.59 29.69
N VAL B 125 -5.46 2.51 30.03
CA VAL B 125 -4.68 1.29 29.96
C VAL B 125 -4.68 0.64 31.36
N LYS B 126 -5.10 -0.61 31.43
CA LYS B 126 -5.06 -1.36 32.69
C LYS B 126 -3.98 -2.42 32.60
N PHE B 127 -3.15 -2.54 33.63
CA PHE B 127 -2.12 -3.57 33.64
C PHE B 127 -2.10 -4.22 35.02
N LEU B 128 -2.13 -5.55 35.04
N LEU B 128 -2.08 -5.55 35.05
CA LEU B 128 -1.97 -6.32 36.27
CA LEU B 128 -1.98 -6.32 36.28
C LEU B 128 -0.53 -6.73 36.53
C LEU B 128 -0.57 -6.80 36.56
N LEU B 129 -0.05 -6.42 37.74
CA LEU B 129 1.25 -6.84 38.22
C LEU B 129 1.11 -7.69 39.47
N TYR B 130 1.78 -8.84 39.53
CA TYR B 130 1.95 -9.59 40.79
C TYR B 130 3.20 -9.11 41.48
N TYR B 131 3.11 -8.77 42.78
CA TYR B 131 4.25 -8.20 43.49
C TYR B 131 4.35 -8.68 44.91
N ASP B 132 5.52 -9.21 45.22
CA ASP B 132 5.93 -9.56 46.55
C ASP B 132 6.99 -8.58 47.00
N ILE B 133 6.62 -7.60 47.83
CA ILE B 133 7.55 -6.59 48.32
C ILE B 133 8.79 -7.22 48.97
N ASP B 134 8.63 -8.38 49.59
CA ASP B 134 9.73 -9.07 50.26
C ASP B 134 10.47 -10.07 49.39
N GLY B 135 10.12 -10.14 48.12
CA GLY B 135 10.70 -11.15 47.25
C GLY B 135 12.06 -10.81 46.69
N ASP B 136 12.50 -11.61 45.71
CA ASP B 136 13.83 -11.52 45.12
C ASP B 136 14.04 -10.10 44.59
N GLN B 137 15.11 -9.45 45.00
CA GLN B 137 15.21 -8.04 44.69
C GLN B 137 15.52 -7.79 43.21
N ASP B 138 16.12 -8.76 42.52
CA ASP B 138 16.38 -8.59 41.08
C ASP B 138 15.11 -8.81 40.28
N VAL B 139 14.31 -9.79 40.69
CA VAL B 139 12.96 -9.96 40.14
C VAL B 139 12.21 -8.67 40.28
N ASN B 140 12.26 -8.04 41.45
CA ASN B 140 11.54 -6.80 41.64
C ASN B 140 12.11 -5.61 40.85
N GLU B 141 13.41 -5.57 40.62
CA GLU B 141 13.97 -4.52 39.78
C GLU B 141 13.45 -4.68 38.35
N GLN B 142 13.39 -5.90 37.86
CA GLN B 142 12.81 -6.17 36.53
C GLN B 142 11.34 -5.72 36.49
N LYS B 143 10.55 -6.01 37.52
CA LYS B 143 9.17 -5.56 37.51
C LYS B 143 9.05 -4.05 37.53
N LYS B 144 9.88 -3.40 38.33
CA LYS B 144 9.81 -1.96 38.46
C LYS B 144 10.19 -1.32 37.12
N ALA B 145 11.23 -1.83 36.48
CA ALA B 145 11.62 -1.33 35.15
C ALA B 145 10.45 -1.49 34.18
N TYR B 146 9.76 -2.63 34.23
CA TYR B 146 8.66 -2.91 33.32
C TYR B 146 7.50 -1.91 33.46
N ILE B 147 7.17 -1.58 34.70
CA ILE B 147 6.09 -0.65 34.97
C ILE B 147 6.51 0.78 34.58
N GLU B 148 7.78 1.12 34.74
CA GLU B 148 8.29 2.40 34.26
C GLU B 148 8.03 2.56 32.76
N ARG B 149 8.30 1.51 31.98
CA ARG B 149 8.09 1.53 30.52
C ARG B 149 6.63 1.80 30.20
N ILE B 150 5.75 1.11 30.90
CA ILE B 150 4.31 1.24 30.66
C ILE B 150 3.83 2.63 31.06
N GLY B 151 4.27 3.13 32.21
CA GLY B 151 3.93 4.46 32.67
C GLY B 151 4.43 5.51 31.69
N SER B 152 5.57 5.24 31.08
CA SER B 152 6.11 6.19 30.12
C SER B 152 5.26 6.17 28.83
N GLU B 153 4.94 4.98 28.31
CA GLU B 153 4.01 4.87 27.17
C GLU B 153 2.74 5.67 27.38
N CYS B 154 2.16 5.52 28.59
CA CYS B 154 0.87 6.13 28.85
C CYS B 154 0.99 7.62 29.01
N ARG B 155 2.14 8.10 29.47
CA ARG B 155 2.38 9.52 29.49
C ARG B 155 2.41 10.04 28.03
N ALA B 156 3.12 9.31 27.20
CA ALA B 156 3.32 9.74 25.81
C ALA B 156 2.00 9.76 25.05
N GLU B 157 1.19 8.75 25.29
CA GLU B 157 -0.10 8.62 24.61
C GLU B 157 -1.21 9.40 25.32
N ASP B 158 -0.87 9.98 26.47
CA ASP B 158 -1.78 10.83 27.24
C ASP B 158 -3.05 10.07 27.57
N ILE B 159 -2.86 8.87 28.11
CA ILE B 159 -3.98 8.02 28.48
C ILE B 159 -3.76 7.53 29.92
N PRO B 160 -4.80 7.57 30.75
CA PRO B 160 -4.60 7.14 32.15
C PRO B 160 -4.09 5.71 32.29
N PHE B 161 -3.17 5.55 33.23
CA PHE B 161 -2.58 4.27 33.55
C PHE B 161 -3.18 3.74 34.88
N TYR B 162 -4.00 2.71 34.77
CA TYR B 162 -4.54 1.98 35.94
C TYR B 162 -3.67 0.77 36.20
N LEU B 163 -3.01 0.74 37.35
CA LEU B 163 -2.14 -0.36 37.68
C LEU B 163 -2.84 -1.15 38.74
N GLU B 164 -3.04 -2.43 38.44
CA GLU B 164 -3.60 -3.39 39.39
C GLU B 164 -2.44 -4.16 40.00
N ILE B 165 -2.41 -4.20 41.33
CA ILE B 165 -1.41 -4.97 42.06
C ILE B 165 -2.10 -6.10 42.80
N LEU B 166 -1.66 -7.32 42.53
CA LEU B 166 -2.05 -8.46 43.33
C LEU B 166 -0.82 -8.94 44.09
N THR B 167 -0.92 -9.05 45.41
CA THR B 167 0.25 -9.36 46.20
C THR B 167 0.34 -10.84 46.41
N TYR B 168 1.53 -11.30 46.76
CA TYR B 168 1.74 -12.71 47.05
C TYR B 168 3.00 -12.80 47.86
N ASP B 169 3.31 -14.01 48.30
CA ASP B 169 4.54 -14.28 49.00
C ASP B 169 5.19 -15.44 48.28
N GLU B 170 6.46 -15.30 47.93
CA GLU B 170 7.19 -16.34 47.24
C GLU B 170 7.15 -17.68 47.97
N LYS B 171 6.97 -17.63 49.28
CA LYS B 171 7.10 -18.84 50.13
C LYS B 171 5.79 -19.34 50.69
N ILE B 172 4.70 -18.61 50.47
CA ILE B 172 3.38 -19.01 50.94
C ILE B 172 2.49 -19.37 49.75
N ALA B 173 2.12 -20.63 49.65
CA ALA B 173 1.41 -21.13 48.48
C ALA B 173 -0.02 -20.60 48.35
N ASP B 174 -0.70 -20.48 49.49
CA ASP B 174 -2.12 -20.12 49.51
C ASP B 174 -2.34 -18.73 50.10
N ASN B 175 -2.79 -17.77 49.29
N ASN B 175 -2.79 -17.79 49.27
CA ASN B 175 -3.00 -16.42 49.83
CA ASN B 175 -3.09 -16.43 49.70
C ASN B 175 -4.32 -16.30 50.58
C ASN B 175 -4.22 -16.37 50.72
N ALA B 176 -5.04 -17.42 50.74
CA ALA B 176 -6.18 -17.48 51.66
C ALA B 176 -5.81 -18.05 53.02
N SER B 177 -4.56 -18.48 53.19
CA SER B 177 -4.14 -19.10 54.46
C SER B 177 -4.06 -18.08 55.59
N PRO B 178 -4.09 -18.56 56.83
CA PRO B 178 -3.77 -17.68 57.95
C PRO B 178 -2.39 -17.07 57.81
N GLU B 179 -1.45 -17.86 57.31
CA GLU B 179 -0.06 -17.43 57.24
C GLU B 179 0.07 -16.19 56.34
N PHE B 180 -0.65 -16.16 55.24
CA PHE B 180 -0.61 -14.99 54.37
C PHE B 180 -1.38 -13.82 54.96
N ALA B 181 -2.50 -14.14 55.61
CA ALA B 181 -3.35 -13.13 56.21
C ALA B 181 -2.53 -12.22 57.16
N LYS B 182 -1.59 -12.82 57.89
CA LYS B 182 -0.78 -12.12 58.88
C LYS B 182 0.17 -11.10 58.28
N VAL B 183 0.51 -11.27 57.01
CA VAL B 183 1.43 -10.36 56.34
C VAL B 183 0.76 -9.55 55.25
N LYS B 184 -0.54 -9.75 55.00
CA LYS B 184 -1.15 -9.14 53.83
C LYS B 184 -1.08 -7.61 53.88
N ALA B 185 -1.32 -7.02 55.06
CA ALA B 185 -1.28 -5.57 55.17
C ALA B 185 0.08 -5.05 54.73
N HIS B 186 1.14 -5.73 55.15
CA HIS B 186 2.49 -5.36 54.78
C HIS B 186 2.68 -5.45 53.27
N LYS B 187 2.24 -6.54 52.65
CA LYS B 187 2.42 -6.72 51.21
C LYS B 187 1.72 -5.65 50.41
N VAL B 188 0.46 -5.42 50.78
CA VAL B 188 -0.41 -4.53 50.02
C VAL B 188 0.08 -3.10 50.16
N ASN B 189 0.26 -2.67 51.40
CA ASN B 189 0.54 -1.27 51.65
C ASN B 189 1.95 -0.88 51.21
N GLU B 190 2.92 -1.76 51.37
CA GLU B 190 4.28 -1.44 50.95
C GLU B 190 4.35 -1.38 49.44
N ALA B 191 3.58 -2.22 48.76
CA ALA B 191 3.60 -2.24 47.29
C ALA B 191 2.99 -0.95 46.78
N MET B 192 1.94 -0.48 47.44
CA MET B 192 1.33 0.80 47.08
C MET B 192 2.31 1.95 47.25
N LYS B 193 3.12 1.94 48.31
CA LYS B 193 4.14 2.97 48.51
C LYS B 193 5.16 2.97 47.36
N VAL B 194 5.60 1.79 46.93
CA VAL B 194 6.51 1.72 45.77
C VAL B 194 5.89 2.36 44.52
N PHE B 195 4.72 1.89 44.13
CA PHE B 195 4.21 2.22 42.80
C PHE B 195 3.41 3.52 42.77
N SER B 196 3.37 4.19 43.91
CA SER B 196 2.93 5.57 44.00
C SER B 196 4.03 6.56 43.66
N LYS B 197 5.27 6.08 43.56
CA LYS B 197 6.38 6.96 43.23
C LYS B 197 6.20 7.51 41.81
N GLU B 198 6.53 8.78 41.64
CA GLU B 198 6.27 9.49 40.40
C GLU B 198 6.84 8.76 39.19
N ARG B 199 7.95 8.07 39.37
CA ARG B 199 8.66 7.48 38.22
C ARG B 199 7.84 6.37 37.53
N PHE B 200 6.79 5.86 38.18
CA PHE B 200 6.02 4.78 37.58
C PHE B 200 4.83 5.26 36.77
N GLY B 201 4.49 6.53 36.85
CA GLY B 201 3.48 7.10 35.99
C GLY B 201 2.05 6.62 36.22
N VAL B 202 1.76 6.15 37.43
CA VAL B 202 0.45 5.58 37.65
C VAL B 202 -0.60 6.67 37.92
N ASP B 203 -1.77 6.53 37.30
CA ASP B 203 -2.85 7.44 37.58
C ASP B 203 -3.86 6.93 38.61
N VAL B 204 -4.17 5.65 38.58
CA VAL B 204 -5.09 5.01 39.57
C VAL B 204 -4.51 3.67 39.97
N LEU B 205 -4.55 3.36 41.27
CA LEU B 205 -4.15 2.04 41.73
C LEU B 205 -5.36 1.19 41.98
N LYS B 206 -5.35 -0.03 41.46
CA LYS B 206 -6.42 -1.00 41.68
C LYS B 206 -5.81 -2.03 42.61
N VAL B 207 -6.33 -2.11 43.84
CA VAL B 207 -5.64 -2.85 44.86
C VAL B 207 -6.61 -3.67 45.69
N GLU B 208 -6.05 -4.66 46.36
CA GLU B 208 -6.78 -5.44 47.36
C GLU B 208 -7.06 -4.61 48.61
N VAL B 209 -8.12 -4.93 49.32
CA VAL B 209 -8.22 -4.46 50.70
C VAL B 209 -7.05 -5.09 51.48
N PRO B 210 -6.50 -4.40 52.48
CA PRO B 210 -5.24 -4.79 53.12
C PRO B 210 -5.36 -5.84 54.24
N VAL B 211 -6.48 -6.54 54.26
CA VAL B 211 -6.69 -7.56 55.27
C VAL B 211 -7.58 -8.66 54.67
N ASN B 212 -7.48 -9.86 55.22
CA ASN B 212 -8.39 -10.91 54.87
C ASN B 212 -9.50 -10.89 55.91
N MET B 213 -10.63 -10.29 55.55
CA MET B 213 -11.74 -10.07 56.48
C MET B 213 -12.21 -11.37 57.08
N LYS B 214 -11.91 -12.49 56.46
CA LYS B 214 -12.33 -13.78 57.02
C LYS B 214 -11.58 -14.17 58.30
N PHE B 215 -10.62 -13.35 58.72
CA PHE B 215 -9.91 -13.59 59.97
C PHE B 215 -10.10 -12.43 60.95
N VAL B 216 -11.00 -11.52 60.60
CA VAL B 216 -11.31 -10.38 61.45
C VAL B 216 -12.52 -10.63 62.37
N GLU B 217 -12.39 -10.24 63.63
CA GLU B 217 -13.47 -10.37 64.63
C GLU B 217 -14.77 -9.82 64.06
N GLY B 218 -15.82 -10.62 64.10
CA GLY B 218 -17.13 -10.21 63.59
C GLY B 218 -17.41 -10.62 62.16
N PHE B 219 -16.35 -10.95 61.40
CA PHE B 219 -16.44 -11.39 60.01
C PHE B 219 -15.90 -12.79 59.82
N ALA B 220 -15.27 -13.33 60.86
CA ALA B 220 -14.67 -14.66 60.80
C ALA B 220 -15.64 -15.75 61.26
N ASP B 221 -15.60 -16.88 60.54
CA ASP B 221 -16.38 -18.07 60.89
C ASP B 221 -15.47 -19.20 61.36
N GLY B 222 -14.16 -18.90 61.42
CA GLY B 222 -13.19 -19.81 62.02
C GLY B 222 -12.25 -19.04 62.94
N GLU B 223 -10.94 -19.27 62.81
CA GLU B 223 -9.96 -18.59 63.65
C GLU B 223 -10.01 -17.06 63.52
N VAL B 224 -9.79 -16.37 64.64
CA VAL B 224 -9.69 -14.91 64.61
C VAL B 224 -8.24 -14.47 64.79
N LEU B 225 -7.72 -13.76 63.79
CA LEU B 225 -6.34 -13.25 63.83
C LEU B 225 -6.30 -11.76 64.20
N PHE B 226 -7.40 -11.05 63.97
CA PHE B 226 -7.43 -9.61 64.11
C PHE B 226 -8.69 -9.08 64.74
N THR B 227 -8.54 -8.09 65.61
CA THR B 227 -9.67 -7.36 66.17
C THR B 227 -10.20 -6.39 65.13
N LYS B 228 -11.43 -5.93 65.32
CA LYS B 228 -11.97 -4.95 64.39
C LYS B 228 -11.06 -3.71 64.37
N GLU B 229 -10.46 -3.37 65.51
CA GLU B 229 -9.63 -2.16 65.57
C GLU B 229 -8.34 -2.32 64.76
N GLU B 230 -7.75 -3.52 64.79
CA GLU B 230 -6.54 -3.76 64.02
C GLU B 230 -6.83 -3.69 62.53
N ALA B 231 -7.93 -4.29 62.12
CA ALA B 231 -8.32 -4.23 60.72
C ALA B 231 -8.58 -2.79 60.30
N ALA B 232 -9.29 -2.04 61.14
CA ALA B 232 -9.55 -0.63 60.86
C ALA B 232 -8.23 0.10 60.67
N GLN B 233 -7.25 -0.20 61.50
CA GLN B 233 -5.95 0.47 61.36
C GLN B 233 -5.29 0.12 60.03
N ALA B 234 -5.47 -1.12 59.58
CA ALA B 234 -4.86 -1.54 58.30
C ALA B 234 -5.41 -0.71 57.15
N PHE B 235 -6.71 -0.43 57.17
CA PHE B 235 -7.29 0.44 56.15
C PHE B 235 -6.73 1.86 56.24
N ARG B 236 -6.54 2.39 57.44
CA ARG B 236 -5.96 3.72 57.56
C ARG B 236 -4.51 3.72 57.11
N ASP B 237 -3.78 2.63 57.33
CA ASP B 237 -2.40 2.57 56.86
C ASP B 237 -2.36 2.56 55.31
N GLN B 238 -3.28 1.81 54.71
CA GLN B 238 -3.44 1.81 53.27
C GLN B 238 -3.74 3.21 52.74
N GLU B 239 -4.66 3.92 53.38
CA GLU B 239 -4.99 5.28 52.95
C GLU B 239 -3.74 6.16 53.01
N ALA B 240 -2.88 5.94 54.00
CA ALA B 240 -1.66 6.73 54.14
C ALA B 240 -0.52 6.24 53.26
N SER B 241 -0.73 5.15 52.53
CA SER B 241 0.33 4.58 51.67
C SER B 241 0.35 5.17 50.27
N THR B 242 -0.65 5.97 49.91
CA THR B 242 -0.63 6.62 48.59
C THR B 242 -1.39 7.93 48.60
N ASP B 243 -1.01 8.83 47.70
CA ASP B 243 -1.80 10.04 47.46
C ASP B 243 -2.53 9.91 46.10
N LEU B 244 -2.36 8.77 45.43
CA LEU B 244 -3.11 8.51 44.21
C LEU B 244 -4.54 8.05 44.47
N PRO B 245 -5.44 8.30 43.51
CA PRO B 245 -6.72 7.62 43.57
C PRO B 245 -6.48 6.15 43.67
N TYR B 246 -7.26 5.43 44.46
CA TYR B 246 -7.18 3.99 44.42
C TYR B 246 -8.56 3.39 44.54
N ILE B 247 -8.72 2.20 43.97
CA ILE B 247 -10.01 1.54 43.93
C ILE B 247 -9.80 0.09 44.31
N TYR B 248 -10.84 -0.52 44.89
CA TYR B 248 -10.71 -1.90 45.34
C TYR B 248 -11.10 -2.92 44.30
N LEU B 249 -10.41 -4.02 44.31
CA LEU B 249 -10.81 -5.19 43.61
C LEU B 249 -11.43 -6.17 44.60
N SER B 250 -12.28 -7.03 44.10
CA SER B 250 -12.87 -8.06 44.91
C SER B 250 -12.13 -9.35 45.05
N ALA B 251 -11.64 -9.90 43.96
CA ALA B 251 -11.61 -11.31 43.73
C ALA B 251 -11.04 -11.99 44.94
N GLY B 252 -11.75 -13.02 45.39
CA GLY B 252 -11.53 -13.66 46.68
C GLY B 252 -12.73 -13.77 47.63
N VAL B 253 -13.80 -13.01 47.43
CA VAL B 253 -14.89 -13.02 48.38
C VAL B 253 -16.23 -12.86 47.72
N SER B 254 -17.26 -13.18 48.48
CA SER B 254 -18.60 -13.04 48.01
C SER B 254 -19.02 -11.63 47.84
N ALA B 255 -19.99 -11.48 47.00
CA ALA B 255 -20.54 -10.15 46.75
C ALA B 255 -20.95 -9.46 48.05
N LYS B 256 -21.63 -10.21 48.90
CA LYS B 256 -22.08 -9.65 50.15
C LYS B 256 -20.91 -9.25 51.03
N LEU B 257 -19.91 -10.12 51.12
CA LEU B 257 -18.78 -9.80 51.98
C LEU B 257 -17.99 -8.61 51.42
N PHE B 258 -17.84 -8.56 50.12
CA PHE B 258 -17.10 -7.46 49.53
C PHE B 258 -17.78 -6.15 49.88
N GLN B 259 -19.09 -6.13 49.73
CA GLN B 259 -19.90 -4.96 50.05
C GLN B 259 -19.87 -4.57 51.52
N ASP B 260 -19.97 -5.54 52.41
CA ASP B 260 -19.85 -5.25 53.83
C ASP B 260 -18.45 -4.70 54.13
N THR B 261 -17.46 -5.13 53.33
CA THR B 261 -16.09 -4.67 53.52
C THR B 261 -15.93 -3.21 53.09
N LEU B 262 -16.61 -2.84 52.02
CA LEU B 262 -16.67 -1.45 51.62
C LEU B 262 -17.22 -0.57 52.74
N VAL B 263 -18.26 -1.05 53.43
CA VAL B 263 -18.84 -0.34 54.54
C VAL B 263 -17.80 -0.23 55.65
N PHE B 264 -17.14 -1.34 55.96
CA PHE B 264 -16.14 -1.34 57.01
C PHE B 264 -14.99 -0.42 56.67
N ALA B 265 -14.64 -0.38 55.37
CA ALA B 265 -13.50 0.42 54.89
C ALA B 265 -13.79 1.89 55.15
N ALA B 266 -14.96 2.33 54.71
CA ALA B 266 -15.38 3.72 54.92
C ALA B 266 -15.46 4.04 56.40
N GLU B 267 -16.11 3.16 57.16
CA GLU B 267 -16.22 3.36 58.61
C GLU B 267 -14.85 3.54 59.24
N SER B 268 -13.87 2.80 58.75
CA SER B 268 -12.52 2.80 59.31
C SER B 268 -11.66 4.02 58.94
N GLY B 269 -12.04 4.76 57.89
CA GLY B 269 -11.31 5.95 57.49
C GLY B 269 -10.59 5.85 56.15
N ALA B 270 -10.91 4.82 55.38
CA ALA B 270 -10.40 4.69 54.03
C ALA B 270 -11.13 5.67 53.11
N LYS B 271 -10.34 6.38 52.30
CA LYS B 271 -10.90 7.24 51.27
C LYS B 271 -10.68 6.63 49.88
N PHE B 272 -11.11 5.39 49.71
CA PHE B 272 -11.02 4.71 48.44
C PHE B 272 -11.99 5.39 47.44
N ASN B 273 -11.66 5.33 46.15
CA ASN B 273 -12.36 6.11 45.15
C ASN B 273 -13.28 5.34 44.23
N GLY B 274 -13.58 4.11 44.61
CA GLY B 274 -14.40 3.26 43.78
C GLY B 274 -13.91 1.85 43.77
N VAL B 275 -14.40 1.10 42.78
CA VAL B 275 -14.12 -0.33 42.63
C VAL B 275 -13.95 -0.67 41.15
N LEU B 276 -13.17 -1.72 40.87
CA LEU B 276 -13.21 -2.39 39.57
C LEU B 276 -13.53 -3.82 39.86
N CYS B 277 -14.82 -4.18 39.88
CA CYS B 277 -15.23 -5.57 40.14
C CYS B 277 -16.27 -6.07 39.14
N GLY B 278 -16.05 -7.25 38.57
CA GLY B 278 -17.02 -7.82 37.63
C GLY B 278 -17.61 -9.20 37.90
N ARG B 279 -16.84 -10.08 38.54
CA ARG B 279 -17.22 -11.50 38.64
C ARG B 279 -18.50 -11.81 39.41
N ALA B 280 -18.67 -11.17 40.57
CA ALA B 280 -19.84 -11.35 41.41
C ALA B 280 -21.13 -10.98 40.66
N THR B 281 -21.05 -9.92 39.86
CA THR B 281 -22.23 -9.32 39.25
C THR B 281 -22.76 -10.11 38.07
N TRP B 282 -21.88 -10.71 37.26
CA TRP B 282 -22.34 -11.36 36.01
C TRP B 282 -22.13 -12.87 36.02
N ALA B 283 -21.51 -13.42 37.06
CA ALA B 283 -21.16 -14.85 37.05
C ALA B 283 -22.35 -15.78 36.75
N GLY B 284 -23.48 -15.51 37.40
CA GLY B 284 -24.67 -16.34 37.23
C GLY B 284 -25.16 -16.42 35.79
N SER B 285 -24.80 -15.43 34.98
CA SER B 285 -25.23 -15.39 33.59
C SER B 285 -24.53 -16.47 32.76
N VAL B 286 -23.38 -16.94 33.24
CA VAL B 286 -22.58 -17.84 32.43
C VAL B 286 -23.26 -19.19 32.29
N LYS B 287 -23.70 -19.77 33.41
CA LYS B 287 -24.43 -21.03 33.37
C LYS B 287 -25.67 -20.88 32.52
N VAL B 288 -26.35 -19.74 32.64
CA VAL B 288 -27.60 -19.50 31.92
C VAL B 288 -27.33 -19.39 30.41
N TYR B 289 -26.32 -18.64 30.04
CA TYR B 289 -25.98 -18.48 28.62
C TYR B 289 -25.66 -19.79 27.92
N ILE B 290 -24.82 -20.62 28.54
CA ILE B 290 -24.49 -21.91 27.96
C ILE B 290 -25.70 -22.87 27.96
N GLU B 291 -26.49 -22.84 29.03
CA GLU B 291 -27.55 -23.87 29.18
C GLU B 291 -28.91 -23.45 28.63
N GLU B 292 -29.17 -22.15 28.47
CA GLU B 292 -30.48 -21.70 27.99
C GLU B 292 -30.39 -20.69 26.83
N GLY B 293 -29.18 -20.36 26.42
CA GLY B 293 -28.97 -19.53 25.26
C GLY B 293 -28.92 -18.05 25.56
N PRO B 294 -28.62 -17.24 24.54
CA PRO B 294 -28.37 -15.81 24.72
C PRO B 294 -29.60 -15.04 25.17
N GLN B 295 -30.78 -15.46 24.72
CA GLN B 295 -31.99 -14.75 25.10
C GLN B 295 -32.26 -14.86 26.60
N ALA B 296 -32.00 -16.03 27.14
CA ALA B 296 -32.20 -16.26 28.56
C ALA B 296 -31.22 -15.40 29.34
N ALA B 297 -29.96 -15.43 28.88
CA ALA B 297 -28.88 -14.71 29.56
C ALA B 297 -29.19 -13.22 29.64
N ARG B 298 -29.62 -12.67 28.51
CA ARG B 298 -30.01 -11.27 28.43
C ARG B 298 -31.06 -10.99 29.49
N GLU B 299 -32.04 -11.89 29.60
CA GLU B 299 -33.06 -11.73 30.60
C GLU B 299 -32.50 -11.87 32.02
N TRP B 300 -31.55 -12.78 32.22
CA TRP B 300 -30.89 -12.89 33.52
C TRP B 300 -30.20 -11.58 33.86
N LEU B 301 -29.52 -11.02 32.88
CA LEU B 301 -28.74 -9.81 33.11
C LEU B 301 -29.65 -8.62 33.43
N ARG B 302 -30.80 -8.55 32.74
CA ARG B 302 -31.77 -7.47 32.96
C ARG B 302 -32.37 -7.49 34.35
N THR B 303 -32.43 -8.69 34.93
CA THR B 303 -33.16 -8.92 36.17
C THR B 303 -32.23 -9.20 37.35
N GLU B 304 -31.66 -10.40 37.43
CA GLU B 304 -30.71 -10.68 38.50
C GLU B 304 -29.49 -9.78 38.37
N GLY B 305 -29.01 -9.61 37.14
CA GLY B 305 -27.81 -8.83 36.88
C GLY B 305 -27.93 -7.38 37.31
N PHE B 306 -29.04 -6.75 36.95
CA PHE B 306 -29.29 -5.39 37.39
C PHE B 306 -29.37 -5.30 38.92
N LYS B 307 -30.08 -6.25 39.52
CA LYS B 307 -30.22 -6.28 40.97
C LYS B 307 -28.83 -6.29 41.61
N ASN B 308 -27.94 -7.13 41.09
CA ASN B 308 -26.59 -7.25 41.62
C ASN B 308 -25.83 -5.92 41.58
N ILE B 309 -25.81 -5.31 40.40
CA ILE B 309 -24.97 -4.14 40.21
C ILE B 309 -25.62 -2.95 40.93
N ASP B 310 -26.95 -2.89 40.97
CA ASP B 310 -27.62 -1.81 41.68
C ASP B 310 -27.35 -1.86 43.19
N GLU B 311 -27.38 -3.05 43.78
CA GLU B 311 -27.04 -3.21 45.20
C GLU B 311 -25.64 -2.66 45.46
N LEU B 312 -24.70 -3.01 44.57
CA LEU B 312 -23.33 -2.54 44.69
C LEU B 312 -23.24 -1.02 44.58
N ASN B 313 -23.87 -0.45 43.56
CA ASN B 313 -23.87 1.01 43.38
C ASN B 313 -24.45 1.72 44.61
N LYS B 314 -25.45 1.12 45.24
CA LYS B 314 -26.06 1.76 46.40
C LYS B 314 -25.08 1.79 47.55
N VAL B 315 -24.29 0.74 47.68
CA VAL B 315 -23.26 0.70 48.71
C VAL B 315 -22.14 1.70 48.37
N LEU B 316 -21.76 1.79 47.10
CA LEU B 316 -20.72 2.75 46.70
C LEU B 316 -21.11 4.17 47.03
N ASP B 317 -22.37 4.52 46.80
CA ASP B 317 -22.88 5.84 47.16
C ASP B 317 -22.69 6.17 48.65
N LYS B 318 -22.66 5.15 49.51
CA LYS B 318 -22.52 5.40 50.93
C LYS B 318 -21.09 5.29 51.44
N THR B 319 -20.19 4.75 50.62
CA THR B 319 -18.87 4.47 51.08
C THR B 319 -17.68 5.14 50.34
N ALA B 320 -17.81 5.36 49.06
CA ALA B 320 -16.67 5.81 48.25
C ALA B 320 -16.52 7.28 48.22
N SER B 321 -15.33 7.73 48.16
N SER B 321 -15.33 7.72 48.15
CA SER B 321 -15.04 9.16 48.18
CA SER B 321 -15.05 9.15 48.16
C SER B 321 -14.49 9.56 46.83
C SER B 321 -14.56 9.53 46.78
N PRO B 322 -14.82 10.77 46.36
CA PRO B 322 -14.39 11.14 44.99
C PRO B 322 -12.87 11.29 44.81
N TRP B 323 -12.36 10.90 43.63
CA TRP B 323 -10.96 11.07 43.31
C TRP B 323 -10.59 12.49 43.05
N THR B 324 -11.58 13.28 42.71
CA THR B 324 -11.42 14.69 42.47
C THR B 324 -10.95 15.36 43.74
N GLU B 325 -11.36 14.81 44.86
CA GLU B 325 -10.91 15.31 46.12
C GLU B 325 -9.39 15.19 46.21
N LYS B 326 -8.81 14.20 45.57
CA LYS B 326 -7.36 14.02 45.65
C LYS B 326 -6.67 14.89 44.62
N MET B 327 -6.75 16.18 44.84
CA MET B 327 -6.01 17.10 43.99
C MET B 327 -5.69 18.32 44.83
N THR C 2 -4.45 -16.01 -4.87
CA THR C 2 -5.07 -14.69 -5.18
C THR C 2 -4.66 -14.22 -6.58
N ILE C 3 -3.72 -13.27 -6.66
CA ILE C 3 -3.28 -12.71 -7.93
C ILE C 3 -1.82 -12.24 -7.84
N THR C 4 -1.10 -12.38 -8.95
CA THR C 4 0.35 -12.22 -8.98
C THR C 4 0.79 -10.88 -9.58
N LEU C 5 1.67 -10.18 -8.88
CA LEU C 5 2.30 -8.98 -9.45
C LEU C 5 3.61 -9.35 -10.15
N THR C 6 3.85 -8.79 -11.33
CA THR C 6 5.17 -8.87 -11.92
C THR C 6 6.15 -8.13 -11.00
N GLU C 7 7.44 -8.34 -11.18
CA GLU C 7 8.48 -7.60 -10.47
C GLU C 7 8.30 -6.08 -10.55
N ASN C 8 8.13 -5.52 -11.74
N ASN C 8 8.18 -5.47 -11.72
CA ASN C 8 8.01 -4.08 -11.88
CA ASN C 8 7.97 -4.05 -11.79
C ASN C 8 6.67 -3.51 -11.39
C ASN C 8 6.66 -3.55 -11.25
N LYS C 9 5.59 -4.28 -11.49
CA LYS C 9 4.29 -3.83 -10.95
C LYS C 9 4.38 -3.78 -9.43
N ARG C 10 5.04 -4.77 -8.85
CA ARG C 10 5.20 -4.79 -7.39
C ARG C 10 6.07 -3.62 -6.90
N LYS C 11 7.13 -3.31 -7.59
CA LYS C 11 7.92 -2.18 -7.20
C LYS C 11 7.16 -0.89 -7.27
N SER C 12 6.36 -0.73 -8.31
CA SER C 12 5.50 0.44 -8.40
C SER C 12 4.45 0.51 -7.25
N MET C 13 3.80 -0.60 -6.94
CA MET C 13 2.87 -0.65 -5.83
C MET C 13 3.56 -0.24 -4.51
N GLU C 14 4.77 -0.70 -4.30
CA GLU C 14 5.55 -0.29 -3.12
C GLU C 14 5.80 1.21 -3.11
N LYS C 15 6.01 1.81 -4.29
CA LYS C 15 6.35 3.23 -4.33
C LYS C 15 5.10 4.07 -4.05
N LEU C 16 3.93 3.48 -4.21
CA LEU C 16 2.65 4.14 -4.03
C LEU C 16 2.07 3.97 -2.60
N SER C 17 2.79 3.27 -1.75
N SER C 17 2.66 3.02 -1.86
CA SER C 17 2.19 2.80 -0.49
CA SER C 17 2.18 2.54 -0.55
C SER C 17 3.23 2.71 0.62
C SER C 17 3.18 2.82 0.60
N VAL C 18 2.75 2.63 1.86
CA VAL C 18 3.63 2.48 3.00
C VAL C 18 3.07 1.31 3.82
N ASP C 19 3.89 0.29 4.02
CA ASP C 19 3.56 -0.94 4.76
C ASP C 19 2.22 -1.50 4.26
N GLY C 20 2.08 -1.52 2.94
CA GLY C 20 0.91 -2.13 2.31
C GLY C 20 -0.31 -1.26 2.31
N VAL C 21 -0.20 0.00 2.71
CA VAL C 21 -1.38 0.83 2.80
C VAL C 21 -1.23 2.02 1.90
N ILE C 22 -2.26 2.28 1.13
CA ILE C 22 -2.25 3.38 0.15
C ILE C 22 -2.92 4.59 0.78
N SER C 23 -2.12 5.62 1.04
CA SER C 23 -2.62 6.87 1.59
C SER C 23 -2.39 7.98 0.59
N ALA C 24 -3.17 7.92 -0.47
CA ALA C 24 -2.91 8.71 -1.66
C ALA C 24 -3.80 9.93 -1.73
N LEU C 25 -3.18 11.03 -2.12
CA LEU C 25 -3.85 12.29 -2.32
C LEU C 25 -4.40 12.36 -3.72
N ALA C 26 -5.71 12.57 -3.85
CA ALA C 26 -6.37 12.68 -5.15
C ALA C 26 -6.41 14.14 -5.59
N PHE C 27 -5.71 14.49 -6.66
CA PHE C 27 -5.75 15.87 -7.13
C PHE C 27 -5.64 15.91 -8.64
N ASP C 28 -6.44 15.08 -9.32
CA ASP C 28 -6.49 15.09 -10.79
C ASP C 28 -7.69 15.89 -11.33
N GLN C 29 -8.30 16.66 -10.44
CA GLN C 29 -9.41 17.54 -10.81
C GLN C 29 -9.01 18.54 -11.83
N ARG C 30 -9.88 18.76 -12.81
CA ARG C 30 -9.60 19.64 -13.91
C ARG C 30 -10.68 20.73 -14.01
N GLY C 31 -11.75 20.48 -14.76
CA GLY C 31 -12.87 21.40 -14.84
C GLY C 31 -13.39 21.80 -13.46
N ALA C 32 -13.45 20.84 -12.54
CA ALA C 32 -13.93 21.10 -11.18
C ALA C 32 -13.04 22.08 -10.41
N LEU C 33 -11.73 21.93 -10.54
CA LEU C 33 -10.82 22.88 -9.91
C LEU C 33 -10.96 24.26 -10.60
N LYS C 34 -11.08 24.24 -11.92
CA LYS C 34 -11.16 25.48 -12.67
C LYS C 34 -12.40 26.25 -12.25
N ARG C 35 -13.48 25.53 -11.99
CA ARG C 35 -14.75 26.13 -11.56
C ARG C 35 -14.63 26.72 -10.16
N MET C 36 -13.95 26.00 -9.26
CA MET C 36 -13.74 26.53 -7.93
C MET C 36 -12.98 27.86 -8.03
N MET C 37 -11.88 27.86 -8.79
CA MET C 37 -11.07 29.08 -8.93
C MET C 37 -11.85 30.27 -9.52
N ALA C 38 -12.71 30.02 -10.49
CA ALA C 38 -13.48 31.08 -11.15
C ALA C 38 -14.47 31.78 -10.20
N GLN C 39 -14.83 31.14 -9.10
CA GLN C 39 -15.79 31.76 -8.16
C GLN C 39 -15.22 32.98 -7.44
N HIS C 40 -13.90 33.12 -7.44
CA HIS C 40 -13.22 34.09 -6.60
C HIS C 40 -12.48 35.14 -7.43
N GLN C 41 -12.81 35.20 -8.72
CA GLN C 41 -11.98 35.89 -9.70
C GLN C 41 -12.84 36.29 -10.88
N THR C 42 -12.77 37.54 -11.33
CA THR C 42 -13.57 37.90 -12.51
C THR C 42 -13.03 37.17 -13.75
N LYS C 43 -11.71 37.23 -13.95
CA LYS C 43 -11.10 36.67 -15.16
C LYS C 43 -11.12 35.14 -15.19
N GLU C 44 -11.11 34.58 -16.40
CA GLU C 44 -10.96 33.14 -16.55
C GLU C 44 -9.67 32.68 -15.88
N PRO C 45 -9.75 31.62 -15.04
CA PRO C 45 -8.51 31.01 -14.50
C PRO C 45 -7.57 30.57 -15.59
N THR C 46 -6.30 30.95 -15.52
CA THR C 46 -5.38 30.62 -16.61
C THR C 46 -4.73 29.26 -16.38
N VAL C 47 -4.21 28.69 -17.46
CA VAL C 47 -3.39 27.47 -17.32
C VAL C 47 -2.31 27.67 -16.25
N GLU C 48 -1.65 28.82 -16.34
CA GLU C 48 -0.58 29.19 -15.41
C GLU C 48 -1.05 29.14 -13.96
N GLN C 49 -2.24 29.69 -13.71
CA GLN C 49 -2.81 29.66 -12.36
C GLN C 49 -3.14 28.25 -11.86
N ILE C 50 -3.81 27.47 -12.69
CA ILE C 50 -4.24 26.12 -12.32
C ILE C 50 -3.01 25.25 -12.03
N GLU C 51 -2.00 25.39 -12.88
CA GLU C 51 -0.79 24.60 -12.76
C GLU C 51 0.02 24.99 -11.53
N GLU C 52 0.04 26.28 -11.20
CA GLU C 52 0.81 26.76 -10.06
C GLU C 52 0.19 26.22 -8.78
N LEU C 53 -1.13 26.29 -8.71
CA LEU C 53 -1.84 25.86 -7.53
C LEU C 53 -1.67 24.38 -7.30
N LYS C 54 -1.66 23.60 -8.39
CA LYS C 54 -1.43 22.17 -8.24
C LYS C 54 -0.01 21.91 -7.74
N SER C 55 0.94 22.72 -8.18
CA SER C 55 2.31 22.58 -7.72
C SER C 55 2.42 22.91 -6.22
N LEU C 56 1.71 23.92 -5.75
CA LEU C 56 1.72 24.27 -4.33
C LEU C 56 1.19 23.13 -3.49
N VAL C 57 0.07 22.55 -3.90
CA VAL C 57 -0.57 21.49 -3.14
C VAL C 57 0.32 20.28 -3.07
N SER C 58 0.89 19.94 -4.22
CA SER C 58 1.83 18.84 -4.31
C SER C 58 3.03 19.05 -3.36
N GLU C 59 3.66 20.22 -3.46
CA GLU C 59 4.84 20.52 -2.64
C GLU C 59 4.55 20.42 -1.16
N GLU C 60 3.41 20.94 -0.74
CA GLU C 60 3.13 21.07 0.69
C GLU C 60 2.50 19.82 1.33
N LEU C 61 1.70 19.08 0.59
CA LEU C 61 0.98 17.96 1.20
C LEU C 61 1.57 16.58 0.91
N THR C 62 2.33 16.41 -0.17
CA THR C 62 2.85 15.07 -0.46
C THR C 62 3.89 14.54 0.55
N PRO C 63 4.52 15.39 1.39
CA PRO C 63 5.31 14.80 2.49
C PRO C 63 4.46 13.92 3.40
N PHE C 64 3.14 14.05 3.31
CA PHE C 64 2.23 13.41 4.25
C PHE C 64 1.38 12.31 3.60
N ALA C 65 1.66 12.01 2.33
CA ALA C 65 0.91 11.01 1.56
C ALA C 65 1.88 10.00 1.00
N SER C 66 1.43 8.77 0.78
CA SER C 66 2.29 7.78 0.19
C SER C 66 2.41 7.98 -1.35
N SER C 67 1.45 8.69 -1.93
CA SER C 67 1.49 9.02 -3.36
C SER C 67 0.48 10.09 -3.67
N ILE C 68 0.59 10.66 -4.88
CA ILE C 68 -0.35 11.68 -5.33
C ILE C 68 -0.83 11.31 -6.73
N LEU C 69 -2.14 11.44 -6.92
CA LEU C 69 -2.78 11.25 -8.23
C LEU C 69 -2.95 12.61 -8.85
N LEU C 70 -2.35 12.78 -10.03
CA LEU C 70 -2.43 14.04 -10.77
C LEU C 70 -2.93 13.78 -12.19
N ASP C 71 -3.34 14.84 -12.90
CA ASP C 71 -3.82 14.74 -14.28
C ASP C 71 -2.71 15.19 -15.22
N PRO C 72 -2.64 14.62 -16.43
CA PRO C 72 -1.62 15.13 -17.37
C PRO C 72 -1.90 16.54 -17.91
N GLU C 73 -3.14 17.00 -17.89
CA GLU C 73 -3.50 18.29 -18.49
C GLU C 73 -2.82 19.47 -17.76
N TYR C 74 -2.92 19.46 -16.44
CA TYR C 74 -2.42 20.55 -15.58
C TYR C 74 -1.43 20.11 -14.53
N GLY C 75 -1.26 18.81 -14.38
CA GLY C 75 -0.52 18.29 -13.25
C GLY C 75 0.92 17.88 -13.45
N LEU C 76 1.47 18.00 -14.65
CA LEU C 76 2.82 17.49 -14.82
C LEU C 76 3.86 18.34 -14.05
N PRO C 77 3.77 19.68 -14.09
CA PRO C 77 4.75 20.38 -13.24
C PRO C 77 4.60 20.02 -11.76
N ALA C 78 3.37 19.88 -11.27
CA ALA C 78 3.17 19.46 -9.88
C ALA C 78 3.76 18.09 -9.58
N SER C 79 3.66 17.18 -10.55
CA SER C 79 4.23 15.84 -10.39
C SER C 79 5.74 15.90 -10.14
N ARG C 80 6.42 16.86 -10.75
CA ARG C 80 7.87 16.93 -10.64
C ARG C 80 8.37 17.57 -9.34
N VAL C 81 7.49 18.22 -8.57
CA VAL C 81 7.93 18.84 -7.31
C VAL C 81 7.28 18.14 -6.10
N ARG C 82 6.69 16.99 -6.32
CA ARG C 82 6.20 16.16 -5.22
C ARG C 82 7.38 15.68 -4.37
N SER C 83 7.08 15.39 -3.12
CA SER C 83 8.05 14.81 -2.19
C SER C 83 8.75 13.61 -2.81
N GLU C 84 10.06 13.46 -2.58
CA GLU C 84 10.77 12.32 -3.12
C GLU C 84 10.28 11.04 -2.47
N GLU C 85 9.69 11.15 -1.28
CA GLU C 85 9.15 9.96 -0.63
C GLU C 85 7.79 9.49 -1.21
N ALA C 86 7.12 10.31 -2.01
CA ALA C 86 5.79 10.00 -2.55
C ALA C 86 5.78 9.52 -4.00
N GLY C 87 4.98 8.49 -4.27
CA GLY C 87 4.75 8.00 -5.63
C GLY C 87 3.74 8.83 -6.40
N LEU C 88 3.55 8.46 -7.67
CA LEU C 88 2.76 9.22 -8.62
C LEU C 88 1.81 8.33 -9.38
N LEU C 89 0.55 8.72 -9.44
CA LEU C 89 -0.42 8.13 -10.38
C LEU C 89 -0.84 9.24 -11.34
N LEU C 90 -1.08 8.89 -12.62
CA LEU C 90 -1.64 9.85 -13.54
C LEU C 90 -2.96 9.33 -14.10
N ALA C 91 -3.91 10.21 -14.14
CA ALA C 91 -5.20 9.94 -14.73
C ALA C 91 -5.12 9.81 -16.25
N TYR C 92 -5.98 8.95 -16.77
CA TYR C 92 -5.95 8.61 -18.20
C TYR C 92 -7.30 8.91 -18.88
N GLU C 93 -8.35 9.19 -18.10
CA GLU C 93 -9.69 9.42 -18.66
C GLU C 93 -9.96 10.90 -18.84
N LYS C 94 -10.78 11.21 -19.83
CA LYS C 94 -11.37 12.53 -19.94
C LYS C 94 -12.40 12.71 -18.83
N THR C 95 -12.53 13.92 -18.30
CA THR C 95 -13.47 14.15 -17.21
C THR C 95 -14.92 14.14 -17.64
N GLY C 96 -15.78 13.86 -16.67
CA GLY C 96 -17.19 14.08 -16.84
C GLY C 96 -17.89 13.05 -17.69
N TYR C 97 -19.10 13.39 -18.06
CA TYR C 97 -19.88 12.56 -18.92
C TYR C 97 -20.85 13.45 -19.63
N ASP C 98 -21.34 12.94 -20.74
CA ASP C 98 -22.34 13.59 -21.56
C ASP C 98 -23.67 13.51 -20.86
N ALA C 99 -24.23 14.66 -20.48
CA ALA C 99 -25.41 14.67 -19.63
C ALA C 99 -26.69 14.61 -20.47
N THR C 100 -26.56 14.74 -21.80
CA THR C 100 -27.72 14.61 -22.66
C THR C 100 -28.13 13.15 -22.87
N THR C 101 -27.26 12.22 -22.46
CA THR C 101 -27.57 10.79 -22.54
C THR C 101 -27.28 10.12 -21.22
N THR C 102 -27.67 8.84 -21.10
CA THR C 102 -27.46 8.07 -19.87
C THR C 102 -26.30 7.07 -19.93
N SER C 103 -25.58 6.99 -21.05
CA SER C 103 -24.61 5.94 -21.20
C SER C 103 -23.28 6.20 -20.50
N ARG C 104 -22.93 7.47 -20.28
CA ARG C 104 -21.67 7.84 -19.63
C ARG C 104 -20.47 7.02 -20.09
N LEU C 105 -20.22 7.01 -21.39
CA LEU C 105 -19.16 6.17 -21.95
C LEU C 105 -17.78 6.71 -21.66
N PRO C 106 -16.81 5.83 -21.41
CA PRO C 106 -15.43 6.22 -21.12
C PRO C 106 -14.63 6.65 -22.35
N ASP C 107 -13.66 7.53 -22.14
CA ASP C 107 -12.83 7.99 -23.25
C ASP C 107 -11.47 8.39 -22.67
N CYS C 108 -10.42 7.78 -23.17
CA CYS C 108 -9.06 8.16 -22.83
C CYS C 108 -8.67 9.54 -23.33
N LEU C 109 -7.76 10.22 -22.62
CA LEU C 109 -7.23 11.47 -23.13
C LEU C 109 -6.59 11.28 -24.54
N ASP C 110 -6.88 12.20 -25.44
CA ASP C 110 -6.54 12.03 -26.85
C ASP C 110 -5.07 11.80 -27.19
N VAL C 111 -4.14 12.47 -26.52
CA VAL C 111 -2.75 12.30 -26.91
C VAL C 111 -1.98 11.53 -25.87
N TRP C 112 -2.67 10.74 -25.05
CA TRP C 112 -2.04 9.85 -24.09
C TRP C 112 -2.27 8.37 -24.40
N SER C 113 -1.34 7.58 -23.88
CA SER C 113 -1.36 6.14 -23.91
C SER C 113 -0.76 5.70 -22.59
N ALA C 114 -0.92 4.42 -22.23
CA ALA C 114 -0.29 3.88 -21.01
C ALA C 114 1.22 4.08 -21.08
N LYS C 115 1.76 3.91 -22.28
CA LYS C 115 3.17 4.05 -22.50
C LYS C 115 3.62 5.46 -22.22
N ARG C 116 2.86 6.45 -22.70
CA ARG C 116 3.23 7.85 -22.45
C ARG C 116 3.09 8.23 -20.96
N ILE C 117 2.12 7.62 -20.29
CA ILE C 117 1.91 7.84 -18.86
C ILE C 117 3.12 7.34 -18.08
N LYS C 118 3.60 6.18 -18.44
CA LYS C 118 4.79 5.66 -17.83
C LYS C 118 6.01 6.50 -18.15
N GLU C 119 6.12 6.91 -19.39
CA GLU C 119 7.25 7.75 -19.76
C GLU C 119 7.22 9.07 -19.01
N ALA C 120 6.03 9.49 -18.59
CA ALA C 120 5.85 10.72 -17.85
C ALA C 120 6.19 10.56 -16.36
N GLY C 121 6.63 9.38 -15.94
CA GLY C 121 7.10 9.18 -14.59
C GLY C 121 6.08 8.53 -13.65
N ALA C 122 4.89 8.17 -14.15
CA ALA C 122 3.85 7.58 -13.28
C ALA C 122 4.25 6.17 -12.83
N GLU C 123 3.81 5.80 -11.62
CA GLU C 123 3.95 4.44 -11.17
C GLU C 123 2.59 3.73 -11.21
N ALA C 124 1.55 4.39 -11.70
CA ALA C 124 0.26 3.78 -11.98
C ALA C 124 -0.52 4.59 -12.98
N VAL C 125 -1.32 3.88 -13.77
CA VAL C 125 -2.35 4.46 -14.61
C VAL C 125 -3.68 4.41 -13.85
N LYS C 126 -4.35 5.56 -13.71
CA LYS C 126 -5.67 5.64 -13.09
C LYS C 126 -6.69 5.94 -14.17
N PHE C 127 -7.80 5.21 -14.11
CA PHE C 127 -8.89 5.44 -15.05
C PHE C 127 -10.25 5.37 -14.33
N LEU C 128 -11.07 6.39 -14.53
N LEU C 128 -11.11 6.37 -14.57
CA LEU C 128 -12.41 6.42 -14.00
CA LEU C 128 -12.43 6.46 -13.94
C LEU C 128 -13.42 5.87 -15.03
C LEU C 128 -13.56 6.06 -14.91
N LEU C 129 -14.26 4.98 -14.54
CA LEU C 129 -15.39 4.43 -15.28
C LEU C 129 -16.69 4.64 -14.51
N TYR C 130 -17.70 5.22 -15.17
CA TYR C 130 -19.04 5.24 -14.64
C TYR C 130 -19.73 3.94 -15.03
N TYR C 131 -20.36 3.25 -14.06
CA TYR C 131 -20.96 1.95 -14.34
C TYR C 131 -22.28 1.71 -13.60
N ASP C 132 -23.29 1.35 -14.38
CA ASP C 132 -24.57 0.91 -13.90
C ASP C 132 -24.71 -0.55 -14.29
N ILE C 133 -24.47 -1.43 -13.32
CA ILE C 133 -24.58 -2.85 -13.51
C ILE C 133 -25.96 -3.26 -14.11
N ASP C 134 -27.03 -2.53 -13.79
CA ASP C 134 -28.35 -2.87 -14.30
C ASP C 134 -28.71 -2.10 -15.60
N GLY C 135 -27.76 -1.38 -16.14
CA GLY C 135 -28.02 -0.54 -17.31
C GLY C 135 -28.03 -1.28 -18.65
N ASP C 136 -27.99 -0.51 -19.73
CA ASP C 136 -28.11 -1.08 -21.06
C ASP C 136 -26.99 -2.06 -21.29
N GLN C 137 -27.33 -3.27 -21.72
CA GLN C 137 -26.30 -4.29 -21.79
C GLN C 137 -25.28 -4.05 -22.92
N ASP C 138 -25.71 -3.45 -24.04
CA ASP C 138 -24.75 -3.10 -25.10
C ASP C 138 -23.83 -1.93 -24.68
N VAL C 139 -24.32 -0.97 -23.91
CA VAL C 139 -23.45 0.06 -23.35
C VAL C 139 -22.42 -0.61 -22.46
N ASN C 140 -22.86 -1.54 -21.62
CA ASN C 140 -21.90 -2.18 -20.75
C ASN C 140 -20.92 -3.09 -21.49
N GLU C 141 -21.33 -3.70 -22.60
CA GLU C 141 -20.37 -4.45 -23.41
C GLU C 141 -19.31 -3.49 -23.93
N GLN C 142 -19.73 -2.30 -24.36
CA GLN C 142 -18.79 -1.30 -24.84
C GLN C 142 -17.83 -0.86 -23.72
N LYS C 143 -18.35 -0.67 -22.51
CA LYS C 143 -17.50 -0.32 -21.38
C LYS C 143 -16.50 -1.41 -21.03
N LYS C 144 -16.95 -2.66 -21.02
CA LYS C 144 -16.09 -3.79 -20.66
C LYS C 144 -14.98 -3.94 -21.70
N ALA C 145 -15.32 -3.80 -22.98
CA ALA C 145 -14.31 -3.83 -24.00
C ALA C 145 -13.26 -2.74 -23.79
N TYR C 146 -13.71 -1.56 -23.42
CA TYR C 146 -12.81 -0.44 -23.28
C TYR C 146 -11.81 -0.69 -22.12
N ILE C 147 -12.31 -1.21 -21.02
CA ILE C 147 -11.45 -1.53 -19.86
C ILE C 147 -10.50 -2.66 -20.19
N GLU C 148 -10.92 -3.65 -20.98
CA GLU C 148 -10.01 -4.72 -21.41
C GLU C 148 -8.81 -4.12 -22.14
N ARG C 149 -9.07 -3.16 -23.03
CA ARG C 149 -8.00 -2.54 -23.79
C ARG C 149 -6.98 -1.88 -22.83
N ILE C 150 -7.48 -1.14 -21.85
CA ILE C 150 -6.60 -0.40 -20.92
C ILE C 150 -5.82 -1.36 -20.06
N GLY C 151 -6.48 -2.42 -19.59
CA GLY C 151 -5.85 -3.41 -18.75
C GLY C 151 -4.76 -4.13 -19.55
N SER C 152 -4.97 -4.31 -20.87
CA SER C 152 -3.96 -4.94 -21.70
C SER C 152 -2.77 -3.98 -21.89
N GLU C 153 -3.04 -2.70 -22.14
CA GLU C 153 -1.97 -1.73 -22.27
C GLU C 153 -1.11 -1.76 -21.02
N CYS C 154 -1.74 -1.80 -19.85
CA CYS C 154 -0.98 -1.68 -18.62
C CYS C 154 -0.21 -2.94 -18.34
N ARG C 155 -0.71 -4.07 -18.81
CA ARG C 155 0.05 -5.28 -18.72
C ARG C 155 1.32 -5.19 -19.59
N ALA C 156 1.16 -4.69 -20.80
CA ALA C 156 2.29 -4.63 -21.72
C ALA C 156 3.33 -3.62 -21.24
N GLU C 157 2.87 -2.49 -20.72
CA GLU C 157 3.80 -1.47 -20.25
C GLU C 157 4.26 -1.75 -18.80
N ASP C 158 3.68 -2.77 -18.18
CA ASP C 158 4.11 -3.30 -16.88
C ASP C 158 4.01 -2.21 -15.83
N ILE C 159 2.83 -1.61 -15.78
CA ILE C 159 2.53 -0.52 -14.88
C ILE C 159 1.17 -0.80 -14.23
N PRO C 160 1.09 -0.62 -12.91
CA PRO C 160 -0.22 -0.92 -12.28
C PRO C 160 -1.41 -0.17 -12.81
N PHE C 161 -2.55 -0.86 -12.93
CA PHE C 161 -3.81 -0.29 -13.37
C PHE C 161 -4.72 -0.05 -12.18
N TYR C 162 -4.99 1.23 -11.87
CA TYR C 162 -5.96 1.60 -10.82
C TYR C 162 -7.26 1.97 -11.51
N LEU C 163 -8.29 1.17 -11.32
CA LEU C 163 -9.60 1.45 -11.90
C LEU C 163 -10.52 2.03 -10.84
N GLU C 164 -11.00 3.24 -11.12
CA GLU C 164 -12.03 3.85 -10.29
C GLU C 164 -13.42 3.57 -10.88
N ILE C 165 -14.33 3.07 -10.06
CA ILE C 165 -15.70 2.87 -10.47
C ILE C 165 -16.63 3.82 -9.71
N LEU C 166 -17.36 4.63 -10.44
CA LEU C 166 -18.45 5.42 -9.89
C LEU C 166 -19.74 4.86 -10.43
N THR C 167 -20.62 4.49 -9.50
CA THR C 167 -21.86 3.85 -9.88
C THR C 167 -22.94 4.87 -10.08
N TYR C 168 -23.96 4.51 -10.83
CA TYR C 168 -25.12 5.37 -11.06
C TYR C 168 -26.24 4.46 -11.52
N ASP C 169 -27.42 5.04 -11.61
CA ASP C 169 -28.56 4.37 -12.19
C ASP C 169 -29.07 5.22 -13.35
N GLU C 170 -29.22 4.60 -14.52
CA GLU C 170 -29.76 5.30 -15.70
C GLU C 170 -31.07 6.04 -15.44
N LYS C 171 -31.88 5.56 -14.50
CA LYS C 171 -33.24 6.10 -14.29
C LYS C 171 -33.39 6.81 -12.94
N ILE C 172 -32.31 6.92 -12.20
CA ILE C 172 -32.30 7.74 -10.97
C ILE C 172 -31.38 8.95 -11.14
N ALA C 173 -31.97 10.14 -11.13
CA ALA C 173 -31.20 11.35 -11.41
C ALA C 173 -30.17 11.72 -10.34
N ASP C 174 -30.53 11.52 -9.07
CA ASP C 174 -29.70 11.99 -7.95
C ASP C 174 -29.17 10.84 -7.10
N ASN C 175 -27.88 10.59 -7.15
N ASN C 175 -27.87 10.61 -7.17
CA ASN C 175 -27.33 9.44 -6.44
CA ASN C 175 -27.20 9.54 -6.44
C ASN C 175 -27.20 9.72 -4.94
C ASN C 175 -27.35 9.68 -4.92
N ALA C 176 -27.64 10.90 -4.48
CA ALA C 176 -27.76 11.20 -3.05
C ALA C 176 -29.18 11.00 -2.51
N SER C 177 -30.09 10.54 -3.38
CA SER C 177 -31.48 10.32 -3.02
C SER C 177 -31.65 9.02 -2.22
N PRO C 178 -32.72 8.95 -1.42
CA PRO C 178 -33.06 7.67 -0.76
C PRO C 178 -33.27 6.55 -1.79
N GLU C 179 -33.88 6.86 -2.93
CA GLU C 179 -34.08 5.85 -3.94
C GLU C 179 -32.75 5.22 -4.35
N PHE C 180 -31.73 6.02 -4.56
CA PHE C 180 -30.45 5.45 -4.92
C PHE C 180 -29.78 4.74 -3.75
N ALA C 181 -29.96 5.28 -2.55
CA ALA C 181 -29.34 4.68 -1.36
C ALA C 181 -29.74 3.22 -1.26
N LYS C 182 -31.01 2.95 -1.56
CA LYS C 182 -31.53 1.59 -1.47
C LYS C 182 -30.90 0.61 -2.46
N VAL C 183 -30.31 1.11 -3.55
CA VAL C 183 -29.72 0.19 -4.54
C VAL C 183 -28.20 0.30 -4.59
N LYS C 184 -27.63 1.19 -3.79
CA LYS C 184 -26.19 1.47 -3.91
C LYS C 184 -25.27 0.27 -3.66
N ALA C 185 -25.57 -0.52 -2.63
CA ALA C 185 -24.74 -1.67 -2.32
C ALA C 185 -24.68 -2.65 -3.50
N HIS C 186 -25.83 -2.92 -4.12
CA HIS C 186 -25.89 -3.74 -5.31
C HIS C 186 -25.04 -3.13 -6.44
N LYS C 187 -25.17 -1.84 -6.65
CA LYS C 187 -24.44 -1.20 -7.79
C LYS C 187 -22.93 -1.31 -7.59
N VAL C 188 -22.50 -1.03 -6.37
CA VAL C 188 -21.08 -1.00 -6.04
C VAL C 188 -20.49 -2.41 -6.00
N ASN C 189 -21.13 -3.30 -5.24
CA ASN C 189 -20.53 -4.61 -5.03
C ASN C 189 -20.58 -5.48 -6.30
N GLU C 190 -21.64 -5.38 -7.09
CA GLU C 190 -21.70 -6.22 -8.29
C GLU C 190 -20.75 -5.70 -9.35
N ALA C 191 -20.55 -4.39 -9.40
CA ALA C 191 -19.59 -3.83 -10.36
C ALA C 191 -18.17 -4.23 -9.97
N MET C 192 -17.88 -4.23 -8.66
CA MET C 192 -16.58 -4.70 -8.21
C MET C 192 -16.35 -6.14 -8.58
N LYS C 193 -17.40 -6.95 -8.52
CA LYS C 193 -17.29 -8.33 -8.91
C LYS C 193 -16.95 -8.50 -10.39
N VAL C 194 -17.60 -7.72 -11.24
CA VAL C 194 -17.34 -7.77 -12.67
C VAL C 194 -15.87 -7.38 -12.97
N PHE C 195 -15.46 -6.25 -12.44
CA PHE C 195 -14.16 -5.71 -12.83
C PHE C 195 -13.00 -6.31 -12.05
N SER C 196 -13.29 -7.24 -11.16
CA SER C 196 -12.26 -8.10 -10.56
C SER C 196 -11.92 -9.31 -11.44
N LYS C 197 -12.66 -9.54 -12.51
CA LYS C 197 -12.33 -10.63 -13.42
C LYS C 197 -10.94 -10.40 -14.02
N GLU C 198 -10.21 -11.49 -14.22
CA GLU C 198 -8.83 -11.45 -14.70
C GLU C 198 -8.70 -10.67 -16.01
N ARG C 199 -9.70 -10.83 -16.87
CA ARG C 199 -9.63 -10.25 -18.23
C ARG C 199 -9.51 -8.72 -18.23
N PHE C 200 -9.83 -8.04 -17.13
CA PHE C 200 -9.76 -6.58 -17.11
C PHE C 200 -8.39 -6.04 -16.63
N GLY C 201 -7.51 -6.89 -16.11
CA GLY C 201 -6.13 -6.48 -15.80
C GLY C 201 -5.98 -5.49 -14.68
N VAL C 202 -6.98 -5.40 -13.81
CA VAL C 202 -6.96 -4.40 -12.75
C VAL C 202 -6.03 -4.81 -11.61
N ASP C 203 -5.25 -3.85 -11.10
CA ASP C 203 -4.42 -4.13 -9.95
C ASP C 203 -5.02 -3.59 -8.64
N VAL C 204 -5.68 -2.45 -8.69
CA VAL C 204 -6.33 -1.86 -7.50
C VAL C 204 -7.64 -1.24 -7.96
N LEU C 205 -8.70 -1.51 -7.20
CA LEU C 205 -10.00 -0.88 -7.40
C LEU C 205 -10.13 0.34 -6.48
N LYS C 206 -10.49 1.48 -7.04
CA LYS C 206 -10.85 2.67 -6.26
C LYS C 206 -12.38 2.76 -6.32
N VAL C 207 -13.02 2.62 -5.15
CA VAL C 207 -14.45 2.41 -5.11
C VAL C 207 -15.13 3.23 -4.04
N GLU C 208 -16.44 3.31 -4.19
CA GLU C 208 -17.25 3.97 -3.20
C GLU C 208 -17.45 3.03 -2.00
N VAL C 209 -17.71 3.60 -0.84
CA VAL C 209 -18.21 2.79 0.27
C VAL C 209 -19.61 2.34 -0.21
N PRO C 210 -20.01 1.11 0.14
CA PRO C 210 -21.23 0.52 -0.46
C PRO C 210 -22.55 0.96 0.16
N VAL C 211 -22.51 2.00 0.97
CA VAL C 211 -23.70 2.50 1.62
C VAL C 211 -23.63 4.03 1.65
N ASN C 212 -24.78 4.68 1.59
CA ASN C 212 -24.84 6.11 1.89
C ASN C 212 -25.03 6.25 3.40
N MET C 213 -23.97 6.61 4.12
CA MET C 213 -23.99 6.62 5.55
C MET C 213 -24.96 7.66 6.10
N LYS C 214 -25.37 8.61 5.27
CA LYS C 214 -26.32 9.62 5.75
C LYS C 214 -27.72 9.07 6.00
N PHE C 215 -27.95 7.83 5.59
CA PHE C 215 -29.22 7.17 5.85
C PHE C 215 -29.09 6.01 6.84
N VAL C 216 -27.94 5.89 7.50
CA VAL C 216 -27.68 4.79 8.44
C VAL C 216 -27.93 5.22 9.90
N GLU C 217 -28.65 4.39 10.65
CA GLU C 217 -28.87 4.57 12.10
C GLU C 217 -27.61 5.06 12.82
N GLY C 218 -27.74 6.15 13.58
CA GLY C 218 -26.60 6.68 14.30
C GLY C 218 -25.70 7.62 13.52
N PHE C 219 -25.79 7.62 12.20
CA PHE C 219 -25.07 8.57 11.37
C PHE C 219 -26.04 9.59 10.72
N ALA C 220 -27.32 9.26 10.72
CA ALA C 220 -28.29 10.00 9.95
C ALA C 220 -28.85 11.19 10.71
N ASP C 221 -28.96 12.32 10.02
CA ASP C 221 -29.65 13.50 10.55
C ASP C 221 -31.14 13.43 10.26
N GLY C 222 -31.49 12.85 9.12
CA GLY C 222 -32.88 12.76 8.70
C GLY C 222 -33.42 11.34 8.74
N GLU C 223 -34.21 11.02 7.74
CA GLU C 223 -34.76 9.69 7.57
C GLU C 223 -33.69 8.59 7.68
N VAL C 224 -34.01 7.54 8.41
CA VAL C 224 -33.11 6.38 8.55
C VAL C 224 -33.62 5.23 7.69
N LEU C 225 -32.75 4.73 6.81
CA LEU C 225 -33.12 3.65 5.89
C LEU C 225 -32.51 2.31 6.30
N PHE C 226 -31.36 2.35 6.98
CA PHE C 226 -30.62 1.14 7.34
C PHE C 226 -30.24 1.12 8.82
N THR C 227 -30.39 -0.04 9.44
CA THR C 227 -29.80 -0.29 10.74
C THR C 227 -28.29 -0.34 10.57
N LYS C 228 -27.53 -0.26 11.66
CA LYS C 228 -26.08 -0.36 11.54
C LYS C 228 -25.69 -1.78 11.12
N GLU C 229 -26.48 -2.78 11.52
CA GLU C 229 -26.17 -4.15 11.12
C GLU C 229 -26.30 -4.33 9.59
N GLU C 230 -27.32 -3.72 9.00
CA GLU C 230 -27.48 -3.81 7.56
C GLU C 230 -26.34 -3.10 6.84
N ALA C 231 -25.90 -1.97 7.37
CA ALA C 231 -24.78 -1.25 6.76
C ALA C 231 -23.51 -2.06 6.89
N ALA C 232 -23.33 -2.65 8.06
CA ALA C 232 -22.15 -3.50 8.29
C ALA C 232 -22.09 -4.66 7.29
N GLN C 233 -23.25 -5.23 7.01
CA GLN C 233 -23.32 -6.37 6.10
C GLN C 233 -22.93 -5.95 4.70
N ALA C 234 -23.29 -4.74 4.30
CA ALA C 234 -22.90 -4.24 2.96
C ALA C 234 -21.39 -4.10 2.83
N PHE C 235 -20.72 -3.73 3.92
CA PHE C 235 -19.27 -3.70 3.91
C PHE C 235 -18.71 -5.09 3.82
N ARG C 236 -19.34 -6.04 4.50
CA ARG C 236 -18.83 -7.41 4.42
C ARG C 236 -19.07 -8.00 3.02
N ASP C 237 -20.23 -7.72 2.43
CA ASP C 237 -20.51 -8.16 1.07
C ASP C 237 -19.50 -7.54 0.09
N GLN C 238 -19.10 -6.30 0.36
CA GLN C 238 -18.11 -5.62 -0.50
C GLN C 238 -16.77 -6.36 -0.40
N GLU C 239 -16.38 -6.72 0.82
N GLU C 239 -16.39 -6.73 0.81
CA GLU C 239 -15.11 -7.42 1.02
CA GLU C 239 -15.13 -7.42 1.03
C GLU C 239 -15.12 -8.76 0.29
C GLU C 239 -15.13 -8.75 0.27
N ALA C 240 -16.28 -9.40 0.22
CA ALA C 240 -16.43 -10.69 -0.44
C ALA C 240 -16.63 -10.60 -1.95
N SER C 241 -16.60 -9.36 -2.46
N SER C 241 -16.65 -9.38 -2.48
CA SER C 241 -16.88 -9.09 -3.88
CA SER C 241 -16.89 -9.21 -3.91
C SER C 241 -15.62 -8.94 -4.72
C SER C 241 -15.60 -9.40 -4.71
N THR C 242 -14.47 -9.10 -4.07
CA THR C 242 -13.19 -9.02 -4.79
C THR C 242 -12.07 -9.66 -4.02
N ASP C 243 -11.13 -10.28 -4.74
CA ASP C 243 -9.84 -10.61 -4.16
C ASP C 243 -8.72 -9.60 -4.48
N LEU C 244 -9.08 -8.49 -5.15
CA LEU C 244 -8.10 -7.42 -5.40
C LEU C 244 -7.99 -6.44 -4.24
N PRO C 245 -6.85 -5.76 -4.13
CA PRO C 245 -6.84 -4.57 -3.28
C PRO C 245 -7.87 -3.56 -3.72
N TYR C 246 -8.49 -2.93 -2.72
CA TYR C 246 -9.38 -1.84 -3.01
C TYR C 246 -9.20 -0.71 -2.01
N ILE C 247 -9.47 0.50 -2.45
CA ILE C 247 -9.25 1.68 -1.66
C ILE C 247 -10.45 2.54 -1.86
N TYR C 248 -10.78 3.32 -0.85
CA TYR C 248 -11.96 4.17 -0.92
C TYR C 248 -11.73 5.58 -1.40
N LEU C 249 -12.72 6.07 -2.13
CA LEU C 249 -12.85 7.49 -2.46
C LEU C 249 -13.84 8.13 -1.50
N SER C 250 -13.70 9.44 -1.26
N SER C 250 -13.80 9.45 -1.29
CA SER C 250 -14.57 10.13 -0.31
CA SER C 250 -14.79 10.08 -0.39
C SER C 250 -15.79 10.83 -0.90
C SER C 250 -16.19 10.33 -1.06
N ALA C 251 -15.81 11.17 -2.18
N ALA C 251 -16.45 11.49 -1.64
CA ALA C 251 -17.05 11.66 -2.79
CA ALA C 251 -17.79 11.78 -2.24
C ALA C 251 -17.47 13.05 -2.32
C ALA C 251 -19.00 11.83 -1.29
N GLY C 252 -16.56 13.84 -1.77
N GLY C 252 -19.71 12.96 -1.31
CA GLY C 252 -16.99 15.02 -1.04
CA GLY C 252 -21.04 13.07 -0.73
C GLY C 252 -17.60 14.40 0.21
C GLY C 252 -21.08 13.28 0.76
N VAL C 253 -18.77 14.86 0.65
N VAL C 253 -19.89 13.29 1.39
CA VAL C 253 -19.33 14.51 1.99
CA VAL C 253 -19.73 13.42 2.83
C VAL C 253 -18.34 14.88 3.06
C VAL C 253 -18.55 14.33 3.23
N SER C 254 -18.76 15.09 4.31
CA SER C 254 -17.75 15.76 5.16
C SER C 254 -16.57 14.87 5.51
N ALA C 255 -15.43 15.51 5.77
CA ALA C 255 -14.22 14.79 6.14
C ALA C 255 -14.40 13.97 7.42
N LYS C 256 -15.13 14.50 8.38
CA LYS C 256 -15.37 13.79 9.63
C LYS C 256 -16.20 12.55 9.38
N LEU C 257 -17.25 12.71 8.57
CA LEU C 257 -18.11 11.57 8.26
C LEU C 257 -17.31 10.54 7.50
N PHE C 258 -16.42 10.99 6.60
CA PHE C 258 -15.64 10.00 5.85
C PHE C 258 -14.75 9.21 6.81
N GLN C 259 -14.08 9.91 7.70
CA GLN C 259 -13.21 9.30 8.69
C GLN C 259 -14.00 8.33 9.59
N ASP C 260 -15.16 8.77 10.06
CA ASP C 260 -16.04 7.90 10.83
C ASP C 260 -16.52 6.67 10.01
N THR C 261 -16.69 6.84 8.70
CA THR C 261 -17.02 5.73 7.82
C THR C 261 -15.89 4.73 7.73
N LEU C 262 -14.65 5.21 7.69
CA LEU C 262 -13.52 4.28 7.67
C LEU C 262 -13.48 3.42 8.96
N VAL C 263 -13.74 4.04 10.08
CA VAL C 263 -13.78 3.31 11.36
C VAL C 263 -14.88 2.26 11.26
N PHE C 264 -16.07 2.66 10.87
CA PHE C 264 -17.21 1.73 10.76
C PHE C 264 -16.89 0.59 9.80
N ALA C 265 -16.25 0.92 8.67
CA ALA C 265 -15.89 -0.07 7.67
C ALA C 265 -14.99 -1.11 8.31
N ALA C 266 -14.00 -0.65 9.04
CA ALA C 266 -13.02 -1.56 9.64
C ALA C 266 -13.67 -2.44 10.70
N GLU C 267 -14.52 -1.83 11.51
CA GLU C 267 -15.21 -2.56 12.57
C GLU C 267 -16.16 -3.59 11.97
N SER C 268 -16.69 -3.31 10.80
CA SER C 268 -17.63 -4.20 10.13
C SER C 268 -16.97 -5.41 9.46
N GLY C 269 -15.67 -5.32 9.19
CA GLY C 269 -14.97 -6.41 8.52
C GLY C 269 -14.39 -6.09 7.13
N ALA C 270 -14.52 -4.84 6.70
CA ALA C 270 -13.95 -4.44 5.41
C ALA C 270 -12.44 -4.46 5.59
N LYS C 271 -11.73 -5.09 4.66
CA LYS C 271 -10.29 -5.10 4.68
C LYS C 271 -9.83 -4.18 3.54
N PHE C 272 -10.27 -2.94 3.55
CA PHE C 272 -9.91 -1.99 2.51
C PHE C 272 -8.43 -1.61 2.74
N ASN C 273 -7.74 -1.19 1.67
CA ASN C 273 -6.29 -1.09 1.69
C ASN C 273 -5.74 0.33 1.58
N GLY C 274 -6.60 1.29 1.84
CA GLY C 274 -6.22 2.67 1.84
C GLY C 274 -7.31 3.51 1.23
N VAL C 275 -6.90 4.70 0.81
CA VAL C 275 -7.82 5.67 0.24
C VAL C 275 -7.14 6.36 -0.95
N LEU C 276 -7.92 6.89 -1.84
CA LEU C 276 -7.44 7.83 -2.81
C LEU C 276 -8.33 9.07 -2.51
N CYS C 277 -7.98 10.02 -1.78
N CYS C 277 -8.09 10.17 -1.74
CA CYS C 277 -8.79 11.07 -1.18
CA CYS C 277 -9.04 11.20 -1.48
C CYS C 277 -8.29 12.48 -1.57
C CYS C 277 -8.30 12.48 -1.20
N GLY C 278 -9.20 13.31 -2.07
N GLY C 278 -9.06 13.50 -0.95
CA GLY C 278 -8.87 14.65 -2.51
CA GLY C 278 -8.50 14.68 -0.34
C GLY C 278 -9.52 15.77 -1.70
C GLY C 278 -9.04 16.01 -0.73
N ARG C 279 -10.40 16.52 -2.37
N ARG C 279 -10.17 16.08 -1.39
CA ARG C 279 -10.93 17.81 -1.91
CA ARG C 279 -10.75 17.38 -1.77
C ARG C 279 -10.63 18.21 -0.46
C ARG C 279 -10.87 18.17 -0.47
N ALA C 280 -11.27 17.51 0.47
N ALA C 280 -11.31 17.45 0.54
CA ALA C 280 -11.20 17.80 1.91
CA ALA C 280 -11.50 17.97 1.86
C ALA C 280 -9.88 18.44 2.37
C ALA C 280 -10.22 18.59 2.33
N THR C 281 -8.79 18.00 1.76
N THR C 281 -9.15 17.94 1.97
CA THR C 281 -7.45 18.33 2.21
CA THR C 281 -7.81 18.32 2.33
C THR C 281 -6.84 19.56 1.52
C THR C 281 -7.23 19.62 1.75
N TRP C 282 -7.42 19.97 0.38
N TRP C 282 -7.53 19.94 0.51
CA TRP C 282 -6.88 21.13 -0.37
CA TRP C 282 -6.89 21.04 -0.15
C TRP C 282 -7.92 22.17 -0.78
C TRP C 282 -7.84 22.17 -0.57
N ALA C 283 -9.19 21.93 -0.50
N ALA C 283 -9.12 21.95 -0.39
CA ALA C 283 -10.27 22.80 -0.99
CA ALA C 283 -10.12 22.80 -1.03
C ALA C 283 -10.13 24.24 -0.51
C ALA C 283 -10.01 24.24 -0.58
N GLY C 284 -9.78 24.40 0.76
N GLY C 284 -9.80 24.40 0.71
CA GLY C 284 -9.72 25.71 1.36
CA GLY C 284 -9.76 25.73 1.26
C GLY C 284 -8.55 26.57 0.90
C GLY C 284 -8.68 26.59 0.61
N SER C 285 -7.57 25.96 0.25
CA SER C 285 -6.41 26.70 -0.28
C SER C 285 -6.73 27.40 -1.60
N VAL C 286 -7.81 27.00 -2.25
CA VAL C 286 -8.11 27.52 -3.59
C VAL C 286 -8.50 28.99 -3.51
N LYS C 287 -9.46 29.27 -2.63
CA LYS C 287 -9.89 30.62 -2.35
C LYS C 287 -8.73 31.48 -1.89
N VAL C 288 -7.87 30.93 -1.04
CA VAL C 288 -6.70 31.64 -0.54
C VAL C 288 -5.74 31.94 -1.68
N TYR C 289 -5.48 30.91 -2.49
CA TYR C 289 -4.55 31.06 -3.59
C TYR C 289 -5.02 32.19 -4.51
N ILE C 290 -6.28 32.16 -4.90
CA ILE C 290 -6.81 33.13 -5.86
C ILE C 290 -6.86 34.54 -5.29
N GLU C 291 -7.28 34.67 -4.03
CA GLU C 291 -7.49 35.99 -3.44
C GLU C 291 -6.22 36.57 -2.83
N GLU C 292 -5.38 35.70 -2.27
CA GLU C 292 -4.25 36.13 -1.46
C GLU C 292 -2.88 35.78 -2.01
N GLY C 293 -2.82 34.89 -3.00
CA GLY C 293 -1.58 34.56 -3.65
C GLY C 293 -0.95 33.28 -3.13
N PRO C 294 0.16 32.87 -3.74
CA PRO C 294 0.82 31.60 -3.42
C PRO C 294 1.38 31.53 -2.00
N GLN C 295 1.92 32.62 -1.45
CA GLN C 295 2.49 32.54 -0.11
C GLN C 295 1.39 32.29 0.93
N ALA C 296 0.28 33.01 0.79
CA ALA C 296 -0.87 32.79 1.66
C ALA C 296 -1.35 31.36 1.53
N ALA C 297 -1.40 30.86 0.30
CA ALA C 297 -1.87 29.50 0.06
C ALA C 297 -0.94 28.45 0.65
N ARG C 298 0.37 28.69 0.57
CA ARG C 298 1.33 27.78 1.18
C ARG C 298 1.08 27.70 2.67
N GLU C 299 0.85 28.87 3.27
CA GLU C 299 0.67 28.95 4.72
C GLU C 299 -0.61 28.23 5.11
N TRP C 300 -1.65 28.37 4.29
CA TRP C 300 -2.90 27.62 4.53
C TRP C 300 -2.63 26.12 4.47
N LEU C 301 -1.95 25.67 3.43
CA LEU C 301 -1.69 24.24 3.29
C LEU C 301 -0.88 23.70 4.44
N ARG C 302 0.02 24.53 4.95
CA ARG C 302 0.91 24.13 6.04
C ARG C 302 0.21 24.00 7.37
N THR C 303 -0.91 24.71 7.52
CA THR C 303 -1.63 24.73 8.79
C THR C 303 -2.93 23.91 8.73
N GLU C 304 -3.95 24.44 8.06
CA GLU C 304 -5.23 23.73 7.95
C GLU C 304 -5.12 22.49 7.04
N GLY C 305 -4.36 22.59 5.95
CA GLY C 305 -4.25 21.44 5.07
C GLY C 305 -3.57 20.30 5.81
N PHE C 306 -2.48 20.62 6.49
CA PHE C 306 -1.75 19.61 7.25
C PHE C 306 -2.65 18.99 8.32
N LYS C 307 -3.41 19.82 9.01
CA LYS C 307 -4.28 19.32 10.07
C LYS C 307 -5.28 18.33 9.49
N ASN C 308 -5.82 18.61 8.31
CA ASN C 308 -6.77 17.73 7.70
C ASN C 308 -6.19 16.40 7.29
N ILE C 309 -4.98 16.41 6.72
CA ILE C 309 -4.42 15.19 6.18
C ILE C 309 -3.88 14.35 7.35
N ASP C 310 -3.44 15.03 8.39
CA ASP C 310 -2.93 14.35 9.57
C ASP C 310 -4.04 13.57 10.30
N GLU C 311 -5.21 14.19 10.43
CA GLU C 311 -6.35 13.52 11.05
C GLU C 311 -6.71 12.31 10.22
N LEU C 312 -6.75 12.50 8.90
CA LEU C 312 -7.07 11.40 7.98
C LEU C 312 -6.07 10.28 8.13
N ASN C 313 -4.78 10.61 8.16
CA ASN C 313 -3.75 9.59 8.26
C ASN C 313 -3.80 8.80 9.56
N LYS C 314 -4.15 9.47 10.65
CA LYS C 314 -4.26 8.77 11.92
C LYS C 314 -5.39 7.74 11.87
N VAL C 315 -6.49 8.08 11.22
CA VAL C 315 -7.63 7.16 11.14
C VAL C 315 -7.24 6.01 10.21
N LEU C 316 -6.53 6.30 9.14
CA LEU C 316 -6.11 5.25 8.23
C LEU C 316 -5.24 4.27 8.92
N ASP C 317 -4.36 4.79 9.77
CA ASP C 317 -3.41 3.97 10.50
C ASP C 317 -4.09 2.92 11.34
N LYS C 318 -5.27 3.21 11.88
CA LYS C 318 -5.94 2.24 12.74
C LYS C 318 -7.10 1.49 12.04
N THR C 319 -7.28 1.66 10.73
CA THR C 319 -8.42 1.06 10.03
C THR C 319 -8.03 0.28 8.77
N ALA C 320 -7.05 0.78 8.00
CA ALA C 320 -6.69 0.11 6.75
C ALA C 320 -5.92 -1.19 6.98
N SER C 321 -6.09 -2.11 6.06
CA SER C 321 -5.37 -3.34 6.02
C SER C 321 -4.38 -3.35 4.88
N PRO C 322 -3.25 -4.11 5.15
CA PRO C 322 -2.25 -4.09 4.07
C PRO C 322 -2.54 -4.93 2.83
N TRP C 323 -2.24 -4.42 1.63
CA TRP C 323 -2.42 -5.17 0.39
C TRP C 323 -1.50 -6.35 0.30
N THR C 324 -0.45 -6.32 1.09
CA THR C 324 0.56 -7.34 1.14
C THR C 324 0.02 -8.62 1.77
N GLU C 325 -1.15 -8.55 2.37
CA GLU C 325 -1.88 -9.73 2.81
C GLU C 325 -2.90 -10.24 1.78
N LYS C 326 -3.10 -9.56 0.66
CA LYS C 326 -3.75 -10.16 -0.49
C LYS C 326 -2.99 -10.11 -1.83
N MET C 327 -1.79 -9.53 -1.80
CA MET C 327 -0.94 -9.20 -2.96
C MET C 327 -1.55 -9.11 -4.34
N THR D 2 13.97 -3.79 -35.26
CA THR D 2 13.40 -4.91 -36.07
C THR D 2 12.11 -5.41 -35.45
N ILE D 3 11.60 -6.53 -35.97
CA ILE D 3 10.39 -7.14 -35.44
C ILE D 3 10.68 -7.80 -34.09
N THR D 4 9.76 -7.68 -33.16
CA THR D 4 9.89 -8.31 -31.85
C THR D 4 8.86 -9.42 -31.77
N LEU D 5 9.31 -10.64 -32.03
CA LEU D 5 8.43 -11.77 -31.94
C LEU D 5 8.57 -12.41 -30.57
N THR D 6 7.61 -13.29 -30.31
CA THR D 6 7.59 -14.10 -29.13
C THR D 6 7.31 -15.49 -29.67
N GLU D 7 7.39 -16.51 -28.83
CA GLU D 7 7.04 -17.85 -29.27
C GLU D 7 5.65 -17.88 -29.91
N ASN D 8 4.65 -17.27 -29.28
CA ASN D 8 3.31 -17.36 -29.84
C ASN D 8 3.11 -16.42 -31.04
N LYS D 9 3.67 -15.20 -31.01
CA LYS D 9 3.55 -14.31 -32.18
C LYS D 9 4.20 -15.01 -33.39
N ARG D 10 5.31 -15.71 -33.17
CA ARG D 10 5.98 -16.41 -34.27
C ARG D 10 5.11 -17.53 -34.84
N LYS D 11 4.49 -18.32 -33.97
CA LYS D 11 3.59 -19.37 -34.41
C LYS D 11 2.41 -18.78 -35.18
N SER D 12 1.91 -17.64 -34.72
CA SER D 12 0.79 -17.02 -35.41
C SER D 12 1.20 -16.53 -36.78
N MET D 13 2.39 -15.93 -36.88
CA MET D 13 2.95 -15.50 -38.18
C MET D 13 3.07 -16.67 -39.14
N GLU D 14 3.54 -17.82 -38.66
CA GLU D 14 3.64 -19.00 -39.50
C GLU D 14 2.27 -19.49 -39.96
N LYS D 15 1.24 -19.30 -39.13
CA LYS D 15 -0.10 -19.79 -39.46
C LYS D 15 -0.74 -18.90 -40.53
N LEU D 16 -0.16 -17.71 -40.70
CA LEU D 16 -0.67 -16.73 -41.64
C LEU D 16 0.10 -16.74 -42.96
N SER D 17 1.14 -17.56 -43.05
CA SER D 17 2.06 -17.58 -44.16
C SER D 17 2.26 -18.98 -44.72
N VAL D 18 2.86 -19.02 -45.90
CA VAL D 18 3.44 -20.22 -46.45
C VAL D 18 4.89 -19.92 -46.81
N ASP D 19 5.83 -20.67 -46.25
CA ASP D 19 7.24 -20.48 -46.58
C ASP D 19 7.66 -19.02 -46.44
N GLY D 20 7.16 -18.33 -45.43
CA GLY D 20 7.57 -16.97 -45.15
C GLY D 20 6.89 -15.89 -45.98
N VAL D 21 5.97 -16.31 -46.83
CA VAL D 21 5.26 -15.41 -47.71
C VAL D 21 3.80 -15.34 -47.30
N ILE D 22 3.32 -14.12 -47.12
CA ILE D 22 1.94 -13.86 -46.81
C ILE D 22 1.14 -13.70 -48.10
N SER D 23 0.28 -14.67 -48.41
CA SER D 23 -0.59 -14.57 -49.58
C SER D 23 -2.01 -14.55 -49.06
N ALA D 24 -2.37 -13.42 -48.47
CA ALA D 24 -3.59 -13.32 -47.70
C ALA D 24 -4.72 -12.75 -48.52
N LEU D 25 -5.90 -13.33 -48.33
CA LEU D 25 -7.11 -12.91 -49.00
C LEU D 25 -7.83 -11.89 -48.16
N ALA D 26 -8.07 -10.71 -48.68
CA ALA D 26 -8.67 -9.65 -47.87
C ALA D 26 -10.15 -9.61 -48.17
N PHE D 27 -10.98 -9.87 -47.15
CA PHE D 27 -12.41 -9.75 -47.35
C PHE D 27 -13.05 -9.22 -46.06
N ASP D 28 -12.51 -8.11 -45.54
CA ASP D 28 -13.10 -7.46 -44.35
C ASP D 28 -13.97 -6.27 -44.76
N GLN D 29 -14.21 -6.11 -46.08
CA GLN D 29 -15.16 -5.10 -46.55
C GLN D 29 -16.53 -5.25 -45.93
N ARG D 30 -17.11 -4.11 -45.59
CA ARG D 30 -18.40 -4.05 -44.93
C ARG D 30 -19.32 -3.20 -45.76
N GLY D 31 -19.24 -1.89 -45.59
CA GLY D 31 -20.06 -0.99 -46.37
C GLY D 31 -19.77 -1.09 -47.86
N ALA D 32 -18.49 -1.26 -48.20
CA ALA D 32 -18.10 -1.37 -49.60
C ALA D 32 -18.77 -2.58 -50.25
N LEU D 33 -18.83 -3.70 -49.53
CA LEU D 33 -19.46 -4.90 -50.07
C LEU D 33 -20.95 -4.70 -50.22
N LYS D 34 -21.57 -4.12 -49.21
CA LYS D 34 -23.01 -3.89 -49.25
C LYS D 34 -23.37 -3.06 -50.47
N ARG D 35 -22.55 -2.05 -50.76
CA ARG D 35 -22.79 -1.19 -51.91
C ARG D 35 -22.72 -1.94 -53.24
N MET D 36 -21.77 -2.86 -53.37
CA MET D 36 -21.65 -3.66 -54.59
C MET D 36 -22.91 -4.48 -54.79
N MET D 37 -23.38 -5.11 -53.72
CA MET D 37 -24.59 -5.92 -53.79
C MET D 37 -25.80 -5.10 -54.15
N ALA D 38 -25.89 -3.90 -53.58
CA ALA D 38 -27.07 -3.06 -53.74
C ALA D 38 -27.33 -2.74 -55.22
N GLN D 39 -26.30 -2.89 -56.05
CA GLN D 39 -26.40 -2.59 -57.47
C GLN D 39 -27.16 -3.60 -58.31
N HIS D 40 -27.30 -4.82 -57.81
CA HIS D 40 -27.81 -5.91 -58.63
C HIS D 40 -29.20 -6.37 -58.17
N GLN D 41 -29.68 -5.79 -57.07
CA GLN D 41 -31.03 -6.05 -56.57
C GLN D 41 -31.66 -4.74 -56.09
N THR D 42 -32.99 -4.71 -56.06
CA THR D 42 -33.69 -3.51 -55.65
C THR D 42 -33.71 -3.38 -54.13
N LYS D 43 -33.94 -4.50 -53.44
CA LYS D 43 -34.07 -4.48 -51.99
C LYS D 43 -32.72 -4.31 -51.32
N GLU D 44 -32.74 -3.89 -50.06
CA GLU D 44 -31.50 -3.64 -49.33
C GLU D 44 -30.79 -4.96 -49.07
N PRO D 45 -29.46 -5.00 -49.28
CA PRO D 45 -28.76 -6.25 -48.99
C PRO D 45 -28.87 -6.60 -47.50
N THR D 46 -29.24 -7.84 -47.20
CA THR D 46 -29.50 -8.26 -45.83
C THR D 46 -28.21 -8.76 -45.17
N VAL D 47 -28.24 -8.87 -43.84
CA VAL D 47 -27.09 -9.37 -43.10
C VAL D 47 -26.83 -10.82 -43.52
N GLU D 48 -27.92 -11.57 -43.68
CA GLU D 48 -27.85 -12.95 -44.17
C GLU D 48 -27.12 -13.05 -45.50
N GLN D 49 -27.47 -12.18 -46.44
CA GLN D 49 -26.83 -12.17 -47.76
C GLN D 49 -25.34 -11.87 -47.65
N ILE D 50 -25.01 -10.81 -46.92
CA ILE D 50 -23.63 -10.41 -46.74
C ILE D 50 -22.84 -11.52 -46.05
N GLU D 51 -23.35 -12.04 -44.94
CA GLU D 51 -22.66 -13.13 -44.28
C GLU D 51 -22.54 -14.37 -45.17
N GLU D 52 -23.54 -14.67 -45.98
CA GLU D 52 -23.45 -15.87 -46.81
C GLU D 52 -22.37 -15.73 -47.86
N LEU D 53 -22.34 -14.61 -48.56
CA LEU D 53 -21.31 -14.43 -49.58
C LEU D 53 -19.92 -14.53 -48.97
N LYS D 54 -19.72 -13.97 -47.77
CA LYS D 54 -18.41 -14.07 -47.18
C LYS D 54 -18.06 -15.52 -46.94
N SER D 55 -19.06 -16.31 -46.55
CA SER D 55 -18.82 -17.72 -46.22
C SER D 55 -18.46 -18.53 -47.48
N LEU D 56 -19.18 -18.27 -48.57
CA LEU D 56 -18.87 -18.90 -49.84
C LEU D 56 -17.45 -18.62 -50.31
N VAL D 57 -17.02 -17.35 -50.27
CA VAL D 57 -15.68 -16.99 -50.64
C VAL D 57 -14.67 -17.66 -49.75
N SER D 58 -14.90 -17.63 -48.45
CA SER D 58 -14.01 -18.29 -47.52
C SER D 58 -13.89 -19.79 -47.82
N GLU D 59 -15.00 -20.49 -47.96
CA GLU D 59 -14.96 -21.93 -48.20
C GLU D 59 -14.20 -22.26 -49.51
N GLU D 60 -14.42 -21.47 -50.54
CA GLU D 60 -13.96 -21.86 -51.87
C GLU D 60 -12.55 -21.37 -52.18
N LEU D 61 -12.17 -20.20 -51.66
CA LEU D 61 -10.85 -19.66 -51.97
C LEU D 61 -9.76 -19.84 -50.94
N THR D 62 -10.11 -20.02 -49.65
CA THR D 62 -9.06 -20.10 -48.64
C THR D 62 -8.19 -21.36 -48.74
N PRO D 63 -8.63 -22.41 -49.47
CA PRO D 63 -7.65 -23.47 -49.70
C PRO D 63 -6.43 -23.00 -50.50
N PHE D 64 -6.52 -21.82 -51.13
CA PHE D 64 -5.47 -21.31 -52.01
C PHE D 64 -4.81 -20.07 -51.45
N ALA D 65 -5.11 -19.75 -50.19
CA ALA D 65 -4.60 -18.56 -49.57
C ALA D 65 -3.94 -18.93 -48.25
N SER D 66 -2.85 -18.25 -47.90
CA SER D 66 -2.16 -18.57 -46.64
C SER D 66 -3.00 -18.14 -45.43
N SER D 67 -3.87 -17.16 -45.62
CA SER D 67 -4.75 -16.69 -44.57
C SER D 67 -5.85 -15.83 -45.20
N ILE D 68 -6.83 -15.48 -44.39
CA ILE D 68 -7.92 -14.63 -44.82
C ILE D 68 -8.17 -13.56 -43.77
N LEU D 69 -8.42 -12.35 -44.24
CA LEU D 69 -8.78 -11.26 -43.36
C LEU D 69 -10.28 -11.00 -43.45
N LEU D 70 -10.94 -11.06 -42.29
CA LEU D 70 -12.37 -10.81 -42.19
C LEU D 70 -12.68 -9.75 -41.15
N ASP D 71 -13.89 -9.25 -41.18
CA ASP D 71 -14.39 -8.30 -40.20
C ASP D 71 -15.24 -9.01 -39.15
N PRO D 72 -15.19 -8.55 -37.89
CA PRO D 72 -16.09 -9.12 -36.89
C PRO D 72 -17.55 -8.87 -37.20
N GLU D 73 -17.90 -7.83 -37.94
CA GLU D 73 -19.30 -7.50 -38.12
C GLU D 73 -20.05 -8.57 -38.93
N TYR D 74 -19.53 -8.98 -40.08
CA TYR D 74 -20.21 -9.97 -40.92
C TYR D 74 -19.43 -11.26 -41.10
N GLY D 75 -18.16 -11.26 -40.71
CA GLY D 75 -17.27 -12.31 -41.13
C GLY D 75 -17.00 -13.44 -40.16
N LEU D 76 -17.64 -13.47 -39.00
CA LEU D 76 -17.31 -14.55 -38.08
C LEU D 76 -17.80 -15.92 -38.58
N PRO D 77 -19.04 -16.03 -39.08
CA PRO D 77 -19.38 -17.34 -39.67
C PRO D 77 -18.40 -17.75 -40.79
N ALA D 78 -18.05 -16.82 -41.66
CA ALA D 78 -17.10 -17.14 -42.72
C ALA D 78 -15.75 -17.58 -42.13
N SER D 79 -15.37 -17.03 -40.98
CA SER D 79 -14.07 -17.39 -40.41
C SER D 79 -14.06 -18.87 -39.97
N ARG D 80 -15.21 -19.39 -39.60
CA ARG D 80 -15.26 -20.74 -39.08
C ARG D 80 -15.33 -21.80 -40.17
N VAL D 81 -15.57 -21.39 -41.42
CA VAL D 81 -15.60 -22.35 -42.52
C VAL D 81 -14.42 -22.16 -43.47
N ARG D 82 -13.42 -21.39 -43.04
CA ARG D 82 -12.20 -21.28 -43.81
C ARG D 82 -11.46 -22.62 -43.83
N SER D 83 -10.56 -22.75 -44.79
CA SER D 83 -9.78 -23.97 -44.90
C SER D 83 -8.90 -24.14 -43.67
N GLU D 84 -8.66 -25.38 -43.26
CA GLU D 84 -7.81 -25.64 -42.12
C GLU D 84 -6.36 -25.24 -42.41
N GLU D 85 -6.05 -25.00 -43.68
CA GLU D 85 -4.69 -24.63 -44.05
C GLU D 85 -4.50 -23.12 -44.04
N ALA D 86 -5.58 -22.37 -43.83
CA ALA D 86 -5.56 -20.91 -43.83
C ALA D 86 -5.69 -20.27 -42.46
N GLY D 87 -4.83 -19.31 -42.16
CA GLY D 87 -4.91 -18.54 -40.93
C GLY D 87 -5.99 -17.47 -41.02
N LEU D 88 -6.22 -16.79 -39.89
CA LEU D 88 -7.22 -15.74 -39.79
C LEU D 88 -6.65 -14.44 -39.23
N LEU D 89 -6.99 -13.33 -39.89
CA LEU D 89 -6.83 -11.99 -39.33
C LEU D 89 -8.22 -11.37 -39.18
N LEU D 90 -8.42 -10.60 -38.12
CA LEU D 90 -9.66 -9.84 -37.97
C LEU D 90 -9.37 -8.35 -37.89
N ALA D 91 -10.18 -7.58 -38.62
CA ALA D 91 -10.16 -6.13 -38.62
C ALA D 91 -10.64 -5.56 -37.28
N TYR D 92 -9.99 -4.50 -36.84
CA TYR D 92 -10.27 -3.92 -35.51
C TYR D 92 -10.78 -2.49 -35.62
N GLU D 93 -10.67 -1.90 -36.82
CA GLU D 93 -11.11 -0.51 -37.04
C GLU D 93 -12.52 -0.38 -37.56
N LYS D 94 -13.18 0.72 -37.20
CA LYS D 94 -14.36 1.16 -37.89
C LYS D 94 -13.98 1.62 -39.33
N THR D 95 -14.87 1.38 -40.27
CA THR D 95 -14.60 1.75 -41.66
C THR D 95 -14.78 3.21 -41.96
N GLY D 96 -14.01 3.69 -42.92
CA GLY D 96 -14.30 4.96 -43.55
C GLY D 96 -13.78 6.14 -42.76
N TYR D 97 -14.30 7.31 -43.10
CA TYR D 97 -13.92 8.51 -42.38
C TYR D 97 -14.96 9.56 -42.58
N ASP D 98 -14.88 10.56 -41.72
CA ASP D 98 -15.75 11.73 -41.74
C ASP D 98 -15.34 12.67 -42.89
N ALA D 99 -16.23 12.84 -43.87
CA ALA D 99 -15.89 13.59 -45.07
C ALA D 99 -15.98 15.10 -44.86
N THR D 100 -16.49 15.52 -43.71
CA THR D 100 -16.63 16.96 -43.42
C THR D 100 -15.37 17.57 -42.82
N THR D 101 -14.40 16.73 -42.48
CA THR D 101 -13.13 17.17 -41.88
C THR D 101 -12.01 16.44 -42.59
N THR D 102 -10.77 16.90 -42.39
CA THR D 102 -9.60 16.27 -43.01
C THR D 102 -8.79 15.38 -42.06
N SER D 103 -9.26 15.21 -40.84
CA SER D 103 -8.47 14.51 -39.84
C SER D 103 -8.45 12.97 -39.96
N ARG D 104 -9.53 12.39 -40.48
CA ARG D 104 -9.57 10.94 -40.66
C ARG D 104 -9.06 10.16 -39.44
N LEU D 105 -9.63 10.45 -38.28
CA LEU D 105 -9.12 9.88 -37.04
C LEU D 105 -9.51 8.40 -36.90
N PRO D 106 -8.62 7.59 -36.30
CA PRO D 106 -8.90 6.16 -36.14
C PRO D 106 -9.86 5.88 -34.97
N ASP D 107 -10.61 4.80 -35.05
CA ASP D 107 -11.55 4.40 -33.99
C ASP D 107 -11.75 2.90 -34.06
N CYS D 108 -11.40 2.21 -32.96
CA CYS D 108 -11.67 0.79 -32.81
C CYS D 108 -13.16 0.47 -32.78
N LEU D 109 -13.51 -0.71 -33.26
CA LEU D 109 -14.87 -1.21 -33.15
C LEU D 109 -15.31 -1.18 -31.67
N ASP D 110 -16.49 -0.64 -31.40
CA ASP D 110 -16.98 -0.38 -30.04
C ASP D 110 -16.93 -1.57 -29.05
N VAL D 111 -17.32 -2.78 -29.46
CA VAL D 111 -17.37 -3.90 -28.50
C VAL D 111 -16.23 -4.88 -28.72
N TRP D 112 -15.12 -4.41 -29.25
CA TRP D 112 -13.97 -5.27 -29.53
C TRP D 112 -12.74 -4.73 -28.79
N SER D 113 -11.80 -5.63 -28.57
CA SER D 113 -10.52 -5.38 -27.93
C SER D 113 -9.61 -6.39 -28.55
N ALA D 114 -8.30 -6.19 -28.44
CA ALA D 114 -7.37 -7.17 -28.97
C ALA D 114 -7.57 -8.54 -28.29
N LYS D 115 -7.89 -8.52 -27.00
CA LYS D 115 -8.23 -9.75 -26.28
C LYS D 115 -9.41 -10.47 -26.98
N ARG D 116 -10.46 -9.74 -27.33
CA ARG D 116 -11.64 -10.36 -27.92
C ARG D 116 -11.35 -10.87 -29.32
N ILE D 117 -10.45 -10.19 -30.02
CA ILE D 117 -10.08 -10.62 -31.36
C ILE D 117 -9.32 -11.94 -31.27
N LYS D 118 -8.40 -12.02 -30.31
CA LYS D 118 -7.72 -13.29 -30.07
C LYS D 118 -8.73 -14.39 -29.67
N GLU D 119 -9.67 -14.04 -28.80
CA GLU D 119 -10.66 -15.03 -28.36
C GLU D 119 -11.54 -15.50 -29.52
N ALA D 120 -11.73 -14.65 -30.53
CA ALA D 120 -12.56 -15.02 -31.66
C ALA D 120 -11.80 -15.90 -32.63
N GLY D 121 -10.56 -16.24 -32.30
CA GLY D 121 -9.76 -17.15 -33.08
C GLY D 121 -8.75 -16.53 -34.04
N ALA D 122 -8.60 -15.22 -34.02
CA ALA D 122 -7.68 -14.55 -34.92
C ALA D 122 -6.22 -14.83 -34.59
N GLU D 123 -5.37 -14.91 -35.62
CA GLU D 123 -3.94 -15.01 -35.42
C GLU D 123 -3.28 -13.69 -35.68
N ALA D 124 -4.07 -12.67 -35.96
CA ALA D 124 -3.55 -11.32 -36.11
C ALA D 124 -4.65 -10.35 -35.92
N VAL D 125 -4.31 -9.22 -35.31
CA VAL D 125 -5.14 -8.03 -35.24
C VAL D 125 -4.76 -7.11 -36.42
N LYS D 126 -5.72 -6.76 -37.27
CA LYS D 126 -5.47 -5.82 -38.39
C LYS D 126 -6.11 -4.48 -38.05
N PHE D 127 -5.38 -3.38 -38.24
CA PHE D 127 -5.95 -2.06 -38.02
C PHE D 127 -5.57 -1.13 -39.18
N LEU D 128 -6.56 -0.45 -39.73
N LEU D 128 -6.55 -0.43 -39.72
CA LEU D 128 -6.35 0.55 -40.79
CA LEU D 128 -6.33 0.54 -40.80
C LEU D 128 -6.24 1.96 -40.22
C LEU D 128 -6.27 1.96 -40.27
N LEU D 129 -5.16 2.64 -40.59
CA LEU D 129 -4.94 4.03 -40.21
C LEU D 129 -4.80 4.88 -41.45
N TYR D 130 -5.53 5.98 -41.53
CA TYR D 130 -5.26 7.02 -42.52
C TYR D 130 -4.21 7.97 -41.98
N TYR D 131 -3.15 8.24 -42.75
CA TYR D 131 -2.06 9.12 -42.30
C TYR D 131 -1.51 10.03 -43.37
N ASP D 132 -1.48 11.32 -43.04
CA ASP D 132 -0.82 12.35 -43.81
C ASP D 132 0.36 12.87 -43.02
N ILE D 133 1.56 12.38 -43.34
CA ILE D 133 2.79 12.76 -42.67
C ILE D 133 2.92 14.27 -42.60
N ASP D 134 2.39 14.98 -43.60
CA ASP D 134 2.47 16.43 -43.66
C ASP D 134 1.30 17.17 -43.01
N GLY D 135 0.39 16.44 -42.40
CA GLY D 135 -0.84 17.02 -41.90
C GLY D 135 -0.73 17.68 -40.53
N ASP D 136 -1.88 17.99 -39.93
CA ASP D 136 -1.93 18.75 -38.68
C ASP D 136 -1.19 17.99 -37.57
N GLN D 137 -0.25 18.65 -36.90
CA GLN D 137 0.65 17.94 -36.00
C GLN D 137 -0.06 17.37 -34.77
N ASP D 138 -1.10 18.04 -34.30
CA ASP D 138 -1.89 17.54 -33.17
C ASP D 138 -2.79 16.37 -33.56
N VAL D 139 -3.35 16.41 -34.76
CA VAL D 139 -4.05 15.26 -35.33
C VAL D 139 -3.10 14.08 -35.30
N ASN D 140 -1.87 14.27 -35.78
CA ASN D 140 -0.97 13.12 -35.87
C ASN D 140 -0.49 12.65 -34.51
N GLU D 141 -0.38 13.55 -33.55
CA GLU D 141 -0.10 13.15 -32.19
C GLU D 141 -1.18 12.23 -31.62
N GLN D 142 -2.44 12.57 -31.90
CA GLN D 142 -3.56 11.73 -31.49
C GLN D 142 -3.49 10.39 -32.19
N LYS D 143 -3.12 10.38 -33.47
CA LYS D 143 -3.06 9.11 -34.17
C LYS D 143 -1.94 8.25 -33.64
N LYS D 144 -0.82 8.86 -33.35
CA LYS D 144 0.33 8.13 -32.87
C LYS D 144 0.00 7.55 -31.49
N ALA D 145 -0.59 8.34 -30.62
CA ALA D 145 -1.02 7.81 -29.33
C ALA D 145 -2.00 6.63 -29.51
N TYR D 146 -2.91 6.68 -30.48
CA TYR D 146 -3.89 5.61 -30.69
C TYR D 146 -3.20 4.30 -31.08
N ILE D 147 -2.22 4.39 -31.97
CA ILE D 147 -1.54 3.21 -32.41
C ILE D 147 -0.67 2.64 -31.32
N GLU D 148 -0.05 3.49 -30.51
CA GLU D 148 0.69 3.01 -29.34
C GLU D 148 -0.20 2.14 -28.44
N ARG D 149 -1.43 2.56 -28.21
CA ARG D 149 -2.35 1.80 -27.36
C ARG D 149 -2.62 0.41 -27.94
N ILE D 150 -2.81 0.37 -29.27
CA ILE D 150 -3.17 -0.84 -29.94
C ILE D 150 -1.96 -1.74 -29.95
N GLY D 151 -0.78 -1.19 -30.21
CA GLY D 151 0.43 -1.96 -30.22
C GLY D 151 0.66 -2.55 -28.84
N SER D 152 0.35 -1.79 -27.80
CA SER D 152 0.55 -2.28 -26.44
C SER D 152 -0.43 -3.44 -26.10
N GLU D 153 -1.68 -3.28 -26.48
CA GLU D 153 -2.68 -4.38 -26.34
C GLU D 153 -2.21 -5.67 -26.97
N CYS D 154 -1.73 -5.56 -28.21
CA CYS D 154 -1.34 -6.73 -28.99
C CYS D 154 -0.14 -7.38 -28.38
N ARG D 155 0.75 -6.59 -27.78
CA ARG D 155 1.88 -7.16 -27.07
C ARG D 155 1.37 -7.96 -25.86
N ALA D 156 0.44 -7.38 -25.13
CA ALA D 156 -0.06 -8.01 -23.90
C ALA D 156 -0.79 -9.30 -24.22
N GLU D 157 -1.57 -9.26 -25.30
CA GLU D 157 -2.36 -10.40 -25.72
C GLU D 157 -1.58 -11.39 -26.59
N ASP D 158 -0.32 -11.04 -26.90
CA ASP D 158 0.62 -11.92 -27.62
C ASP D 158 0.08 -12.33 -28.98
N ILE D 159 -0.44 -11.35 -29.70
CA ILE D 159 -1.02 -11.55 -31.05
C ILE D 159 -0.36 -10.53 -32.01
N PRO D 160 0.05 -10.97 -33.21
CA PRO D 160 0.67 -10.05 -34.18
C PRO D 160 -0.22 -8.86 -34.51
N PHE D 161 0.41 -7.71 -34.67
CA PHE D 161 -0.27 -6.47 -34.96
C PHE D 161 0.06 -6.11 -36.43
N TYR D 162 -0.92 -6.22 -37.31
CA TYR D 162 -0.77 -5.83 -38.73
C TYR D 162 -1.36 -4.45 -38.88
N LEU D 163 -0.54 -3.45 -39.15
CA LEU D 163 -1.03 -2.10 -39.31
C LEU D 163 -1.08 -1.78 -40.80
N GLU D 164 -2.27 -1.42 -41.26
CA GLU D 164 -2.48 -0.94 -42.62
C GLU D 164 -2.44 0.58 -42.62
N ILE D 165 -1.63 1.14 -43.52
CA ILE D 165 -1.56 2.59 -43.64
C ILE D 165 -2.02 2.97 -45.03
N LEU D 166 -3.02 3.85 -45.06
CA LEU D 166 -3.47 4.46 -46.31
C LEU D 166 -3.10 5.92 -46.20
N THR D 167 -2.35 6.42 -47.18
CA THR D 167 -1.88 7.79 -47.16
C THR D 167 -2.87 8.71 -47.86
N TYR D 168 -2.79 9.98 -47.51
CA TYR D 168 -3.64 10.98 -48.11
C TYR D 168 -3.00 12.33 -47.86
N ASP D 169 -3.56 13.36 -48.48
CA ASP D 169 -3.11 14.72 -48.24
C ASP D 169 -4.34 15.52 -47.86
N GLU D 170 -4.25 16.28 -46.77
CA GLU D 170 -5.36 17.09 -46.29
C GLU D 170 -5.94 18.03 -47.35
N LYS D 171 -5.10 18.46 -48.30
CA LYS D 171 -5.49 19.47 -49.26
C LYS D 171 -5.57 18.96 -50.70
N ILE D 172 -5.48 17.65 -50.91
CA ILE D 172 -5.66 17.09 -52.24
C ILE D 172 -6.83 16.13 -52.19
N ALA D 173 -7.91 16.48 -52.87
CA ALA D 173 -9.15 15.71 -52.70
C ALA D 173 -9.03 14.30 -53.27
N ASP D 174 -8.27 14.17 -54.36
CA ASP D 174 -8.24 12.93 -55.14
C ASP D 174 -6.87 12.23 -55.13
N ASN D 175 -6.76 11.07 -54.49
N ASN D 175 -6.82 11.07 -54.50
CA ASN D 175 -5.46 10.40 -54.45
CA ASN D 175 -5.61 10.25 -54.43
C ASN D 175 -5.12 9.68 -55.76
C ASN D 175 -5.10 9.79 -55.78
N ALA D 176 -5.99 9.79 -56.77
CA ALA D 176 -5.67 9.29 -58.10
C ALA D 176 -5.14 10.40 -59.00
N SER D 177 -5.08 11.62 -58.48
CA SER D 177 -4.67 12.77 -59.30
C SER D 177 -3.16 12.83 -59.53
N PRO D 178 -2.73 13.57 -60.56
CA PRO D 178 -1.29 13.82 -60.75
C PRO D 178 -0.69 14.54 -59.55
N GLU D 179 -1.44 15.47 -58.98
CA GLU D 179 -0.95 16.22 -57.85
C GLU D 179 -0.57 15.28 -56.71
N PHE D 180 -1.44 14.32 -56.40
CA PHE D 180 -1.11 13.37 -55.34
C PHE D 180 0.03 12.45 -55.77
N ALA D 181 0.00 12.01 -57.03
CA ALA D 181 0.99 11.06 -57.52
C ALA D 181 2.41 11.56 -57.25
N LYS D 182 2.62 12.87 -57.39
CA LYS D 182 3.93 13.51 -57.21
C LYS D 182 4.47 13.43 -55.78
N VAL D 183 3.59 13.36 -54.79
CA VAL D 183 4.02 13.31 -53.38
C VAL D 183 3.84 11.94 -52.76
N LYS D 184 3.30 10.98 -53.52
CA LYS D 184 2.89 9.73 -52.89
C LYS D 184 4.08 8.98 -52.27
N ALA D 185 5.24 8.98 -52.95
CA ALA D 185 6.41 8.29 -52.41
C ALA D 185 6.74 8.85 -51.01
N HIS D 186 6.72 10.18 -50.91
CA HIS D 186 6.97 10.86 -49.65
C HIS D 186 5.94 10.44 -48.60
N LYS D 187 4.67 10.47 -48.94
CA LYS D 187 3.64 10.09 -47.97
C LYS D 187 3.78 8.66 -47.49
N VAL D 188 4.02 7.74 -48.42
CA VAL D 188 4.05 6.34 -48.05
C VAL D 188 5.30 6.03 -47.21
N ASN D 189 6.45 6.40 -47.74
CA ASN D 189 7.71 5.99 -47.17
C ASN D 189 7.95 6.65 -45.83
N GLU D 190 7.59 7.92 -45.69
CA GLU D 190 7.76 8.59 -44.42
C GLU D 190 6.81 8.07 -43.34
N ALA D 191 5.59 7.72 -43.73
CA ALA D 191 4.64 7.13 -42.77
C ALA D 191 5.17 5.77 -42.28
N MET D 192 5.79 4.99 -43.17
CA MET D 192 6.41 3.73 -42.80
C MET D 192 7.53 3.95 -41.79
N LYS D 193 8.35 4.97 -42.02
CA LYS D 193 9.43 5.28 -41.09
C LYS D 193 8.86 5.56 -39.71
N VAL D 194 7.81 6.37 -39.64
CA VAL D 194 7.18 6.66 -38.36
C VAL D 194 6.71 5.39 -37.64
N PHE D 195 5.91 4.57 -38.31
CA PHE D 195 5.24 3.48 -37.62
C PHE D 195 6.07 2.20 -37.58
N SER D 196 7.32 2.31 -38.03
CA SER D 196 8.31 1.27 -37.81
C SER D 196 9.04 1.44 -36.48
N LYS D 197 8.83 2.57 -35.80
CA LYS D 197 9.47 2.82 -34.52
C LYS D 197 8.97 1.79 -33.50
N GLU D 198 9.87 1.29 -32.66
CA GLU D 198 9.53 0.25 -31.72
C GLU D 198 8.30 0.57 -30.89
N ARG D 199 8.11 1.83 -30.52
CA ARG D 199 7.04 2.20 -29.61
C ARG D 199 5.65 1.89 -30.14
N PHE D 200 5.48 1.65 -31.43
CA PHE D 200 4.14 1.39 -31.97
C PHE D 200 3.80 -0.09 -32.00
N GLY D 201 4.79 -0.95 -31.78
CA GLY D 201 4.50 -2.36 -31.63
C GLY D 201 3.99 -3.10 -32.86
N VAL D 202 4.31 -2.60 -34.05
CA VAL D 202 3.82 -3.23 -35.26
C VAL D 202 4.64 -4.46 -35.60
N ASP D 203 3.96 -5.51 -36.09
CA ASP D 203 4.65 -6.71 -36.54
C ASP D 203 4.76 -6.77 -38.06
N VAL D 204 3.69 -6.37 -38.74
CA VAL D 204 3.68 -6.36 -40.23
C VAL D 204 3.01 -5.08 -40.68
N LEU D 205 3.62 -4.39 -41.64
CA LEU D 205 2.99 -3.24 -42.28
C LEU D 205 2.30 -3.61 -43.58
N LYS D 206 1.06 -3.17 -43.72
CA LYS D 206 0.27 -3.35 -44.93
C LYS D 206 0.23 -2.00 -45.60
N VAL D 207 0.84 -1.89 -46.77
CA VAL D 207 1.10 -0.58 -47.34
C VAL D 207 0.85 -0.54 -48.83
N GLU D 208 0.69 0.66 -49.32
CA GLU D 208 0.57 0.95 -50.75
C GLU D 208 1.93 0.83 -51.43
N VAL D 209 1.95 0.51 -52.71
CA VAL D 209 3.16 0.74 -53.47
C VAL D 209 3.43 2.25 -53.45
N PRO D 210 4.71 2.66 -53.50
CA PRO D 210 5.07 4.04 -53.25
C PRO D 210 5.02 4.91 -54.50
N VAL D 211 4.29 4.44 -55.50
CA VAL D 211 4.16 5.18 -56.75
C VAL D 211 2.80 4.85 -57.38
N ASN D 212 2.22 5.80 -58.10
CA ASN D 212 1.02 5.52 -58.86
C ASN D 212 1.52 5.05 -60.21
N MET D 213 1.44 3.75 -60.46
CA MET D 213 1.99 3.18 -61.67
C MET D 213 1.32 3.72 -62.93
N LYS D 214 0.16 4.35 -62.82
CA LYS D 214 -0.49 4.90 -64.01
C LYS D 214 0.14 6.19 -64.51
N PHE D 215 1.19 6.66 -63.84
CA PHE D 215 1.95 7.82 -64.30
C PHE D 215 3.41 7.48 -64.55
N VAL D 216 3.71 6.18 -64.59
CA VAL D 216 5.07 5.71 -64.82
C VAL D 216 5.26 5.33 -66.29
N GLU D 217 6.42 5.70 -66.84
CA GLU D 217 6.77 5.39 -68.23
C GLU D 217 6.65 3.89 -68.47
N GLY D 218 5.94 3.53 -69.55
CA GLY D 218 5.69 2.13 -69.85
C GLY D 218 4.40 1.58 -69.25
N PHE D 219 3.84 2.27 -68.25
CA PHE D 219 2.58 1.82 -67.60
C PHE D 219 1.48 2.85 -67.70
N ALA D 220 1.82 4.03 -68.21
CA ALA D 220 0.91 5.16 -68.34
C ALA D 220 0.22 5.17 -69.71
N ASP D 221 -1.09 5.42 -69.71
CA ASP D 221 -1.82 5.66 -70.96
C ASP D 221 -2.08 7.15 -71.16
N GLY D 222 -1.67 7.95 -70.18
CA GLY D 222 -1.86 9.40 -70.26
C GLY D 222 -0.55 10.12 -69.99
N GLU D 223 -0.65 11.18 -69.19
CA GLU D 223 0.53 11.95 -68.82
C GLU D 223 1.58 11.07 -68.12
N VAL D 224 2.85 11.27 -68.48
CA VAL D 224 3.94 10.55 -67.81
C VAL D 224 4.62 11.47 -66.80
N LEU D 225 4.62 11.08 -65.52
CA LEU D 225 5.31 11.86 -64.47
C LEU D 225 6.67 11.28 -64.10
N PHE D 226 6.85 9.97 -64.27
CA PHE D 226 8.04 9.31 -63.77
C PHE D 226 8.65 8.35 -64.77
N THR D 227 9.98 8.32 -64.81
CA THR D 227 10.69 7.31 -65.59
C THR D 227 10.64 6.00 -64.85
N LYS D 228 10.92 4.92 -65.56
CA LYS D 228 10.97 3.62 -64.93
C LYS D 228 12.02 3.64 -63.80
N GLU D 229 13.14 4.33 -64.00
CA GLU D 229 14.20 4.36 -63.00
C GLU D 229 13.76 5.10 -61.74
N GLU D 230 13.06 6.21 -61.92
CA GLU D 230 12.55 6.96 -60.78
C GLU D 230 11.56 6.13 -59.98
N ALA D 231 10.72 5.36 -60.67
CA ALA D 231 9.77 4.50 -59.98
C ALA D 231 10.49 3.37 -59.24
N ALA D 232 11.47 2.76 -59.90
CA ALA D 232 12.26 1.73 -59.27
C ALA D 232 12.91 2.26 -57.99
N GLN D 233 13.42 3.49 -58.06
CA GLN D 233 14.05 4.11 -56.89
C GLN D 233 13.07 4.32 -55.72
N ALA D 234 11.82 4.62 -56.03
CA ALA D 234 10.78 4.75 -54.98
C ALA D 234 10.55 3.43 -54.26
N PHE D 235 10.55 2.33 -55.00
CA PHE D 235 10.41 1.02 -54.35
C PHE D 235 11.62 0.75 -53.44
N ARG D 236 12.82 1.10 -53.90
CA ARG D 236 14.00 0.91 -53.08
C ARG D 236 14.00 1.83 -51.85
N ASP D 237 13.47 3.04 -51.99
CA ASP D 237 13.38 3.93 -50.84
C ASP D 237 12.40 3.36 -49.81
N GLN D 238 11.34 2.72 -50.31
CA GLN D 238 10.35 2.09 -49.47
C GLN D 238 10.98 0.96 -48.67
N GLU D 239 11.71 0.08 -49.37
CA GLU D 239 12.42 -1.02 -48.76
C GLU D 239 13.31 -0.52 -47.62
N ALA D 240 13.96 0.62 -47.87
CA ALA D 240 14.89 1.23 -46.92
C ALA D 240 14.18 1.92 -45.77
N SER D 241 12.87 2.11 -45.88
CA SER D 241 12.13 2.88 -44.86
C SER D 241 11.66 2.06 -43.67
N THR D 242 11.82 0.74 -43.71
CA THR D 242 11.41 -0.11 -42.58
C THR D 242 12.24 -1.36 -42.52
N ASP D 243 12.48 -1.86 -41.32
CA ASP D 243 13.11 -3.17 -41.15
C ASP D 243 12.03 -4.25 -40.94
N LEU D 244 10.79 -3.81 -40.79
CA LEU D 244 9.68 -4.75 -40.58
C LEU D 244 9.28 -5.49 -41.85
N PRO D 245 8.72 -6.71 -41.67
CA PRO D 245 8.00 -7.30 -42.81
C PRO D 245 6.94 -6.34 -43.30
N TYR D 246 6.76 -6.27 -44.62
CA TYR D 246 5.68 -5.48 -45.16
C TYR D 246 5.07 -6.15 -46.38
N ILE D 247 3.79 -5.84 -46.61
CA ILE D 247 3.01 -6.47 -47.67
C ILE D 247 2.20 -5.41 -48.40
N TYR D 248 1.95 -5.61 -49.69
CA TYR D 248 1.21 -4.63 -50.47
C TYR D 248 -0.29 -4.85 -50.46
N LEU D 249 -1.00 -3.76 -50.44
CA LEU D 249 -2.38 -3.75 -50.73
C LEU D 249 -2.55 -3.32 -52.17
N SER D 250 -3.68 -3.66 -52.76
CA SER D 250 -4.05 -3.21 -54.06
C SER D 250 -5.11 -2.18 -53.92
N ALA D 251 -4.87 -0.98 -54.40
CA ALA D 251 -5.80 0.10 -54.14
C ALA D 251 -6.67 0.35 -55.31
N GLY D 252 -6.14 1.08 -56.27
CA GLY D 252 -6.89 1.69 -57.33
C GLY D 252 -6.61 1.10 -58.68
N VAL D 253 -6.28 -0.18 -58.70
CA VAL D 253 -5.85 -0.81 -59.91
C VAL D 253 -6.44 -2.19 -60.11
N SER D 254 -6.29 -2.67 -61.34
CA SER D 254 -6.73 -3.96 -61.75
C SER D 254 -5.83 -5.06 -61.32
N ALA D 255 -6.34 -6.24 -61.38
CA ALA D 255 -5.58 -7.39 -61.00
C ALA D 255 -4.36 -7.49 -61.87
N LYS D 256 -4.49 -7.21 -63.16
CA LYS D 256 -3.35 -7.28 -64.03
C LYS D 256 -2.31 -6.28 -63.69
N LEU D 257 -2.74 -5.07 -63.49
CA LEU D 257 -1.84 -4.02 -63.17
C LEU D 257 -1.17 -4.30 -61.83
N PHE D 258 -1.92 -4.82 -60.88
CA PHE D 258 -1.31 -5.05 -59.58
C PHE D 258 -0.26 -6.13 -59.70
N GLN D 259 -0.57 -7.20 -60.44
CA GLN D 259 0.40 -8.27 -60.66
C GLN D 259 1.63 -7.81 -61.42
N ASP D 260 1.44 -7.03 -62.48
CA ASP D 260 2.57 -6.44 -63.19
C ASP D 260 3.43 -5.55 -62.27
N THR D 261 2.77 -4.90 -61.31
CA THR D 261 3.44 -4.01 -60.33
C THR D 261 4.26 -4.82 -59.35
N LEU D 262 3.74 -5.97 -58.94
CA LEU D 262 4.51 -6.89 -58.11
C LEU D 262 5.80 -7.28 -58.83
N VAL D 263 5.69 -7.53 -60.13
CA VAL D 263 6.85 -7.91 -60.92
C VAL D 263 7.84 -6.75 -60.96
N PHE D 264 7.33 -5.56 -61.27
CA PHE D 264 8.18 -4.38 -61.25
C PHE D 264 8.84 -4.18 -59.87
N ALA D 265 8.10 -4.41 -58.79
CA ALA D 265 8.62 -4.21 -57.45
C ALA D 265 9.81 -5.11 -57.23
N ALA D 266 9.67 -6.39 -57.51
CA ALA D 266 10.76 -7.34 -57.37
C ALA D 266 11.96 -6.95 -58.25
N GLU D 267 11.69 -6.63 -59.52
CA GLU D 267 12.77 -6.24 -60.42
C GLU D 267 13.54 -5.03 -59.87
N SER D 268 12.82 -4.13 -59.21
CA SER D 268 13.42 -2.90 -58.70
C SER D 268 14.24 -3.12 -57.42
N GLY D 269 13.97 -4.20 -56.69
CA GLY D 269 14.74 -4.52 -55.49
C GLY D 269 13.96 -4.40 -54.20
N ALA D 270 12.64 -4.31 -54.30
CA ALA D 270 11.77 -4.41 -53.14
C ALA D 270 11.84 -5.83 -52.60
N LYS D 271 12.00 -5.96 -51.29
CA LYS D 271 11.89 -7.27 -50.63
C LYS D 271 10.60 -7.34 -49.85
N PHE D 272 9.49 -7.23 -50.57
CA PHE D 272 8.16 -7.25 -49.95
C PHE D 272 7.81 -8.72 -49.64
N ASN D 273 6.94 -8.93 -48.64
CA ASN D 273 6.80 -10.24 -48.06
C ASN D 273 5.46 -10.87 -48.34
N GLY D 274 4.74 -10.24 -49.26
CA GLY D 274 3.50 -10.77 -49.73
C GLY D 274 2.48 -9.68 -49.93
N VAL D 275 1.21 -10.07 -49.88
CA VAL D 275 0.10 -9.19 -50.18
C VAL D 275 -1.11 -9.45 -49.28
N LEU D 276 -1.92 -8.42 -49.08
CA LEU D 276 -3.25 -8.60 -48.53
C LEU D 276 -4.18 -7.96 -49.52
N CYS D 277 -4.69 -8.75 -50.45
N CYS D 277 -4.64 -8.78 -50.48
CA CYS D 277 -5.59 -8.21 -51.44
CA CYS D 277 -5.48 -8.33 -51.60
C CYS D 277 -6.73 -9.17 -51.69
C CYS D 277 -6.74 -9.20 -51.68
N GLY D 278 -7.84 -8.62 -52.16
CA GLY D 278 -9.06 -9.39 -52.27
C GLY D 278 -9.97 -9.02 -53.44
N ARG D 279 -10.36 -7.76 -53.47
CA ARG D 279 -11.47 -7.33 -54.31
C ARG D 279 -11.39 -7.92 -55.72
N ALA D 280 -10.23 -7.81 -56.34
CA ALA D 280 -10.02 -8.32 -57.69
C ALA D 280 -10.36 -9.80 -57.83
N THR D 281 -9.99 -10.58 -56.81
CA THR D 281 -10.15 -12.02 -56.84
C THR D 281 -11.60 -12.47 -56.75
N TRP D 282 -12.42 -11.82 -55.91
CA TRP D 282 -13.79 -12.30 -55.67
C TRP D 282 -14.88 -11.36 -56.15
N ALA D 283 -14.51 -10.17 -56.62
CA ALA D 283 -15.50 -9.19 -57.10
C ALA D 283 -16.58 -9.76 -58.01
N GLY D 284 -16.17 -10.40 -59.11
CA GLY D 284 -17.10 -10.96 -60.06
C GLY D 284 -18.18 -11.88 -59.46
N SER D 285 -17.92 -12.47 -58.29
CA SER D 285 -18.91 -13.37 -57.70
C SER D 285 -20.07 -12.62 -57.10
N VAL D 286 -19.87 -11.34 -56.82
CA VAL D 286 -20.93 -10.56 -56.19
C VAL D 286 -22.15 -10.45 -57.11
N LYS D 287 -21.95 -10.04 -58.36
CA LYS D 287 -23.05 -10.00 -59.32
C LYS D 287 -23.71 -11.36 -59.45
N VAL D 288 -22.88 -12.40 -59.55
CA VAL D 288 -23.38 -13.76 -59.74
C VAL D 288 -24.20 -14.17 -58.53
N TYR D 289 -23.66 -13.95 -57.34
CA TYR D 289 -24.38 -14.32 -56.11
C TYR D 289 -25.75 -13.62 -56.00
N ILE D 290 -25.80 -12.32 -56.28
CA ILE D 290 -27.06 -11.58 -56.18
C ILE D 290 -28.04 -11.95 -57.32
N GLU D 291 -27.52 -12.18 -58.51
CA GLU D 291 -28.40 -12.37 -59.68
C GLU D 291 -28.74 -13.83 -59.98
N GLU D 292 -27.84 -14.74 -59.63
CA GLU D 292 -27.97 -16.15 -60.00
C GLU D 292 -28.07 -17.08 -58.79
N GLY D 293 -27.72 -16.56 -57.61
CA GLY D 293 -27.88 -17.33 -56.37
C GLY D 293 -26.59 -17.94 -55.87
N PRO D 294 -26.65 -18.56 -54.68
CA PRO D 294 -25.46 -19.05 -54.00
C PRO D 294 -24.76 -20.18 -54.76
N GLN D 295 -25.51 -21.10 -55.34
CA GLN D 295 -24.89 -22.24 -56.00
C GLN D 295 -24.09 -21.75 -57.20
N ALA D 296 -24.66 -20.81 -57.95
CA ALA D 296 -23.98 -20.20 -59.08
C ALA D 296 -22.71 -19.52 -58.61
N ALA D 297 -22.79 -18.80 -57.49
CA ALA D 297 -21.65 -18.07 -56.98
C ALA D 297 -20.51 -19.03 -56.61
N ARG D 298 -20.88 -20.11 -55.96
CA ARG D 298 -19.93 -21.16 -55.60
C ARG D 298 -19.25 -21.70 -56.84
N GLU D 299 -20.01 -21.89 -57.91
CA GLU D 299 -19.45 -22.42 -59.13
C GLU D 299 -18.49 -21.40 -59.78
N TRP D 300 -18.86 -20.13 -59.73
CA TRP D 300 -17.97 -19.06 -60.16
C TRP D 300 -16.68 -19.05 -59.37
N LEU D 301 -16.80 -19.15 -58.05
CA LEU D 301 -15.63 -19.10 -57.20
C LEU D 301 -14.71 -20.28 -57.48
N ARG D 302 -15.31 -21.44 -57.77
CA ARG D 302 -14.55 -22.66 -58.02
C ARG D 302 -13.75 -22.59 -59.30
N THR D 303 -14.21 -21.76 -60.23
CA THR D 303 -13.66 -21.71 -61.57
C THR D 303 -12.94 -20.39 -61.81
N GLU D 304 -13.66 -19.31 -62.09
CA GLU D 304 -13.02 -18.01 -62.26
C GLU D 304 -12.29 -17.55 -61.00
N GLY D 305 -12.89 -17.79 -59.84
CA GLY D 305 -12.23 -17.41 -58.59
C GLY D 305 -10.91 -18.11 -58.41
N PHE D 306 -10.88 -19.42 -58.57
CA PHE D 306 -9.63 -20.18 -58.49
C PHE D 306 -8.59 -19.66 -59.50
N LYS D 307 -9.01 -19.50 -60.75
CA LYS D 307 -8.11 -19.03 -61.79
C LYS D 307 -7.48 -17.70 -61.36
N ASN D 308 -8.32 -16.79 -60.85
CA ASN D 308 -7.85 -15.51 -60.36
C ASN D 308 -6.78 -15.61 -59.27
N ILE D 309 -7.03 -16.42 -58.25
CA ILE D 309 -6.13 -16.45 -57.13
C ILE D 309 -4.89 -17.26 -57.48
N ASP D 310 -5.06 -18.31 -58.27
CA ASP D 310 -3.94 -19.11 -58.72
C ASP D 310 -2.95 -18.26 -59.54
N GLU D 311 -3.46 -17.35 -60.38
CA GLU D 311 -2.56 -16.47 -61.16
C GLU D 311 -1.75 -15.56 -60.24
N LEU D 312 -2.42 -15.00 -59.25
CA LEU D 312 -1.75 -14.16 -58.25
C LEU D 312 -0.68 -14.94 -57.50
N ASN D 313 -1.02 -16.15 -57.03
CA ASN D 313 -0.07 -16.95 -56.27
C ASN D 313 1.17 -17.29 -57.13
N LYS D 314 0.97 -17.49 -58.43
CA LYS D 314 2.12 -17.85 -59.29
C LYS D 314 3.02 -16.63 -59.46
N VAL D 315 2.44 -15.45 -59.52
CA VAL D 315 3.21 -14.22 -59.53
C VAL D 315 3.95 -14.00 -58.21
N LEU D 316 3.26 -14.27 -57.09
CA LEU D 316 3.89 -14.11 -55.78
C LEU D 316 5.11 -15.01 -55.65
N ASP D 317 5.00 -16.24 -56.13
CA ASP D 317 6.13 -17.17 -56.10
C ASP D 317 7.39 -16.61 -56.74
N LYS D 318 7.23 -15.71 -57.72
CA LYS D 318 8.35 -15.19 -58.48
C LYS D 318 8.80 -13.82 -58.01
N THR D 319 8.03 -13.21 -57.11
CA THR D 319 8.26 -11.82 -56.75
C THR D 319 8.48 -11.60 -55.24
N ALA D 320 7.74 -12.30 -54.38
CA ALA D 320 7.81 -12.05 -52.93
C ALA D 320 9.02 -12.69 -52.26
N SER D 321 9.42 -12.10 -51.15
CA SER D 321 10.48 -12.57 -50.31
C SER D 321 9.99 -12.97 -48.95
N PRO D 322 10.66 -14.07 -48.39
CA PRO D 322 10.14 -14.48 -47.07
C PRO D 322 10.43 -13.55 -45.92
N TRP D 323 9.47 -13.40 -45.03
CA TRP D 323 9.60 -12.49 -43.90
C TRP D 323 10.64 -12.93 -42.91
N THR D 324 10.92 -14.20 -42.94
CA THR D 324 11.89 -14.85 -42.07
C THR D 324 13.28 -14.28 -42.31
N GLU D 325 13.50 -13.75 -43.47
CA GLU D 325 14.73 -13.05 -43.76
C GLU D 325 14.82 -11.72 -43.08
N LYS D 326 13.75 -11.25 -42.48
CA LYS D 326 13.75 -9.93 -41.90
C LYS D 326 14.19 -10.01 -40.46
N MET D 327 15.00 -11.01 -40.18
CA MET D 327 15.56 -11.18 -38.86
C MET D 327 16.99 -11.69 -39.05
#